data_3S7A
# 
_entry.id   3S7A 
# 
_audit_conform.dict_name       mmcif_pdbx.dic 
_audit_conform.dict_version    5.379 
_audit_conform.dict_location   http://mmcif.pdb.org/dictionaries/ascii/mmcif_pdbx.dic 
# 
loop_
_database_2.database_id 
_database_2.database_code 
_database_2.pdbx_database_accession 
_database_2.pdbx_DOI 
PDB   3S7A         pdb_00003s7a 10.2210/pdb3s7a/pdb 
RCSB  RCSB065850   ?            ?                   
WWPDB D_1000065850 ?            ?                   
# 
_pdbx_database_status.status_code                     REL 
_pdbx_database_status.entry_id                        3S7A 
_pdbx_database_status.recvd_initial_deposition_date   2011-05-26 
_pdbx_database_status.deposit_site                    RCSB 
_pdbx_database_status.process_site                    RCSB 
_pdbx_database_status.status_code_sf                  REL 
_pdbx_database_status.status_code_mr                  ? 
_pdbx_database_status.SG_entry                        ? 
_pdbx_database_status.status_code_cs                  ? 
_pdbx_database_status.pdb_format_compatible           Y 
_pdbx_database_status.status_code_nmr_data            ? 
_pdbx_database_status.methods_development_category    ? 
# 
loop_
_audit_author.name 
_audit_author.pdbx_ordinal 
'Cody, V.'  1 
'Pace, J.'  2 
'Nowak, J.' 3 
# 
_citation.id                        primary 
_citation.title                     
;Structural analysis of human dihydrofolate reductase as a binary complex with the potent and selective inhibitor 2,4-diamino-6-{2'-O-(3-carboxypropyl)oxydibenz[b,f]-azepin-5-yl}methylpteridine reveals an unusual binding mode.
;
_citation.journal_abbrev            'Acta Crystallogr.,Sect.D' 
_citation.journal_volume            67 
_citation.page_first                875 
_citation.page_last                 880 
_citation.year                      2011 
_citation.journal_id_ASTM           ABCRE6 
_citation.country                   DK 
_citation.journal_id_ISSN           0907-4449 
_citation.journal_id_CSD            0766 
_citation.book_publisher            ? 
_citation.pdbx_database_id_PubMed   21931219 
_citation.pdbx_database_id_DOI      10.1107/S0907444911030071 
# 
loop_
_citation_author.citation_id 
_citation_author.name 
_citation_author.ordinal 
_citation_author.identifier_ORCID 
primary 'Cody, V.'  1 ? 
primary 'Pace, J.'  2 ? 
primary 'Nowak, J.' 3 ? 
# 
_cell.entry_id           3S7A 
_cell.length_a           54.588 
_cell.length_b           55.106 
_cell.length_c           64.827 
_cell.angle_alpha        90.00 
_cell.angle_beta         90.00 
_cell.angle_gamma        90.00 
_cell.Z_PDB              4 
_cell.pdbx_unique_axis   ? 
_cell.length_a_esd       ? 
_cell.length_b_esd       ? 
_cell.length_c_esd       ? 
_cell.angle_alpha_esd    ? 
_cell.angle_beta_esd     ? 
_cell.angle_gamma_esd    ? 
# 
_symmetry.entry_id                         3S7A 
_symmetry.space_group_name_H-M             'P 21 21 21' 
_symmetry.pdbx_full_space_group_name_H-M   ? 
_symmetry.cell_setting                     ? 
_symmetry.Int_Tables_number                19 
_symmetry.space_group_name_Hall            ? 
# 
loop_
_entity.id 
_entity.type 
_entity.src_method 
_entity.pdbx_description 
_entity.formula_weight 
_entity.pdbx_number_of_molecules 
_entity.pdbx_ec 
_entity.pdbx_mutation 
_entity.pdbx_fragment 
_entity.details 
1 polymer     man 'Dihydrofolate reductase'                                                               21349.525 1  1.5.1.3 ? ? 
? 
2 non-polymer syn 'SULFATE ION'                                                                           96.063    5  ?       ? ? 
? 
3 non-polymer syn '4-({5-[(2,4-diaminopteridin-6-yl)methyl]-5H-dibenzo[b,f]azepin-2-yl}oxy)butanoic acid' 469.495   1  ?       ? ? 
? 
4 water       nat water                                                                                   18.015    21 ?       ? ? 
? 
# 
_entity_poly.entity_id                      1 
_entity_poly.type                           'polypeptide(L)' 
_entity_poly.nstd_linkage                   no 
_entity_poly.nstd_monomer                   no 
_entity_poly.pdbx_seq_one_letter_code       
;VGSLNCIVAVSQNMGIGKNGDLPWPPLRNEFRYFQRMTTTSSVEGKQNLVIMGKKTWFSIPEKNRPLKGRINLVLSRELK
EPPQGAHFLSRSLDDALKLTEQPELANKVDMVWIVGGSSVYKEAMNHPGHLKLFVTRIMQDFESDTFFPEIDLEKYKLLP
EYPGVLSDVQEEKGIKYKFEVYEKND
;
_entity_poly.pdbx_seq_one_letter_code_can   
;VGSLNCIVAVSQNMGIGKNGDLPWPPLRNEFRYFQRMTTTSSVEGKQNLVIMGKKTWFSIPEKNRPLKGRINLVLSRELK
EPPQGAHFLSRSLDDALKLTEQPELANKVDMVWIVGGSSVYKEAMNHPGHLKLFVTRIMQDFESDTFFPEIDLEKYKLLP
EYPGVLSDVQEEKGIKYKFEVYEKND
;
_entity_poly.pdbx_strand_id                 A 
_entity_poly.pdbx_target_identifier         ? 
# 
loop_
_entity_poly_seq.entity_id 
_entity_poly_seq.num 
_entity_poly_seq.mon_id 
_entity_poly_seq.hetero 
1 1   VAL n 
1 2   GLY n 
1 3   SER n 
1 4   LEU n 
1 5   ASN n 
1 6   CYS n 
1 7   ILE n 
1 8   VAL n 
1 9   ALA n 
1 10  VAL n 
1 11  SER n 
1 12  GLN n 
1 13  ASN n 
1 14  MET n 
1 15  GLY n 
1 16  ILE n 
1 17  GLY n 
1 18  LYS n 
1 19  ASN n 
1 20  GLY n 
1 21  ASP n 
1 22  LEU n 
1 23  PRO n 
1 24  TRP n 
1 25  PRO n 
1 26  PRO n 
1 27  LEU n 
1 28  ARG n 
1 29  ASN n 
1 30  GLU n 
1 31  PHE n 
1 32  ARG n 
1 33  TYR n 
1 34  PHE n 
1 35  GLN n 
1 36  ARG n 
1 37  MET n 
1 38  THR n 
1 39  THR n 
1 40  THR n 
1 41  SER n 
1 42  SER n 
1 43  VAL n 
1 44  GLU n 
1 45  GLY n 
1 46  LYS n 
1 47  GLN n 
1 48  ASN n 
1 49  LEU n 
1 50  VAL n 
1 51  ILE n 
1 52  MET n 
1 53  GLY n 
1 54  LYS n 
1 55  LYS n 
1 56  THR n 
1 57  TRP n 
1 58  PHE n 
1 59  SER n 
1 60  ILE n 
1 61  PRO n 
1 62  GLU n 
1 63  LYS n 
1 64  ASN n 
1 65  ARG n 
1 66  PRO n 
1 67  LEU n 
1 68  LYS n 
1 69  GLY n 
1 70  ARG n 
1 71  ILE n 
1 72  ASN n 
1 73  LEU n 
1 74  VAL n 
1 75  LEU n 
1 76  SER n 
1 77  ARG n 
1 78  GLU n 
1 79  LEU n 
1 80  LYS n 
1 81  GLU n 
1 82  PRO n 
1 83  PRO n 
1 84  GLN n 
1 85  GLY n 
1 86  ALA n 
1 87  HIS n 
1 88  PHE n 
1 89  LEU n 
1 90  SER n 
1 91  ARG n 
1 92  SER n 
1 93  LEU n 
1 94  ASP n 
1 95  ASP n 
1 96  ALA n 
1 97  LEU n 
1 98  LYS n 
1 99  LEU n 
1 100 THR n 
1 101 GLU n 
1 102 GLN n 
1 103 PRO n 
1 104 GLU n 
1 105 LEU n 
1 106 ALA n 
1 107 ASN n 
1 108 LYS n 
1 109 VAL n 
1 110 ASP n 
1 111 MET n 
1 112 VAL n 
1 113 TRP n 
1 114 ILE n 
1 115 VAL n 
1 116 GLY n 
1 117 GLY n 
1 118 SER n 
1 119 SER n 
1 120 VAL n 
1 121 TYR n 
1 122 LYS n 
1 123 GLU n 
1 124 ALA n 
1 125 MET n 
1 126 ASN n 
1 127 HIS n 
1 128 PRO n 
1 129 GLY n 
1 130 HIS n 
1 131 LEU n 
1 132 LYS n 
1 133 LEU n 
1 134 PHE n 
1 135 VAL n 
1 136 THR n 
1 137 ARG n 
1 138 ILE n 
1 139 MET n 
1 140 GLN n 
1 141 ASP n 
1 142 PHE n 
1 143 GLU n 
1 144 SER n 
1 145 ASP n 
1 146 THR n 
1 147 PHE n 
1 148 PHE n 
1 149 PRO n 
1 150 GLU n 
1 151 ILE n 
1 152 ASP n 
1 153 LEU n 
1 154 GLU n 
1 155 LYS n 
1 156 TYR n 
1 157 LYS n 
1 158 LEU n 
1 159 LEU n 
1 160 PRO n 
1 161 GLU n 
1 162 TYR n 
1 163 PRO n 
1 164 GLY n 
1 165 VAL n 
1 166 LEU n 
1 167 SER n 
1 168 ASP n 
1 169 VAL n 
1 170 GLN n 
1 171 GLU n 
1 172 GLU n 
1 173 LYS n 
1 174 GLY n 
1 175 ILE n 
1 176 LYS n 
1 177 TYR n 
1 178 LYS n 
1 179 PHE n 
1 180 GLU n 
1 181 VAL n 
1 182 TYR n 
1 183 GLU n 
1 184 LYS n 
1 185 ASN n 
1 186 ASP n 
# 
_entity_src_gen.entity_id                          1 
_entity_src_gen.pdbx_src_id                        1 
_entity_src_gen.pdbx_alt_source_flag               sample 
_entity_src_gen.pdbx_seq_type                      ? 
_entity_src_gen.pdbx_beg_seq_num                   ? 
_entity_src_gen.pdbx_end_seq_num                   ? 
_entity_src_gen.gene_src_common_name               human 
_entity_src_gen.gene_src_genus                     ? 
_entity_src_gen.pdbx_gene_src_gene                 DHFR 
_entity_src_gen.gene_src_species                   ? 
_entity_src_gen.gene_src_strain                    ? 
_entity_src_gen.gene_src_tissue                    ? 
_entity_src_gen.gene_src_tissue_fraction           ? 
_entity_src_gen.gene_src_details                   ? 
_entity_src_gen.pdbx_gene_src_fragment             ? 
_entity_src_gen.pdbx_gene_src_scientific_name      'Homo sapiens' 
_entity_src_gen.pdbx_gene_src_ncbi_taxonomy_id     9606 
_entity_src_gen.pdbx_gene_src_variant              ? 
_entity_src_gen.pdbx_gene_src_cell_line            ? 
_entity_src_gen.pdbx_gene_src_atcc                 ? 
_entity_src_gen.pdbx_gene_src_organ                ? 
_entity_src_gen.pdbx_gene_src_organelle            ? 
_entity_src_gen.pdbx_gene_src_cell                 ? 
_entity_src_gen.pdbx_gene_src_cellular_location    ? 
_entity_src_gen.host_org_common_name               ? 
_entity_src_gen.pdbx_host_org_scientific_name      'Escherichia coli' 
_entity_src_gen.pdbx_host_org_ncbi_taxonomy_id     562 
_entity_src_gen.host_org_genus                     ? 
_entity_src_gen.pdbx_host_org_gene                 ? 
_entity_src_gen.pdbx_host_org_organ                ? 
_entity_src_gen.host_org_species                   ? 
_entity_src_gen.pdbx_host_org_tissue               ? 
_entity_src_gen.pdbx_host_org_tissue_fraction      ? 
_entity_src_gen.pdbx_host_org_strain               ? 
_entity_src_gen.pdbx_host_org_variant              ? 
_entity_src_gen.pdbx_host_org_cell_line            ? 
_entity_src_gen.pdbx_host_org_atcc                 ? 
_entity_src_gen.pdbx_host_org_culture_collection   ? 
_entity_src_gen.pdbx_host_org_cell                 ? 
_entity_src_gen.pdbx_host_org_organelle            ? 
_entity_src_gen.pdbx_host_org_cellular_location    ? 
_entity_src_gen.pdbx_host_org_vector_type          plasmid 
_entity_src_gen.pdbx_host_org_vector               ? 
_entity_src_gen.host_org_details                   ? 
_entity_src_gen.expression_system_id               ? 
_entity_src_gen.plasmid_name                       peT-SUMO 
_entity_src_gen.plasmid_details                    ? 
_entity_src_gen.pdbx_description                   ? 
# 
_struct_ref.id                         1 
_struct_ref.db_name                    UNP 
_struct_ref.db_code                    DYR_HUMAN 
_struct_ref.pdbx_db_accession          P00374 
_struct_ref.entity_id                  1 
_struct_ref.pdbx_seq_one_letter_code   
;VGSLNCIVAVSQNMGIGKNGDLPWPPLRNEFRYFQRMTTTSSVEGKQNLVIMGKKTWFSIPEKNRPLKGRINLVLSRELK
EPPQGAHFLSRSLDDALKLTEQPELANKVDMVWIVGGSSVYKEAMNHPGHLKLFVTRIMQDFESDTFFPEIDLEKYKLLP
EYPGVLSDVQEEKGIKYKFEVYEKND
;
_struct_ref.pdbx_align_begin           2 
_struct_ref.pdbx_db_isoform            ? 
# 
_struct_ref_seq.align_id                      1 
_struct_ref_seq.ref_id                        1 
_struct_ref_seq.pdbx_PDB_id_code              3S7A 
_struct_ref_seq.pdbx_strand_id                A 
_struct_ref_seq.seq_align_beg                 1 
_struct_ref_seq.pdbx_seq_align_beg_ins_code   ? 
_struct_ref_seq.seq_align_end                 186 
_struct_ref_seq.pdbx_seq_align_end_ins_code   ? 
_struct_ref_seq.pdbx_db_accession             P00374 
_struct_ref_seq.db_align_beg                  2 
_struct_ref_seq.pdbx_db_align_beg_ins_code    ? 
_struct_ref_seq.db_align_end                  187 
_struct_ref_seq.pdbx_db_align_end_ins_code    ? 
_struct_ref_seq.pdbx_auth_seq_align_beg       1 
_struct_ref_seq.pdbx_auth_seq_align_end       186 
# 
loop_
_chem_comp.id 
_chem_comp.type 
_chem_comp.mon_nstd_flag 
_chem_comp.name 
_chem_comp.pdbx_synonyms 
_chem_comp.formula 
_chem_comp.formula_weight 
684 non-polymer         . '4-({5-[(2,4-diaminopteridin-6-yl)methyl]-5H-dibenzo[b,f]azepin-2-yl}oxy)butanoic acid' PT684 
'C25 H23 N7 O3'  469.495 
ALA 'L-peptide linking' y ALANINE                                                                                 ?     
'C3 H7 N O2'     89.093  
ARG 'L-peptide linking' y ARGININE                                                                                ?     
'C6 H15 N4 O2 1' 175.209 
ASN 'L-peptide linking' y ASPARAGINE                                                                              ?     
'C4 H8 N2 O3'    132.118 
ASP 'L-peptide linking' y 'ASPARTIC ACID'                                                                         ?     
'C4 H7 N O4'     133.103 
CYS 'L-peptide linking' y CYSTEINE                                                                                ?     
'C3 H7 N O2 S'   121.158 
GLN 'L-peptide linking' y GLUTAMINE                                                                               ?     
'C5 H10 N2 O3'   146.144 
GLU 'L-peptide linking' y 'GLUTAMIC ACID'                                                                         ?     
'C5 H9 N O4'     147.129 
GLY 'peptide linking'   y GLYCINE                                                                                 ?     
'C2 H5 N O2'     75.067  
HIS 'L-peptide linking' y HISTIDINE                                                                               ?     
'C6 H10 N3 O2 1' 156.162 
HOH non-polymer         . WATER                                                                                   ?     'H2 O' 
18.015  
ILE 'L-peptide linking' y ISOLEUCINE                                                                              ?     
'C6 H13 N O2'    131.173 
LEU 'L-peptide linking' y LEUCINE                                                                                 ?     
'C6 H13 N O2'    131.173 
LYS 'L-peptide linking' y LYSINE                                                                                  ?     
'C6 H15 N2 O2 1' 147.195 
MET 'L-peptide linking' y METHIONINE                                                                              ?     
'C5 H11 N O2 S'  149.211 
PHE 'L-peptide linking' y PHENYLALANINE                                                                           ?     
'C9 H11 N O2'    165.189 
PRO 'L-peptide linking' y PROLINE                                                                                 ?     
'C5 H9 N O2'     115.130 
SER 'L-peptide linking' y SERINE                                                                                  ?     
'C3 H7 N O3'     105.093 
SO4 non-polymer         . 'SULFATE ION'                                                                           ?     'O4 S -2' 
96.063  
THR 'L-peptide linking' y THREONINE                                                                               ?     
'C4 H9 N O3'     119.119 
TRP 'L-peptide linking' y TRYPTOPHAN                                                                              ?     
'C11 H12 N2 O2'  204.225 
TYR 'L-peptide linking' y TYROSINE                                                                                ?     
'C9 H11 N O3'    181.189 
VAL 'L-peptide linking' y VALINE                                                                                  ?     
'C5 H11 N O2'    117.146 
# 
_exptl.entry_id          3S7A 
_exptl.method            'X-RAY DIFFRACTION' 
_exptl.crystals_number   1 
# 
_exptl_crystal.id                    1 
_exptl_crystal.density_meas          ? 
_exptl_crystal.density_Matthews      2.28 
_exptl_crystal.density_percent_sol   46.14 
_exptl_crystal.description           ? 
_exptl_crystal.F_000                 ? 
_exptl_crystal.preparation           ? 
# 
_exptl_crystal_grow.crystal_id      1 
_exptl_crystal_grow.method          'VAPOR DIFFUSION, HANGING DROP' 
_exptl_crystal_grow.temp            287 
_exptl_crystal_grow.temp_details    ? 
_exptl_crystal_grow.pH              6.9 
_exptl_crystal_grow.pdbx_details    '30% ammonium sulfate, 100 mM K2PO4, pH 6.9, VAPOR DIFFUSION, HANGING DROP, temperature 287K' 
_exptl_crystal_grow.pdbx_pH_range   ? 
# 
_diffrn.id                     1 
_diffrn.ambient_temp           113 
_diffrn.ambient_temp_details   ? 
_diffrn.crystal_id             1 
# 
_diffrn_detector.diffrn_id              1 
_diffrn_detector.detector               CCD 
_diffrn_detector.type                   'MARMOSAIC 325 mm CCD' 
_diffrn_detector.pdbx_collection_date   2011-04-11 
_diffrn_detector.details                mirrors 
# 
_diffrn_radiation.diffrn_id                        1 
_diffrn_radiation.wavelength_id                    1 
_diffrn_radiation.pdbx_monochromatic_or_laue_m_l   M 
_diffrn_radiation.monochromator                    graphite 
_diffrn_radiation.pdbx_diffrn_protocol             'SINGLE WAVELENGTH' 
_diffrn_radiation.pdbx_scattering_type             x-ray 
# 
_diffrn_radiation_wavelength.id           1 
_diffrn_radiation_wavelength.wavelength   0.975 
_diffrn_radiation_wavelength.wt           1.0 
# 
_diffrn_source.diffrn_id                   1 
_diffrn_source.source                      SYNCHROTRON 
_diffrn_source.type                        'SSRL BEAMLINE BL9-2' 
_diffrn_source.pdbx_synchrotron_site       SSRL 
_diffrn_source.pdbx_synchrotron_beamline   BL9-2 
_diffrn_source.pdbx_wavelength             ? 
_diffrn_source.pdbx_wavelength_list        0.975 
# 
_reflns.entry_id                     3S7A 
_reflns.observed_criterion_sigma_I   2.0 
_reflns.observed_criterion_sigma_F   2.0 
_reflns.d_resolution_low             42.0 
_reflns.d_resolution_high            1.80 
_reflns.number_obs                   18704 
_reflns.number_all                   18704 
_reflns.percent_possible_obs         95.4 
_reflns.pdbx_Rmerge_I_obs            0.23 
_reflns.pdbx_Rsym_value              0.094 
_reflns.pdbx_netI_over_sigmaI        7.7 
_reflns.B_iso_Wilson_estimate        33.2 
_reflns.pdbx_redundancy              6.7 
_reflns.R_free_details               ? 
_reflns.limit_h_max                  ? 
_reflns.limit_h_min                  ? 
_reflns.limit_k_max                  ? 
_reflns.limit_k_min                  ? 
_reflns.limit_l_max                  ? 
_reflns.limit_l_min                  ? 
_reflns.observed_criterion_F_max     ? 
_reflns.observed_criterion_F_min     ? 
_reflns.pdbx_chi_squared             ? 
_reflns.pdbx_scaling_rejects         ? 
_reflns.pdbx_ordinal                 1 
_reflns.pdbx_diffrn_id               1 
# 
_reflns_shell.d_res_high             1.80 
_reflns_shell.d_res_low              1.90 
_reflns_shell.percent_possible_all   74.7 
_reflns_shell.Rmerge_I_obs           0.31 
_reflns_shell.pdbx_Rsym_value        0.157 
_reflns_shell.meanI_over_sigI_obs    2.6 
_reflns_shell.pdbx_redundancy        4.6 
_reflns_shell.percent_possible_obs   ? 
_reflns_shell.number_unique_all      1964 
_reflns_shell.number_measured_all    ? 
_reflns_shell.number_measured_obs    ? 
_reflns_shell.number_unique_obs      ? 
_reflns_shell.pdbx_chi_squared       ? 
_reflns_shell.pdbx_ordinal           1 
_reflns_shell.pdbx_diffrn_id         1 
# 
_refine.entry_id                                 3S7A 
_refine.ls_number_reflns_obs                     16884 
_refine.ls_number_reflns_all                     17829 
_refine.pdbx_ls_sigma_I                          2.0 
_refine.pdbx_ls_sigma_F                          ? 
_refine.pdbx_data_cutoff_high_absF               ? 
_refine.pdbx_data_cutoff_low_absF                ? 
_refine.pdbx_data_cutoff_high_rms_absF           ? 
_refine.ls_d_res_low                             42.00 
_refine.ls_d_res_high                            1.80 
_refine.ls_percent_reflns_obs                    95.11 
_refine.ls_R_factor_obs                          0.23916 
_refine.ls_R_factor_all                          ? 
_refine.ls_R_factor_R_work                       0.23686 
_refine.ls_R_factor_R_free                       0.28350 
_refine.ls_R_factor_R_free_error                 ? 
_refine.ls_R_factor_R_free_error_details         ? 
_refine.ls_percent_reflns_R_free                 5.1 
_refine.ls_number_reflns_R_free                  905 
_refine.ls_number_parameters                     ? 
_refine.ls_number_restraints                     ? 
_refine.occupancy_min                            ? 
_refine.occupancy_max                            ? 
_refine.correlation_coeff_Fo_to_Fc               0.925 
_refine.correlation_coeff_Fo_to_Fc_free          0.896 
_refine.B_iso_mean                               24.003 
_refine.aniso_B[1][1]                            -.01 
_refine.aniso_B[2][2]                            .01 
_refine.aniso_B[3][3]                            .00 
_refine.aniso_B[1][2]                            .00 
_refine.aniso_B[1][3]                            .00 
_refine.aniso_B[2][3]                            .00 
_refine.solvent_model_details                    MASK 
_refine.solvent_model_param_ksol                 ? 
_refine.solvent_model_param_bsol                 ? 
_refine.pdbx_solvent_vdw_probe_radii             1.40 
_refine.pdbx_solvent_ion_probe_radii             0.80 
_refine.pdbx_solvent_shrinkage_radii             0.80 
_refine.pdbx_ls_cross_valid_method               THROUGHOUT 
_refine.details                                  'HYDROGENS HAVE BEEN ADDED IN THE RIDING POSITIONS' 
_refine.pdbx_starting_model                      'PDB ENTRY 1U72' 
_refine.pdbx_method_to_determine_struct          'MOLECULAR REPLACEMENT' 
_refine.pdbx_isotropic_thermal_model             isotropic 
_refine.pdbx_stereochemistry_target_values       'MAXIMUM LIKELIHOOD' 
_refine.pdbx_stereochem_target_val_spec_case     ? 
_refine.pdbx_R_Free_selection_details            RANDOM 
_refine.pdbx_overall_ESU_R_Free                  0.164 
_refine.overall_SU_ML                            0.110 
_refine.pdbx_overall_phase_error                 ? 
_refine.overall_SU_B                             3.449 
_refine.overall_SU_R_Cruickshank_DPI             ? 
_refine.ls_redundancy_reflns_obs                 ? 
_refine.B_iso_min                                ? 
_refine.B_iso_max                                ? 
_refine.overall_SU_R_free                        ? 
_refine.ls_wR_factor_R_free                      ? 
_refine.ls_wR_factor_R_work                      ? 
_refine.overall_FOM_free_R_set                   ? 
_refine.overall_FOM_work_R_set                   ? 
_refine.pdbx_diffrn_id                           1 
_refine.pdbx_refine_id                           'X-RAY DIFFRACTION' 
_refine.pdbx_overall_ESU_R                       0.174 
_refine.pdbx_TLS_residual_ADP_flag               ? 
_refine.pdbx_overall_SU_R_free_Cruickshank_DPI   ? 
_refine.pdbx_overall_SU_R_Blow_DPI               ? 
_refine.pdbx_overall_SU_R_free_Blow_DPI          ? 
# 
_refine_analyze.entry_id                        3S7A 
_refine_analyze.Luzzati_coordinate_error_obs    0.246 
_refine_analyze.Luzzati_sigma_a_obs             ? 
_refine_analyze.Luzzati_d_res_low_obs           ? 
_refine_analyze.Luzzati_coordinate_error_free   ? 
_refine_analyze.Luzzati_sigma_a_free            ? 
_refine_analyze.Luzzati_d_res_low_free          ? 
_refine_analyze.number_disordered_residues      ? 
_refine_analyze.occupancy_sum_hydrogen          ? 
_refine_analyze.occupancy_sum_non_hydrogen      ? 
_refine_analyze.pdbx_Luzzati_d_res_high_obs     ? 
_refine_analyze.pdbx_refine_id                  'X-RAY DIFFRACTION' 
# 
_refine_hist.pdbx_refine_id                   'X-RAY DIFFRACTION' 
_refine_hist.cycle_id                         LAST 
_refine_hist.pdbx_number_atoms_protein        1502 
_refine_hist.pdbx_number_atoms_nucleic_acid   0 
_refine_hist.pdbx_number_atoms_ligand         60 
_refine_hist.number_atoms_solvent             21 
_refine_hist.number_atoms_total               1583 
_refine_hist.d_res_high                       1.80 
_refine_hist.d_res_low                        42.00 
# 
loop_
_refine_ls_restr.type 
_refine_ls_restr.dev_ideal 
_refine_ls_restr.dev_ideal_target 
_refine_ls_restr.weight 
_refine_ls_restr.number 
_refine_ls_restr.pdbx_restraint_function 
_refine_ls_restr.pdbx_refine_id 
r_bond_refined_d       .022   .022   ? 1642 ? 'X-RAY DIFFRACTION' 
r_angle_refined_deg    2.055  2.041  ? 2226 ? 'X-RAY DIFFRACTION' 
r_dihedral_angle_1_deg 7.427  5.000  ? 187  ? 'X-RAY DIFFRACTION' 
r_dihedral_angle_2_deg 40.357 24.789 ? 71   ? 'X-RAY DIFFRACTION' 
r_dihedral_angle_3_deg 19.273 15.000 ? 287  ? 'X-RAY DIFFRACTION' 
r_dihedral_angle_4_deg 14.324 15.000 ? 8    ? 'X-RAY DIFFRACTION' 
r_chiral_restr         .162   .200   ? 223  ? 'X-RAY DIFFRACTION' 
r_gen_planes_refined   .010   .021   ? 1251 ? 'X-RAY DIFFRACTION' 
r_mcbond_it            1.289  1.500  ? 935  ? 'X-RAY DIFFRACTION' 
r_mcangle_it           2.240  2.000  ? 1520 ? 'X-RAY DIFFRACTION' 
r_scbond_it            3.601  3.000  ? 707  ? 'X-RAY DIFFRACTION' 
r_scangle_it           5.134  4.500  ? 706  ? 'X-RAY DIFFRACTION' 
# 
_refine_ls_shell.pdbx_total_number_of_bins_used   20 
_refine_ls_shell.d_res_high                       1.800 
_refine_ls_shell.d_res_low                        1.847 
_refine_ls_shell.number_reflns_R_work             896 
_refine_ls_shell.R_factor_R_work                  .324 
_refine_ls_shell.percent_reflns_obs               69.44 
_refine_ls_shell.R_factor_R_free                  .387 
_refine_ls_shell.R_factor_R_free_error            ? 
_refine_ls_shell.percent_reflns_R_free            ? 
_refine_ls_shell.number_reflns_R_free             47 
_refine_ls_shell.number_reflns_all                ? 
_refine_ls_shell.R_factor_all                     ? 
_refine_ls_shell.number_reflns_obs                ? 
_refine_ls_shell.redundancy_reflns_obs            ? 
_refine_ls_shell.pdbx_refine_id                   'X-RAY DIFFRACTION' 
# 
_struct.entry_id                  3S7A 
_struct.title                     'Human dihydrofolate reductase binary complex with PT684' 
_struct.pdbx_model_details        ? 
_struct.pdbx_CASP_flag            ? 
_struct.pdbx_model_type_details   ? 
# 
_struct_keywords.entry_id        3S7A 
_struct_keywords.pdbx_keywords   'OXIDOREDUCTASE/OXIDOREDUCTASE INHIBITOR' 
_struct_keywords.text            'single polypeptide chain, reductase, OXIDOREDUCTASE-OXIDOREDUCTASE INHIBITOR complex' 
# 
loop_
_struct_asym.id 
_struct_asym.pdbx_blank_PDB_chainid_flag 
_struct_asym.pdbx_modified 
_struct_asym.entity_id 
_struct_asym.details 
A N N 1 ? 
B N N 2 ? 
C N N 2 ? 
D N N 2 ? 
E N N 2 ? 
F N N 2 ? 
G N N 3 ? 
H N N 4 ? 
# 
_struct_biol.id        1 
_struct_biol.details   ? 
# 
loop_
_struct_conf.conf_type_id 
_struct_conf.id 
_struct_conf.pdbx_PDB_helix_id 
_struct_conf.beg_label_comp_id 
_struct_conf.beg_label_asym_id 
_struct_conf.beg_label_seq_id 
_struct_conf.pdbx_beg_PDB_ins_code 
_struct_conf.end_label_comp_id 
_struct_conf.end_label_asym_id 
_struct_conf.end_label_seq_id 
_struct_conf.pdbx_end_PDB_ins_code 
_struct_conf.beg_auth_comp_id 
_struct_conf.beg_auth_asym_id 
_struct_conf.beg_auth_seq_id 
_struct_conf.end_auth_comp_id 
_struct_conf.end_auth_asym_id 
_struct_conf.end_auth_seq_id 
_struct_conf.pdbx_PDB_helix_class 
_struct_conf.details 
_struct_conf.pdbx_PDB_helix_length 
HELX_P HELX_P1 1 LEU A 27  ? THR A 40  ? LEU A 27  THR A 40  1 ? 14 
HELX_P HELX_P2 2 LYS A 54  ? ILE A 60  ? LYS A 54  ILE A 60  1 ? 7  
HELX_P HELX_P3 3 PRO A 61  ? ARG A 65  ? PRO A 61  ARG A 65  5 ? 5  
HELX_P HELX_P4 4 SER A 92  ? THR A 100 ? SER A 92  THR A 100 1 ? 9  
HELX_P HELX_P5 5 GLN A 102 ? ASN A 107 ? GLN A 102 ASN A 107 1 ? 6  
HELX_P HELX_P6 6 GLY A 117 ? HIS A 127 ? GLY A 117 HIS A 127 1 ? 11 
# 
_struct_conf_type.id          HELX_P 
_struct_conf_type.criteria    ? 
_struct_conf_type.reference   ? 
# 
loop_
_struct_mon_prot_cis.pdbx_id 
_struct_mon_prot_cis.label_comp_id 
_struct_mon_prot_cis.label_seq_id 
_struct_mon_prot_cis.label_asym_id 
_struct_mon_prot_cis.label_alt_id 
_struct_mon_prot_cis.pdbx_PDB_ins_code 
_struct_mon_prot_cis.auth_comp_id 
_struct_mon_prot_cis.auth_seq_id 
_struct_mon_prot_cis.auth_asym_id 
_struct_mon_prot_cis.pdbx_label_comp_id_2 
_struct_mon_prot_cis.pdbx_label_seq_id_2 
_struct_mon_prot_cis.pdbx_label_asym_id_2 
_struct_mon_prot_cis.pdbx_PDB_ins_code_2 
_struct_mon_prot_cis.pdbx_auth_comp_id_2 
_struct_mon_prot_cis.pdbx_auth_seq_id_2 
_struct_mon_prot_cis.pdbx_auth_asym_id_2 
_struct_mon_prot_cis.pdbx_PDB_model_num 
_struct_mon_prot_cis.pdbx_omega_angle 
1 ARG 65  A . ? ARG 65  A PRO 66  A ? PRO 66  A 1 -6.52 
2 GLY 116 A . ? GLY 116 A GLY 117 A ? GLY 117 A 1 9.83  
# 
loop_
_struct_sheet.id 
_struct_sheet.type 
_struct_sheet.number_strands 
_struct_sheet.details 
A ? 8 ? 
B ? 8 ? 
C ? 2 ? 
# 
loop_
_struct_sheet_order.sheet_id 
_struct_sheet_order.range_id_1 
_struct_sheet_order.range_id_2 
_struct_sheet_order.offset 
_struct_sheet_order.sense 
A 1 2 ? parallel      
A 2 3 ? parallel      
A 3 4 ? parallel      
A 4 5 ? parallel      
A 5 6 ? parallel      
A 6 7 ? anti-parallel 
A 7 8 ? anti-parallel 
B 1 2 ? parallel      
B 2 3 ? parallel      
B 3 4 ? parallel      
B 4 5 ? parallel      
B 5 6 ? parallel      
B 6 7 ? anti-parallel 
B 7 8 ? anti-parallel 
C 1 2 ? anti-parallel 
# 
loop_
_struct_sheet_range.sheet_id 
_struct_sheet_range.id 
_struct_sheet_range.beg_label_comp_id 
_struct_sheet_range.beg_label_asym_id 
_struct_sheet_range.beg_label_seq_id 
_struct_sheet_range.pdbx_beg_PDB_ins_code 
_struct_sheet_range.end_label_comp_id 
_struct_sheet_range.end_label_asym_id 
_struct_sheet_range.end_label_seq_id 
_struct_sheet_range.pdbx_end_PDB_ins_code 
_struct_sheet_range.beg_auth_comp_id 
_struct_sheet_range.beg_auth_asym_id 
_struct_sheet_range.beg_auth_seq_id 
_struct_sheet_range.end_auth_comp_id 
_struct_sheet_range.end_auth_asym_id 
_struct_sheet_range.end_auth_seq_id 
A 1 PHE A 88  ? SER A 90  ? PHE A 88  SER A 90  
A 2 ILE A 71  ? LEU A 75  ? ILE A 71  LEU A 75  
A 3 GLN A 47  ? GLY A 53  ? GLN A 47  GLY A 53  
A 4 VAL A 109 ? GLY A 116 ? VAL A 109 GLY A 116 
A 5 LEU A 4   ? SER A 11  ? LEU A 4   SER A 11  
A 6 LEU A 131 ? ILE A 138 ? LEU A 131 ILE A 138 
A 7 ILE A 175 ? LYS A 184 ? ILE A 175 LYS A 184 
A 8 TYR A 156 ? LEU A 158 ? TYR A 156 LEU A 158 
B 1 PHE A 88  ? SER A 90  ? PHE A 88  SER A 90  
B 2 ILE A 71  ? LEU A 75  ? ILE A 71  LEU A 75  
B 3 GLN A 47  ? GLY A 53  ? GLN A 47  GLY A 53  
B 4 VAL A 109 ? GLY A 116 ? VAL A 109 GLY A 116 
B 5 LEU A 4   ? SER A 11  ? LEU A 4   SER A 11  
B 6 LEU A 131 ? ILE A 138 ? LEU A 131 ILE A 138 
B 7 ILE A 175 ? LYS A 184 ? ILE A 175 LYS A 184 
B 8 GLN A 170 ? GLU A 172 ? GLN A 170 GLU A 172 
C 1 GLY A 15  ? GLY A 17  ? GLY A 15  GLY A 17  
C 2 THR A 146 ? PHE A 147 ? THR A 146 PHE A 147 
# 
loop_
_pdbx_struct_sheet_hbond.sheet_id 
_pdbx_struct_sheet_hbond.range_id_1 
_pdbx_struct_sheet_hbond.range_id_2 
_pdbx_struct_sheet_hbond.range_1_label_atom_id 
_pdbx_struct_sheet_hbond.range_1_label_comp_id 
_pdbx_struct_sheet_hbond.range_1_label_asym_id 
_pdbx_struct_sheet_hbond.range_1_label_seq_id 
_pdbx_struct_sheet_hbond.range_1_PDB_ins_code 
_pdbx_struct_sheet_hbond.range_1_auth_atom_id 
_pdbx_struct_sheet_hbond.range_1_auth_comp_id 
_pdbx_struct_sheet_hbond.range_1_auth_asym_id 
_pdbx_struct_sheet_hbond.range_1_auth_seq_id 
_pdbx_struct_sheet_hbond.range_2_label_atom_id 
_pdbx_struct_sheet_hbond.range_2_label_comp_id 
_pdbx_struct_sheet_hbond.range_2_label_asym_id 
_pdbx_struct_sheet_hbond.range_2_label_seq_id 
_pdbx_struct_sheet_hbond.range_2_PDB_ins_code 
_pdbx_struct_sheet_hbond.range_2_auth_atom_id 
_pdbx_struct_sheet_hbond.range_2_auth_comp_id 
_pdbx_struct_sheet_hbond.range_2_auth_asym_id 
_pdbx_struct_sheet_hbond.range_2_auth_seq_id 
A 1 2 O PHE A 88  ? O PHE A 88  N VAL A 74  ? N VAL A 74  
A 2 3 O ILE A 71  ? O ILE A 71  N ASN A 48  ? N ASN A 48  
A 3 4 N LEU A 49  ? N LEU A 49  O TRP A 113 ? O TRP A 113 
A 4 5 O ILE A 114 ? O ILE A 114 N ASN A 5   ? N ASN A 5   
A 5 6 N VAL A 8   ? N VAL A 8   O THR A 136 ? O THR A 136 
A 6 7 N LEU A 133 ? N LEU A 133 O TYR A 182 ? O TYR A 182 
A 7 8 O GLU A 183 ? O GLU A 183 N LYS A 157 ? N LYS A 157 
B 1 2 O PHE A 88  ? O PHE A 88  N VAL A 74  ? N VAL A 74  
B 2 3 O ILE A 71  ? O ILE A 71  N ASN A 48  ? N ASN A 48  
B 3 4 N LEU A 49  ? N LEU A 49  O TRP A 113 ? O TRP A 113 
B 4 5 O ILE A 114 ? O ILE A 114 N ASN A 5   ? N ASN A 5   
B 5 6 N VAL A 8   ? N VAL A 8   O THR A 136 ? O THR A 136 
B 6 7 N LEU A 133 ? N LEU A 133 O TYR A 182 ? O TYR A 182 
B 7 8 O TYR A 177 ? O TYR A 177 N GLN A 170 ? N GLN A 170 
C 1 2 N ILE A 16  ? N ILE A 16  O THR A 146 ? O THR A 146 
# 
loop_
_struct_site.id 
_struct_site.pdbx_evidence_code 
_struct_site.pdbx_auth_asym_id 
_struct_site.pdbx_auth_comp_id 
_struct_site.pdbx_auth_seq_id 
_struct_site.pdbx_auth_ins_code 
_struct_site.pdbx_num_residues 
_struct_site.details 
AC1 Software A SO4 187 ? 7  'BINDING SITE FOR RESIDUE SO4 A 187' 
AC2 Software A SO4 188 ? 5  'BINDING SITE FOR RESIDUE SO4 A 188' 
AC3 Software A SO4 189 ? 2  'BINDING SITE FOR RESIDUE SO4 A 189' 
AC4 Software A SO4 190 ? 4  'BINDING SITE FOR RESIDUE SO4 A 190' 
AC5 Software A SO4 191 ? 3  'BINDING SITE FOR RESIDUE SO4 A 191' 
AC6 Software A 684 192 ? 16 'BINDING SITE FOR RESIDUE 684 A 192' 
# 
loop_
_struct_site_gen.id 
_struct_site_gen.site_id 
_struct_site_gen.pdbx_num_res 
_struct_site_gen.label_comp_id 
_struct_site_gen.label_asym_id 
_struct_site_gen.label_seq_id 
_struct_site_gen.pdbx_auth_ins_code 
_struct_site_gen.auth_comp_id 
_struct_site_gen.auth_asym_id 
_struct_site_gen.auth_seq_id 
_struct_site_gen.label_atom_id 
_struct_site_gen.label_alt_id 
_struct_site_gen.symmetry 
_struct_site_gen.details 
1  AC1 7  GLY A 53  ? GLY A 53  . ? 1_555 ? 
2  AC1 7  LYS A 54  ? LYS A 54  . ? 1_555 ? 
3  AC1 7  LYS A 55  ? LYS A 55  . ? 1_555 ? 
4  AC1 7  THR A 56  ? THR A 56  . ? 1_555 ? 
5  AC1 7  GLY A 117 ? GLY A 117 . ? 1_555 ? 
6  AC1 7  SER A 119 ? SER A 119 . ? 1_555 ? 
7  AC1 7  VAL A 120 ? VAL A 120 . ? 1_555 ? 
8  AC2 5  LYS A 54  ? LYS A 54  . ? 1_555 ? 
9  AC2 5  SER A 76  ? SER A 76  . ? 1_555 ? 
10 AC2 5  ARG A 77  ? ARG A 77  . ? 1_555 ? 
11 AC2 5  GLU A 78  ? GLU A 78  . ? 1_555 ? 
12 AC2 5  HOH H .   ? HOH A 209 . ? 1_555 ? 
13 AC3 2  GLN A 47  ? GLN A 47  . ? 1_555 ? 
14 AC3 2  GLY A 69  ? GLY A 69  . ? 1_555 ? 
15 AC4 4  VAL A 1   ? VAL A 1   . ? 2_555 ? 
16 AC4 4  PRO A 61  ? PRO A 61  . ? 1_555 ? 
17 AC4 4  GLU A 62  ? GLU A 62  . ? 1_555 ? 
18 AC4 4  LYS A 63  ? LYS A 63  . ? 1_555 ? 
19 AC5 3  GLU A 171 ? GLU A 171 . ? 1_555 ? 
20 AC5 3  GLU A 172 ? GLU A 172 . ? 1_555 ? 
21 AC5 3  LYS A 173 ? LYS A 173 . ? 1_555 ? 
22 AC6 16 ILE A 7   ? ILE A 7   . ? 1_555 ? 
23 AC6 16 VAL A 8   ? VAL A 8   . ? 1_555 ? 
24 AC6 16 ALA A 9   ? ALA A 9   . ? 1_555 ? 
25 AC6 16 ASP A 21  ? ASP A 21  . ? 1_555 ? 
26 AC6 16 GLU A 30  ? GLU A 30  . ? 1_555 ? 
27 AC6 16 PHE A 31  ? PHE A 31  . ? 1_555 ? 
28 AC6 16 PHE A 34  ? PHE A 34  . ? 1_555 ? 
29 AC6 16 GLN A 35  ? GLN A 35  . ? 1_555 ? 
30 AC6 16 SER A 59  ? SER A 59  . ? 1_555 ? 
31 AC6 16 ILE A 60  ? ILE A 60  . ? 1_555 ? 
32 AC6 16 PRO A 61  ? PRO A 61  . ? 1_555 ? 
33 AC6 16 ASN A 64  ? ASN A 64  . ? 1_555 ? 
34 AC6 16 VAL A 115 ? VAL A 115 . ? 1_555 ? 
35 AC6 16 TYR A 121 ? TYR A 121 . ? 1_555 ? 
36 AC6 16 THR A 136 ? THR A 136 . ? 1_555 ? 
37 AC6 16 HOH H .   ? HOH A 193 . ? 1_555 ? 
# 
_atom_sites.entry_id                    3S7A 
_atom_sites.fract_transf_matrix[1][1]   -0.00330286 
_atom_sites.fract_transf_matrix[1][2]   -0.00336303 
_atom_sites.fract_transf_matrix[1][3]   0.01770217 
_atom_sites.fract_transf_matrix[2][1]   0.00222198 
_atom_sites.fract_transf_matrix[2][2]   0.01761344 
_atom_sites.fract_transf_matrix[2][3]   0.00376075 
_atom_sites.fract_transf_matrix[3][1]   -0.01505518 
_atom_sites.fract_transf_matrix[3][2]   0.00240160 
_atom_sites.fract_transf_matrix[3][3]   -0.00235273 
_atom_sites.fract_transf_vector[1]      0.320356 
_atom_sites.fract_transf_vector[2]      0.111081 
_atom_sites.fract_transf_vector[3]      0.077374 
# 
loop_
_atom_type.symbol 
C 
N 
O 
S 
# 
loop_
_atom_site.group_PDB 
_atom_site.id 
_atom_site.type_symbol 
_atom_site.label_atom_id 
_atom_site.label_alt_id 
_atom_site.label_comp_id 
_atom_site.label_asym_id 
_atom_site.label_entity_id 
_atom_site.label_seq_id 
_atom_site.pdbx_PDB_ins_code 
_atom_site.Cartn_x 
_atom_site.Cartn_y 
_atom_site.Cartn_z 
_atom_site.occupancy 
_atom_site.B_iso_or_equiv 
_atom_site.pdbx_formal_charge 
_atom_site.auth_seq_id 
_atom_site.auth_comp_id 
_atom_site.auth_asym_id 
_atom_site.auth_atom_id 
_atom_site.pdbx_PDB_model_num 
ATOM   1    N N   . VAL A 1 1   ? 10.078  -5.624  -14.143 1.00 31.28 ? 1   VAL A N   1 
ATOM   2    C CA  . VAL A 1 1   ? 9.427   -5.100  -12.875 1.00 28.41 ? 1   VAL A CA  1 
ATOM   3    C C   . VAL A 1 1   ? 10.113  -3.873  -12.222 1.00 27.64 ? 1   VAL A C   1 
ATOM   4    O O   . VAL A 1 1   ? 11.354  -3.872  -11.899 1.00 27.17 ? 1   VAL A O   1 
ATOM   5    C CB  . VAL A 1 1   ? 9.218   -6.221  -11.857 1.00 30.01 ? 1   VAL A CB  1 
ATOM   6    C CG1 . VAL A 1 1   ? 8.499   -5.685  -10.602 1.00 25.91 ? 1   VAL A CG1 1 
ATOM   7    C CG2 . VAL A 1 1   ? 8.387   -7.380  -12.550 1.00 28.29 ? 1   VAL A CG2 1 
ATOM   8    N N   . GLY A 1 2   ? 9.289   -2.826  -12.035 1.00 24.43 ? 2   GLY A N   1 
ATOM   9    C CA  . GLY A 1 2   ? 9.748   -1.571  -11.452 1.00 23.74 ? 2   GLY A CA  1 
ATOM   10   C C   . GLY A 1 2   ? 9.857   -1.429  -9.958  1.00 21.50 ? 2   GLY A C   1 
ATOM   11   O O   . GLY A 1 2   ? 10.087  -2.385  -9.218  1.00 20.87 ? 2   GLY A O   1 
ATOM   12   N N   . SER A 1 3   ? 9.699   -0.189  -9.507  1.00 21.64 ? 3   SER A N   1 
ATOM   13   C CA  . SER A 1 3   ? 10.010  0.200   -8.157  1.00 22.57 ? 3   SER A CA  1 
ATOM   14   C C   . SER A 1 3   ? 9.108   -0.441  -7.117  1.00 21.82 ? 3   SER A C   1 
ATOM   15   O O   . SER A 1 3   ? 7.920   -0.587  -7.377  1.00 21.86 ? 3   SER A O   1 
ATOM   16   C CB  . SER A 1 3   ? 9.828   1.709   -7.997  1.00 24.48 ? 3   SER A CB  1 
ATOM   17   O OG  . SER A 1 3   ? 10.912  2.386   -8.588  1.00 30.73 ? 3   SER A OG  1 
ATOM   18   N N   . LEU A 1 4   ? 9.662   -0.763  -5.948  1.00 20.59 ? 4   LEU A N   1 
ATOM   19   C CA  . LEU A 1 4   ? 8.823   -1.261  -4.851  1.00 19.52 ? 4   LEU A CA  1 
ATOM   20   C C   . LEU A 1 4   ? 8.389   -0.132  -3.913  1.00 19.68 ? 4   LEU A C   1 
ATOM   21   O O   . LEU A 1 4   ? 9.195   0.691   -3.441  1.00 17.77 ? 4   LEU A O   1 
ATOM   22   C CB  . LEU A 1 4   ? 9.527   -2.329  -4.088  1.00 20.00 ? 4   LEU A CB  1 
ATOM   23   C CG  . LEU A 1 4   ? 8.822   -3.040  -2.938  1.00 21.73 ? 4   LEU A CG  1 
ATOM   24   C CD1 . LEU A 1 4   ? 7.631   -3.843  -3.436  1.00 24.65 ? 4   LEU A CD1 1 
ATOM   25   C CD2 . LEU A 1 4   ? 9.774   -3.884  -2.065  1.00 20.83 ? 4   LEU A CD2 1 
ATOM   26   N N   . ASN A 1 5   ? 7.106   -0.124  -3.574  1.00 18.11 ? 5   ASN A N   1 
ATOM   27   C CA  . ASN A 1 5   ? 6.573   0.969   -2.758  1.00 17.01 ? 5   ASN A CA  1 
ATOM   28   C C   . ASN A 1 5   ? 5.578   0.435   -1.768  1.00 17.42 ? 5   ASN A C   1 
ATOM   29   O O   . ASN A 1 5   ? 4.982   -0.611  -1.996  1.00 17.82 ? 5   ASN A O   1 
ATOM   30   C CB  . ASN A 1 5   ? 5.765   1.979   -3.633  1.00 17.85 ? 5   ASN A CB  1 
ATOM   31   C CG  . ASN A 1 5   ? 6.522   2.464   -4.904  1.00 23.23 ? 5   ASN A CG  1 
ATOM   32   O OD1 . ASN A 1 5   ? 7.186   3.498   -4.888  1.00 24.31 ? 5   ASN A OD1 1 
ATOM   33   N ND2 . ASN A 1 5   ? 6.382   1.718   -6.012  1.00 24.22 ? 5   ASN A ND2 1 
ATOM   34   N N   A CYS A 1 6   ? 5.494   1.049   -0.571  0.50 15.21 ? 6   CYS A N   1 
ATOM   35   N N   B CYS A 1 6   ? 5.275   1.273   -0.807  0.50 16.62 ? 6   CYS A N   1 
ATOM   36   C CA  A CYS A 1 6   ? 4.316   0.885   0.320   0.50 13.45 ? 6   CYS A CA  1 
ATOM   37   C CA  B CYS A 1 6   ? 4.316   0.934   0.177   0.50 15.59 ? 6   CYS A CA  1 
ATOM   38   C C   A CYS A 1 6   ? 3.467   2.179   0.242   0.50 12.18 ? 6   CYS A C   1 
ATOM   39   C C   B CYS A 1 6   ? 3.494   2.191   0.422   0.50 13.36 ? 6   CYS A C   1 
ATOM   40   O O   A CYS A 1 6   ? 3.968   3.278   -0.075  0.50 10.70 ? 6   CYS A O   1 
ATOM   41   O O   B CYS A 1 6   ? 4.053   3.292   0.500   0.50 11.84 ? 6   CYS A O   1 
ATOM   42   C CB  A CYS A 1 6   ? 4.699   0.588   1.797   0.50 12.68 ? 6   CYS A CB  1 
ATOM   43   C CB  B CYS A 1 6   ? 5.114   0.544   1.380   0.50 15.83 ? 6   CYS A CB  1 
ATOM   44   S SG  A CYS A 1 6   ? 5.676   -0.945  2.264   0.50 13.94 ? 6   CYS A SG  1 
ATOM   45   S SG  B CYS A 1 6   ? 4.100   0.238   2.649   0.50 21.83 ? 6   CYS A SG  1 
ATOM   46   N N   . ILE A 1 7   ? 2.161   2.036   0.492   1.00 12.81 ? 7   ILE A N   1 
ATOM   47   C CA  . ILE A 1 7   ? 1.312   3.151   0.663   1.00 10.38 ? 7   ILE A CA  1 
ATOM   48   C C   . ILE A 1 7   ? 0.416   2.841   1.876   1.00 10.27 ? 7   ILE A C   1 
ATOM   49   O O   . ILE A 1 7   ? -0.140  1.730   1.964   1.00 12.32 ? 7   ILE A O   1 
ATOM   50   C CB  . ILE A 1 7   ? 0.509   3.497   -0.641  1.00 11.41 ? 7   ILE A CB  1 
ATOM   51   C CG1 . ILE A 1 7   ? -0.319  4.773   -0.429  1.00 10.83 ? 7   ILE A CG1 1 
ATOM   52   C CG2 . ILE A 1 7   ? -0.318  2.255   -1.133  1.00 8.35  ? 7   ILE A CG2 1 
ATOM   53   C CD1 . ILE A 1 7   ? -0.816  5.302   -1.747  1.00 11.50 ? 7   ILE A CD1 1 
ATOM   54   N N   . VAL A 1 8   ? 0.267   3.829   2.767   1.00 10.64 ? 8   VAL A N   1 
ATOM   55   C CA  . VAL A 1 8   ? -0.518  3.662   3.974   1.00 10.83 ? 8   VAL A CA  1 
ATOM   56   C C   . VAL A 1 8   ? -1.122  5.014   4.410   1.00 11.40 ? 8   VAL A C   1 
ATOM   57   O O   . VAL A 1 8   ? -0.582  6.098   4.123   1.00 11.39 ? 8   VAL A O   1 
ATOM   58   C CB  . VAL A 1 8   ? 0.378   3.087   5.109   1.00 7.62  ? 8   VAL A CB  1 
ATOM   59   C CG1 . VAL A 1 8   ? 1.414   4.189   5.548   1.00 12.33 ? 8   VAL A CG1 1 
ATOM   60   C CG2 . VAL A 1 8   ? -0.489  2.535   6.266   1.00 12.64 ? 8   VAL A CG2 1 
ATOM   61   N N   . ALA A 1 9   ? -2.277  4.945   5.038   1.00 9.91  ? 9   ALA A N   1 
ATOM   62   C CA  . ALA A 1 9   ? -2.797  6.077   5.765   1.00 10.29 ? 9   ALA A CA  1 
ATOM   63   C C   . ALA A 1 9   ? -2.782  5.625   7.236   1.00 10.55 ? 9   ALA A C   1 
ATOM   64   O O   . ALA A 1 9   ? -3.161  4.519   7.555   1.00 12.41 ? 9   ALA A O   1 
ATOM   65   C CB  . ALA A 1 9   ? -4.221  6.541   5.318   1.00 10.82 ? 9   ALA A CB  1 
ATOM   66   N N   . VAL A 1 10  ? -2.271  6.474   8.111   1.00 10.86 ? 10  VAL A N   1 
ATOM   67   C CA  . VAL A 1 10  ? -1.950  6.076   9.479   1.00 12.84 ? 10  VAL A CA  1 
ATOM   68   C C   . VAL A 1 10  ? -2.297  7.236   10.487  1.00 13.48 ? 10  VAL A C   1 
ATOM   69   O O   . VAL A 1 10  ? -2.077  8.442   10.217  1.00 16.63 ? 10  VAL A O   1 
ATOM   70   C CB  . VAL A 1 10  ? -0.466  5.533   9.558   1.00 13.64 ? 10  VAL A CB  1 
ATOM   71   C CG1 . VAL A 1 10  ? 0.505   6.647   9.206   1.00 17.43 ? 10  VAL A CG1 1 
ATOM   72   C CG2 . VAL A 1 10  ? -0.184  5.074   10.991  1.00 18.37 ? 10  VAL A CG2 1 
ATOM   73   N N   . SER A 1 11  ? -2.938  6.888   11.603  1.00 14.33 ? 11  SER A N   1 
ATOM   74   C CA  . SER A 1 11  ? -3.278  7.947   12.578  1.00 15.15 ? 11  SER A CA  1 
ATOM   75   C C   . SER A 1 11  ? -2.047  8.281   13.382  1.00 16.96 ? 11  SER A C   1 
ATOM   76   O O   . SER A 1 11  ? -1.059  7.583   13.312  1.00 16.42 ? 11  SER A O   1 
ATOM   77   C CB  . SER A 1 11  ? -4.412  7.503   13.510  1.00 14.92 ? 11  SER A CB  1 
ATOM   78   O OG  . SER A 1 11  ? -4.200  6.200   14.078  1.00 13.05 ? 11  SER A OG  1 
ATOM   79   N N   . GLN A 1 12  ? -2.127  9.366   14.140  1.00 18.53 ? 12  GLN A N   1 
ATOM   80   C CA  . GLN A 1 12  ? -1.042  9.870   14.958  1.00 21.43 ? 12  GLN A CA  1 
ATOM   81   C C   . GLN A 1 12  ? -0.581  8.792   15.948  1.00 20.60 ? 12  GLN A C   1 
ATOM   82   O O   . GLN A 1 12  ? 0.623   8.697   16.318  1.00 20.67 ? 12  GLN A O   1 
ATOM   83   C CB  . GLN A 1 12  ? -1.638  11.109  15.662  1.00 22.34 ? 12  GLN A CB  1 
ATOM   84   C CG  . GLN A 1 12  ? -0.811  11.930  16.493  1.00 22.37 ? 12  GLN A CG  1 
ATOM   85   C CD  . GLN A 1 12  ? -1.605  13.111  16.966  1.00 20.78 ? 12  GLN A CD  1 
ATOM   86   O OE1 . GLN A 1 12  ? -1.522  14.142  16.378  1.00 21.47 ? 12  GLN A OE1 1 
ATOM   87   N NE2 . GLN A 1 12  ? -2.393  12.946  18.019  1.00 23.34 ? 12  GLN A NE2 1 
ATOM   88   N N   . ASN A 1 13  ? -1.514  7.952   16.346  1.00 19.42 ? 13  ASN A N   1 
ATOM   89   C CA  . ASN A 1 13  ? -1.204  6.846   17.223  1.00 19.60 ? 13  ASN A CA  1 
ATOM   90   C C   . ASN A 1 13  ? -0.775  5.570   16.497  1.00 19.84 ? 13  ASN A C   1 
ATOM   91   O O   . ASN A 1 13  ? -0.873  4.474   17.065  1.00 22.25 ? 13  ASN A O   1 
ATOM   92   C CB  . ASN A 1 13  ? -2.341  6.584   18.257  1.00 20.30 ? 13  ASN A CB  1 
ATOM   93   C CG  . ASN A 1 13  ? -3.683  6.249   17.604  1.00 19.17 ? 13  ASN A CG  1 
ATOM   94   O OD1 . ASN A 1 13  ? -4.052  6.891   16.638  1.00 24.72 ? 13  ASN A OD1 1 
ATOM   95   N ND2 . ASN A 1 13  ? -4.441  5.285   18.164  1.00 22.96 ? 13  ASN A ND2 1 
ATOM   96   N N   . MET A 1 14  ? -0.342  5.735   15.243  1.00 19.22 ? 14  MET A N   1 
ATOM   97   C CA  . MET A 1 14  ? 0.241   4.681   14.402  1.00 18.44 ? 14  MET A CA  1 
ATOM   98   C C   . MET A 1 14  ? -0.837  3.686   13.963  1.00 17.61 ? 14  MET A C   1 
ATOM   99   O O   . MET A 1 14  ? -0.493  2.625   13.536  1.00 15.81 ? 14  MET A O   1 
ATOM   100  C CB  . MET A 1 14  ? 1.414   3.939   15.125  1.00 20.99 ? 14  MET A CB  1 
ATOM   101  C CG  . MET A 1 14  ? 2.433   4.873   15.833  1.00 24.92 ? 14  MET A CG  1 
ATOM   102  S SD  . MET A 1 14  ? 4.047   4.011   16.174  1.00 41.27 ? 14  MET A SD  1 
ATOM   103  C CE  . MET A 1 14  ? 4.269   2.925   14.799  1.00 30.69 ? 14  MET A CE  1 
ATOM   104  N N   . GLY A 1 15  ? -2.148  4.005   14.079  1.00 15.68 ? 15  GLY A N   1 
ATOM   105  C CA  . GLY A 1 15  ? -3.179  2.956   13.805  1.00 13.72 ? 15  GLY A CA  1 
ATOM   106  C C   . GLY A 1 15  ? -3.538  2.847   12.345  1.00 13.02 ? 15  GLY A C   1 
ATOM   107  O O   . GLY A 1 15  ? -3.520  3.876   11.633  1.00 14.39 ? 15  GLY A O   1 
ATOM   108  N N   . ILE A 1 16  ? -3.847  1.625   11.852  1.00 12.52 ? 16  ILE A N   1 
ATOM   109  C CA  . ILE A 1 16  ? -4.257  1.486   10.454  1.00 12.10 ? 16  ILE A CA  1 
ATOM   110  C C   . ILE A 1 16  ? -5.573  0.712   10.222  1.00 12.70 ? 16  ILE A C   1 
ATOM   111  O O   . ILE A 1 16  ? -6.097  0.729   9.128   1.00 13.79 ? 16  ILE A O   1 
ATOM   112  C CB  . ILE A 1 16  ? -3.121  0.885   9.537   1.00 12.90 ? 16  ILE A CB  1 
ATOM   113  C CG1 . ILE A 1 16  ? -2.786  -0.548  10.037  1.00 9.82  ? 16  ILE A CG1 1 
ATOM   114  C CG2 . ILE A 1 16  ? -1.915  1.778   9.567   1.00 9.20  ? 16  ILE A CG2 1 
ATOM   115  C CD1 . ILE A 1 16  ? -1.522  -1.192  9.359   1.00 14.59 ? 16  ILE A CD1 1 
ATOM   116  N N   . GLY A 1 17  ? -6.125  0.101   11.280  1.00 13.28 ? 17  GLY A N   1 
ATOM   117  C CA  . GLY A 1 17  ? -7.321  -0.701  11.125  1.00 14.23 ? 17  GLY A CA  1 
ATOM   118  C C   . GLY A 1 17  ? -7.993  -0.904  12.444  1.00 14.20 ? 17  GLY A C   1 
ATOM   119  O O   . GLY A 1 17  ? -7.347  -0.896  13.492  1.00 14.24 ? 17  GLY A O   1 
ATOM   120  N N   . LYS A 1 18  ? -9.299  -1.140  12.402  1.00 15.66 ? 18  LYS A N   1 
ATOM   121  C CA  . LYS A 1 18  ? -9.978  -1.589  13.639  1.00 18.63 ? 18  LYS A CA  1 
ATOM   122  C C   . LYS A 1 18  ? -11.110 -2.495  13.226  1.00 19.76 ? 18  LYS A C   1 
ATOM   123  O O   . LYS A 1 18  ? -11.912 -2.078  12.452  1.00 19.39 ? 18  LYS A O   1 
ATOM   124  C CB  . LYS A 1 18  ? -10.529 -0.389  14.390  1.00 19.81 ? 18  LYS A CB  1 
ATOM   125  C CG  . LYS A 1 18  ? -11.322 -0.737  15.665  1.00 21.41 ? 18  LYS A CG  1 
ATOM   126  C CD  . LYS A 1 18  ? -12.087 0.506   16.147  1.00 27.74 ? 18  LYS A CD  1 
ATOM   127  C CE  . LYS A 1 18  ? -13.418 0.691   15.429  1.00 34.83 ? 18  LYS A CE  1 
ATOM   128  N NZ  . LYS A 1 18  ? -13.984 2.064   15.775  1.00 37.57 ? 18  LYS A NZ  1 
ATOM   129  N N   . ASN A 1 19  ? -11.155 -3.730  13.729  1.00 21.75 ? 19  ASN A N   1 
ATOM   130  C CA  . ASN A 1 19  ? -12.211 -4.729  13.326  1.00 22.37 ? 19  ASN A CA  1 
ATOM   131  C C   . ASN A 1 19  ? -12.521 -4.847  11.832  1.00 22.49 ? 19  ASN A C   1 
ATOM   132  O O   . ASN A 1 19  ? -13.697 -4.943  11.393  1.00 22.56 ? 19  ASN A O   1 
ATOM   133  C CB  . ASN A 1 19  ? -13.502 -4.461  14.133  1.00 24.26 ? 19  ASN A CB  1 
ATOM   134  C CG  . ASN A 1 19  ? -13.279 -4.643  15.632  1.00 26.56 ? 19  ASN A CG  1 
ATOM   135  O OD1 . ASN A 1 19  ? -12.697 -5.645  16.070  1.00 31.60 ? 19  ASN A OD1 1 
ATOM   136  N ND2 . ASN A 1 19  ? -13.700 -3.669  16.410  1.00 28.43 ? 19  ASN A ND2 1 
ATOM   137  N N   . GLY A 1 20  ? -11.475 -4.830  11.011  1.00 20.83 ? 20  GLY A N   1 
ATOM   138  C CA  . GLY A 1 20  ? -11.710 -4.973  9.606   1.00 21.13 ? 20  GLY A CA  1 
ATOM   139  C C   . GLY A 1 20  ? -12.217 -3.727  8.880   1.00 21.48 ? 20  GLY A C   1 
ATOM   140  O O   . GLY A 1 20  ? -12.690 -3.781  7.697   1.00 20.75 ? 20  GLY A O   1 
ATOM   141  N N   . ASP A 1 21  ? -12.105 -2.612  9.580   1.00 19.20 ? 21  ASP A N   1 
ATOM   142  C CA  . ASP A 1 21  ? -12.446 -1.338  9.011   1.00 19.67 ? 21  ASP A CA  1 
ATOM   143  C C   . ASP A 1 21  ? -11.359 -0.291  9.175   1.00 18.20 ? 21  ASP A C   1 
ATOM   144  O O   . ASP A 1 21  ? -10.406 -0.494  9.907   1.00 18.65 ? 21  ASP A O   1 
ATOM   145  C CB  . ASP A 1 21  ? -13.762 -0.824  9.605   1.00 20.46 ? 21  ASP A CB  1 
ATOM   146  C CG  . ASP A 1 21  ? -14.833 -0.912  8.597   1.00 27.87 ? 21  ASP A CG  1 
ATOM   147  O OD1 . ASP A 1 21  ? -14.702 -0.196  7.553   1.00 35.68 ? 21  ASP A OD1 1 
ATOM   148  O OD2 . ASP A 1 21  ? -15.719 -1.748  8.768   1.00 31.13 ? 21  ASP A OD2 1 
ATOM   149  N N   . LEU A 1 22  ? -11.487 0.822   8.482   1.00 17.51 ? 22  LEU A N   1 
ATOM   150  C CA  . LEU A 1 22  ? -10.610 1.949   8.821   1.00 17.57 ? 22  LEU A CA  1 
ATOM   151  C C   . LEU A 1 22  ? -10.944 2.556   10.190  1.00 16.67 ? 22  LEU A C   1 
ATOM   152  O O   . LEU A 1 22  ? -12.148 2.553   10.600  1.00 16.70 ? 22  LEU A O   1 
ATOM   153  C CB  . LEU A 1 22  ? -10.627 3.032   7.745   1.00 18.91 ? 22  LEU A CB  1 
ATOM   154  C CG  . LEU A 1 22  ? -10.143 2.752   6.348   1.00 23.26 ? 22  LEU A CG  1 
ATOM   155  C CD1 . LEU A 1 22  ? -10.674 3.929   5.501   1.00 26.42 ? 22  LEU A CD1 1 
ATOM   156  C CD2 . LEU A 1 22  ? -8.644  2.647   6.334   1.00 27.78 ? 22  LEU A CD2 1 
ATOM   157  N N   . PRO A 1 23  ? -9.915  3.118   10.873  1.00 15.79 ? 23  PRO A N   1 
ATOM   158  C CA  . PRO A 1 23  ? -10.153 3.754   12.158  1.00 16.24 ? 23  PRO A CA  1 
ATOM   159  C C   . PRO A 1 23  ? -10.957 5.041   12.107  1.00 15.66 ? 23  PRO A C   1 
ATOM   160  O O   . PRO A 1 23  ? -11.587 5.375   13.128  1.00 15.46 ? 23  PRO A O   1 
ATOM   161  C CB  . PRO A 1 23  ? -8.774  3.994   12.751  1.00 14.14 ? 23  PRO A CB  1 
ATOM   162  C CG  . PRO A 1 23  ? -7.795  2.993   12.010  1.00 17.26 ? 23  PRO A CG  1 
ATOM   163  C CD  . PRO A 1 23  ? -8.462  2.893   10.583  1.00 15.55 ? 23  PRO A CD  1 
ATOM   164  N N   . TRP A 1 24  ? -10.947 5.727   10.965  1.00 14.51 ? 24  TRP A N   1 
ATOM   165  C CA  . TRP A 1 24  ? -11.488 7.052   10.817  1.00 14.28 ? 24  TRP A CA  1 
ATOM   166  C C   . TRP A 1 24  ? -12.621 6.942   9.817   1.00 14.22 ? 24  TRP A C   1 
ATOM   167  O O   . TRP A 1 24  ? -12.699 5.951   9.057   1.00 14.24 ? 24  TRP A O   1 
ATOM   168  C CB  . TRP A 1 24  ? -10.417 8.079   10.306  1.00 14.89 ? 24  TRP A CB  1 
ATOM   169  C CG  . TRP A 1 24  ? -9.467  7.439   9.223   1.00 15.97 ? 24  TRP A CG  1 
ATOM   170  C CD1 . TRP A 1 24  ? -9.678  7.358   7.875   1.00 14.26 ? 24  TRP A CD1 1 
ATOM   171  C CD2 . TRP A 1 24  ? -8.247  6.734   9.501   1.00 14.92 ? 24  TRP A CD2 1 
ATOM   172  N NE1 . TRP A 1 24  ? -8.595  6.678   7.261   1.00 13.00 ? 24  TRP A NE1 1 
ATOM   173  C CE2 . TRP A 1 24  ? -7.722  6.285   8.257   1.00 15.36 ? 24  TRP A CE2 1 
ATOM   174  C CE3 . TRP A 1 24  ? -7.488  6.548   10.677  1.00 12.15 ? 24  TRP A CE3 1 
ATOM   175  C CZ2 . TRP A 1 24  ? -6.526  5.566   8.168   1.00 16.47 ? 24  TRP A CZ2 1 
ATOM   176  C CZ3 . TRP A 1 24  ? -6.288  5.807   10.592  1.00 16.07 ? 24  TRP A CZ3 1 
ATOM   177  C CH2 . TRP A 1 24  ? -5.819  5.327   9.337   1.00 14.99 ? 24  TRP A CH2 1 
ATOM   178  N N   . PRO A 1 25  ? -13.509 7.965   9.822   1.00 15.30 ? 25  PRO A N   1 
ATOM   179  C CA  . PRO A 1 25  ? -14.486 8.092   8.759   1.00 16.26 ? 25  PRO A CA  1 
ATOM   180  C C   . PRO A 1 25  ? -13.847 8.220   7.380   1.00 16.76 ? 25  PRO A C   1 
ATOM   181  O O   . PRO A 1 25  ? -12.708 8.705   7.251   1.00 12.87 ? 25  PRO A O   1 
ATOM   182  C CB  . PRO A 1 25  ? -15.269 9.410   9.094   1.00 16.95 ? 25  PRO A CB  1 
ATOM   183  C CG  . PRO A 1 25  ? -14.517 10.107  10.065  1.00 18.29 ? 25  PRO A CG  1 
ATOM   184  C CD  . PRO A 1 25  ? -13.525 9.114   10.733  1.00 14.54 ? 25  PRO A CD  1 
ATOM   185  N N   . PRO A 1 26  ? -14.597 7.800   6.313   1.00 18.25 ? 26  PRO A N   1 
ATOM   186  C CA  . PRO A 1 26  ? -14.084 7.956   4.926   1.00 17.89 ? 26  PRO A CA  1 
ATOM   187  C C   . PRO A 1 26  ? -13.557 9.364   4.593   1.00 18.17 ? 26  PRO A C   1 
ATOM   188  O O   . PRO A 1 26  ? -14.179 10.385  4.901   1.00 17.86 ? 26  PRO A O   1 
ATOM   189  C CB  . PRO A 1 26  ? -15.270 7.564   4.046   1.00 19.84 ? 26  PRO A CB  1 
ATOM   190  C CG  . PRO A 1 26  ? -16.315 6.996   4.968   1.00 19.25 ? 26  PRO A CG  1 
ATOM   191  C CD  . PRO A 1 26  ? -15.943 7.199   6.388   1.00 18.47 ? 26  PRO A CD  1 
ATOM   192  N N   . LEU A 1 27  ? -12.329 9.431   4.057   1.00 15.60 ? 27  LEU A N   1 
ATOM   193  C CA  . LEU A 1 27  ? -11.792 10.697  3.608   1.00 16.08 ? 27  LEU A CA  1 
ATOM   194  C C   . LEU A 1 27  ? -11.679 10.514  2.128   1.00 16.73 ? 27  LEU A C   1 
ATOM   195  O O   . LEU A 1 27  ? -10.702 9.943   1.626   1.00 16.10 ? 27  LEU A O   1 
ATOM   196  C CB  . LEU A 1 27  ? -10.428 11.004  4.268   1.00 14.66 ? 27  LEU A CB  1 
ATOM   197  C CG  . LEU A 1 27  ? -10.348 10.782  5.780   1.00 14.24 ? 27  LEU A CG  1 
ATOM   198  C CD1 . LEU A 1 27  ? -8.862  10.653  6.221   1.00 22.21 ? 27  LEU A CD1 1 
ATOM   199  C CD2 . LEU A 1 27  ? -11.108 12.016  6.443   1.00 19.45 ? 27  LEU A CD2 1 
ATOM   200  N N   . ARG A 1 28  ? -12.682 10.999  1.400   1.00 17.03 ? 28  ARG A N   1 
ATOM   201  C CA  . ARG A 1 28  ? -12.807 10.718  -0.034  1.00 18.24 ? 28  ARG A CA  1 
ATOM   202  C C   . ARG A 1 28  ? -11.621 11.172  -0.868  1.00 17.59 ? 28  ARG A C   1 
ATOM   203  O O   . ARG A 1 28  ? -11.160 10.413  -1.757  1.00 17.12 ? 28  ARG A O   1 
ATOM   204  C CB  . ARG A 1 28  ? -14.120 11.320  -0.568  1.00 19.85 ? 28  ARG A CB  1 
ATOM   205  C CG  . ARG A 1 28  ? -15.333 10.645  0.089   1.00 26.67 ? 28  ARG A CG  1 
ATOM   206  C CD  . ARG A 1 28  ? -15.741 9.372   -0.690  1.00 36.56 ? 28  ARG A CD  1 
ATOM   207  N NE  . ARG A 1 28  ? -16.582 8.418   0.053   1.00 39.33 ? 28  ARG A NE  1 
ATOM   208  C CZ  . ARG A 1 28  ? -17.370 8.698   1.091   1.00 42.51 ? 28  ARG A CZ  1 
ATOM   209  N NH1 . ARG A 1 28  ? -18.065 7.700   1.637   1.00 42.77 ? 28  ARG A NH1 1 
ATOM   210  N NH2 . ARG A 1 28  ? -17.506 9.948   1.570   1.00 43.95 ? 28  ARG A NH2 1 
ATOM   211  N N   . ASN A 1 29  ? -11.110 12.388  -0.589  1.00 16.35 ? 29  ASN A N   1 
ATOM   212  C CA  . ASN A 1 29  ? -9.977  12.884  -1.370  1.00 16.92 ? 29  ASN A CA  1 
ATOM   213  C C   . ASN A 1 29  ? -8.721  12.018  -1.047  1.00 15.29 ? 29  ASN A C   1 
ATOM   214  O O   . ASN A 1 29  ? -7.849  11.853  -1.893  1.00 15.16 ? 29  ASN A O   1 
ATOM   215  C CB  . ASN A 1 29  ? -9.669  14.379  -1.126  1.00 16.75 ? 29  ASN A CB  1 
ATOM   216  C CG  . ASN A 1 29  ? -10.722 15.331  -1.777  1.00 22.39 ? 29  ASN A CG  1 
ATOM   217  O OD1 . ASN A 1 29  ? -11.451 14.957  -2.703  1.00 27.37 ? 29  ASN A OD1 1 
ATOM   218  N ND2 . ASN A 1 29  ? -10.809 16.537  -1.254  1.00 28.24 ? 29  ASN A ND2 1 
ATOM   219  N N   . GLU A 1 30  ? -8.642  11.487  0.158   1.00 13.26 ? 30  GLU A N   1 
ATOM   220  C CA  . GLU A 1 30  ? -7.474  10.640  0.559   1.00 14.05 ? 30  GLU A CA  1 
ATOM   221  C C   . GLU A 1 30  ? -7.605  9.329   -0.205  1.00 14.62 ? 30  GLU A C   1 
ATOM   222  O O   . GLU A 1 30  ? -6.588  8.820   -0.771  1.00 12.47 ? 30  GLU A O   1 
ATOM   223  C CB  . GLU A 1 30  ? -7.497  10.436  2.091   1.00 15.58 ? 30  GLU A CB  1 
ATOM   224  C CG  . GLU A 1 30  ? -6.074  10.198  2.747   1.00 13.35 ? 30  GLU A CG  1 
ATOM   225  C CD  . GLU A 1 30  ? -5.442  8.822   2.331   1.00 12.82 ? 30  GLU A CD  1 
ATOM   226  O OE1 . GLU A 1 30  ? -4.275  8.809   1.883   1.00 13.57 ? 30  GLU A OE1 1 
ATOM   227  O OE2 . GLU A 1 30  ? -6.170  7.785   2.297   1.00 13.21 ? 30  GLU A OE2 1 
ATOM   228  N N   . PHE A 1 31  ? -8.822  8.750   -0.244  1.00 13.29 ? 31  PHE A N   1 
ATOM   229  C CA  . PHE A 1 31  ? -9.040  7.565   -1.090  1.00 14.05 ? 31  PHE A CA  1 
ATOM   230  C C   . PHE A 1 31  ? -8.722  7.806   -2.579  1.00 14.15 ? 31  PHE A C   1 
ATOM   231  O O   . PHE A 1 31  ? -8.133  6.925   -3.274  1.00 14.09 ? 31  PHE A O   1 
ATOM   232  C CB  . PHE A 1 31  ? -10.508 7.100   -1.090  1.00 13.80 ? 31  PHE A CB  1 
ATOM   233  C CG  . PHE A 1 31  ? -11.023 6.659   0.219   1.00 12.99 ? 31  PHE A CG  1 
ATOM   234  C CD1 . PHE A 1 31  ? -10.178 6.402   1.335   1.00 18.12 ? 31  PHE A CD1 1 
ATOM   235  C CD2 . PHE A 1 31  ? -12.421 6.500   0.367   1.00 16.25 ? 31  PHE A CD2 1 
ATOM   236  C CE1 . PHE A 1 31  ? -10.712 5.993   2.531   1.00 19.57 ? 31  PHE A CE1 1 
ATOM   237  C CE2 . PHE A 1 31  ? -12.931 6.050   1.558   1.00 15.39 ? 31  PHE A CE2 1 
ATOM   238  C CZ  . PHE A 1 31  ? -12.095 5.827   2.638   1.00 16.85 ? 31  PHE A CZ  1 
ATOM   239  N N   . ARG A 1 32  ? -9.043  8.994   -3.078  1.00 16.15 ? 32  ARG A N   1 
ATOM   240  C CA  . ARG A 1 32  ? -8.706  9.334   -4.494  1.00 16.68 ? 32  ARG A CA  1 
ATOM   241  C C   . ARG A 1 32  ? -7.202  9.347   -4.741  1.00 16.86 ? 32  ARG A C   1 
ATOM   242  O O   . ARG A 1 32  ? -6.745  8.916   -5.823  1.00 16.14 ? 32  ARG A O   1 
ATOM   243  C CB  . ARG A 1 32  ? -9.362  10.646  -4.903  1.00 17.04 ? 32  ARG A CB  1 
ATOM   244  C CG  . ARG A 1 32  ? -10.879 10.439  -5.080  1.00 22.64 ? 32  ARG A CG  1 
ATOM   245  C CD  . ARG A 1 32  ? -11.599 11.527  -5.923  1.00 30.28 ? 32  ARG A CD  1 
ATOM   246  N NE  . ARG A 1 32  ? -12.100 12.584  -5.050  1.00 36.22 ? 32  ARG A NE  1 
ATOM   247  C CZ  . ARG A 1 32  ? -13.163 12.482  -4.246  1.00 38.84 ? 32  ARG A CZ  1 
ATOM   248  N NH1 . ARG A 1 32  ? -13.499 13.521  -3.478  1.00 40.72 ? 32  ARG A NH1 1 
ATOM   249  N NH2 . ARG A 1 32  ? -13.885 11.360  -4.189  1.00 39.84 ? 32  ARG A NH2 1 
ATOM   250  N N   . TYR A 1 33  ? -6.448  9.792   -3.721  1.00 15.99 ? 33  TYR A N   1 
ATOM   251  C CA  . TYR A 1 33  ? -5.004  9.863   -3.751  1.00 15.28 ? 33  TYR A CA  1 
ATOM   252  C C   . TYR A 1 33  ? -4.453  8.445   -3.807  1.00 14.80 ? 33  TYR A C   1 
ATOM   253  O O   . TYR A 1 33  ? -3.628  8.139   -4.683  1.00 14.74 ? 33  TYR A O   1 
ATOM   254  C CB  . TYR A 1 33  ? -4.467  10.625  -2.540  1.00 14.71 ? 33  TYR A CB  1 
ATOM   255  C CG  . TYR A 1 33  ? -2.953  10.593  -2.339  1.00 15.46 ? 33  TYR A CG  1 
ATOM   256  C CD1 . TYR A 1 33  ? -2.381  9.708   -1.399  1.00 15.16 ? 33  TYR A CD1 1 
ATOM   257  C CD2 . TYR A 1 33  ? -2.121  11.438  -3.066  1.00 19.01 ? 33  TYR A CD2 1 
ATOM   258  C CE1 . TYR A 1 33  ? -0.959  9.698   -1.166  1.00 16.86 ? 33  TYR A CE1 1 
ATOM   259  C CE2 . TYR A 1 33  ? -0.734  11.448  -2.881  1.00 16.51 ? 33  TYR A CE2 1 
ATOM   260  C CZ  . TYR A 1 33  ? -0.165  10.584  -1.930  1.00 17.50 ? 33  TYR A CZ  1 
ATOM   261  O OH  . TYR A 1 33  ? 1.195   10.578  -1.754  1.00 18.79 ? 33  TYR A OH  1 
ATOM   262  N N   . PHE A 1 34  ? -4.958  7.567   -2.942  1.00 13.38 ? 34  PHE A N   1 
ATOM   263  C CA  . PHE A 1 34  ? -4.543  6.128   -2.994  1.00 14.70 ? 34  PHE A CA  1 
ATOM   264  C C   . PHE A 1 34  ? -4.783  5.545   -4.388  1.00 14.71 ? 34  PHE A C   1 
ATOM   265  O O   . PHE A 1 34  ? -3.920  4.889   -4.971  1.00 13.22 ? 34  PHE A O   1 
ATOM   266  C CB  . PHE A 1 34  ? -5.361  5.320   -1.968  1.00 13.63 ? 34  PHE A CB  1 
ATOM   267  C CG  . PHE A 1 34  ? -5.231  3.820   -2.093  1.00 13.49 ? 34  PHE A CG  1 
ATOM   268  C CD1 . PHE A 1 34  ? -4.215  3.153   -1.464  1.00 15.36 ? 34  PHE A CD1 1 
ATOM   269  C CD2 . PHE A 1 34  ? -6.126  3.093   -2.846  1.00 12.43 ? 34  PHE A CD2 1 
ATOM   270  C CE1 . PHE A 1 34  ? -4.115  1.731   -1.576  1.00 16.06 ? 34  PHE A CE1 1 
ATOM   271  C CE2 . PHE A 1 34  ? -6.004  1.721   -2.977  1.00 14.99 ? 34  PHE A CE2 1 
ATOM   272  C CZ  . PHE A 1 34  ? -4.994  1.047   -2.319  1.00 13.58 ? 34  PHE A CZ  1 
ATOM   273  N N   . GLN A 1 35  ? -5.992  5.738   -4.904  1.00 14.60 ? 35  GLN A N   1 
ATOM   274  C CA  . GLN A 1 35  ? -6.338  5.226   -6.200  1.00 15.11 ? 35  GLN A CA  1 
ATOM   275  C C   . GLN A 1 35  ? -5.403  5.739   -7.296  1.00 15.60 ? 35  GLN A C   1 
ATOM   276  O O   . GLN A 1 35  ? -4.910  4.937   -8.123  1.00 15.80 ? 35  GLN A O   1 
ATOM   277  C CB  . GLN A 1 35  ? -7.795  5.609   -6.531  1.00 16.03 ? 35  GLN A CB  1 
ATOM   278  C CG  . GLN A 1 35  ? -8.235  5.117   -7.933  1.00 19.34 ? 35  GLN A CG  1 
ATOM   279  C CD  . GLN A 1 35  ? -9.479  5.814   -8.380  1.00 28.43 ? 35  GLN A CD  1 
ATOM   280  O OE1 . GLN A 1 35  ? -9.509  6.430   -9.459  1.00 39.47 ? 35  GLN A OE1 1 
ATOM   281  N NE2 . GLN A 1 35  ? -10.514 5.793   -7.538  1.00 34.15 ? 35  GLN A NE2 1 
ATOM   282  N N   . ARG A 1 36  ? -5.146  7.048   -7.318  1.00 16.46 ? 36  ARG A N   1 
ATOM   283  C CA  . ARG A 1 36  ? -4.312  7.636   -8.396  1.00 17.73 ? 36  ARG A CA  1 
ATOM   284  C C   . ARG A 1 36  ? -2.864  7.189   -8.215  1.00 17.40 ? 36  ARG A C   1 
ATOM   285  O O   . ARG A 1 36  ? -2.208  6.842   -9.194  1.00 15.94 ? 36  ARG A O   1 
ATOM   286  C CB  . ARG A 1 36  ? -4.419  9.167   -8.360  1.00 19.90 ? 36  ARG A CB  1 
ATOM   287  C CG  . ARG A 1 36  ? -3.359  9.978   -9.045  1.00 21.58 ? 36  ARG A CG  1 
ATOM   288  C CD  . ARG A 1 36  ? -3.661  11.468  -8.919  1.00 27.83 ? 36  ARG A CD  1 
ATOM   289  N NE  . ARG A 1 36  ? -3.341  12.066  -7.609  1.00 30.87 ? 36  ARG A NE  1 
ATOM   290  C CZ  . ARG A 1 36  ? -2.137  12.585  -7.279  1.00 31.30 ? 36  ARG A CZ  1 
ATOM   291  N NH1 . ARG A 1 36  ? -1.113  12.589  -8.137  1.00 30.41 ? 36  ARG A NH1 1 
ATOM   292  N NH2 . ARG A 1 36  ? -1.969  13.138  -6.093  1.00 30.69 ? 36  ARG A NH2 1 
ATOM   293  N N   . MET A 1 37  ? -2.352  7.183   -6.991  1.00 16.68 ? 37  MET A N   1 
ATOM   294  C CA  . MET A 1 37  ? -0.928  6.742   -6.806  1.00 17.04 ? 37  MET A CA  1 
ATOM   295  C C   . MET A 1 37  ? -0.744  5.269   -7.227  1.00 15.98 ? 37  MET A C   1 
ATOM   296  O O   . MET A 1 37  ? 0.232   4.959   -7.926  1.00 17.10 ? 37  MET A O   1 
ATOM   297  C CB  . MET A 1 37  ? -0.457  6.904   -5.364  1.00 16.16 ? 37  MET A CB  1 
ATOM   298  C CG  . MET A 1 37  ? -0.246  8.366   -4.967  1.00 22.03 ? 37  MET A CG  1 
ATOM   299  S SD  . MET A 1 37  ? 1.275   8.817   -5.868  1.00 35.41 ? 37  MET A SD  1 
ATOM   300  C CE  . MET A 1 37  ? 1.923   10.169  -5.011  1.00 29.67 ? 37  MET A CE  1 
ATOM   301  N N   . THR A 1 38  ? -1.605  4.345   -6.774  1.00 14.14 ? 38  THR A N   1 
ATOM   302  C CA  . THR A 1 38  ? -1.420  2.891   -7.085  1.00 14.94 ? 38  THR A CA  1 
ATOM   303  C C   . THR A 1 38  ? -1.720  2.491   -8.550  1.00 16.92 ? 38  THR A C   1 
ATOM   304  O O   . THR A 1 38  ? -1.224  1.487   -9.055  1.00 15.82 ? 38  THR A O   1 
ATOM   305  C CB  . THR A 1 38  ? -2.267  1.951   -6.131  1.00 14.91 ? 38  THR A CB  1 
ATOM   306  O OG1 . THR A 1 38  ? -3.642  2.334   -6.143  1.00 16.05 ? 38  THR A OG1 1 
ATOM   307  C CG2 . THR A 1 38  ? -1.727  2.000   -4.651  1.00 14.07 ? 38  THR A CG2 1 
ATOM   308  N N   . THR A 1 39  ? -2.599  3.247   -9.185  1.00 16.62 ? 39  THR A N   1 
ATOM   309  C CA  . THR A 1 39  ? -3.024  2.938   -10.549 1.00 17.41 ? 39  THR A CA  1 
ATOM   310  C C   . THR A 1 39  ? -2.013  3.501   -11.559 1.00 18.64 ? 39  THR A C   1 
ATOM   311  O O   . THR A 1 39  ? -1.787  2.888   -12.599 1.00 18.41 ? 39  THR A O   1 
ATOM   312  C CB  . THR A 1 39  ? -4.477  3.468   -10.819 1.00 17.53 ? 39  THR A CB  1 
ATOM   313  O OG1 . THR A 1 39  ? -5.352  2.912   -9.857  1.00 19.73 ? 39  THR A OG1 1 
ATOM   314  C CG2 . THR A 1 39  ? -5.061  3.049   -12.199 1.00 22.43 ? 39  THR A CG2 1 
ATOM   315  N N   . THR A 1 40  ? -1.383  4.630   -11.262 1.00 20.78 ? 40  THR A N   1 
ATOM   316  C CA  . THR A 1 40  ? -0.697  5.350   -12.331 1.00 24.24 ? 40  THR A CA  1 
ATOM   317  C C   . THR A 1 40  ? 0.629   4.663   -12.682 1.00 24.16 ? 40  THR A C   1 
ATOM   318  O O   . THR A 1 40  ? 1.541   4.629   -11.880 1.00 24.12 ? 40  THR A O   1 
ATOM   319  C CB  . THR A 1 40  ? -0.498  6.839   -11.996 1.00 23.45 ? 40  THR A CB  1 
ATOM   320  O OG1 . THR A 1 40  ? -1.801  7.425   -11.770 1.00 27.34 ? 40  THR A OG1 1 
ATOM   321  C CG2 . THR A 1 40  ? 0.191   7.573   -13.155 1.00 26.71 ? 40  THR A CG2 1 
ATOM   322  N N   . SER A 1 41  ? 0.688   4.095   -13.877 1.00 27.02 ? 41  SER A N   1 
ATOM   323  C CA  . SER A 1 41  ? 1.993   3.678   -14.481 1.00 29.43 ? 41  SER A CA  1 
ATOM   324  C C   . SER A 1 41  ? 2.216   4.389   -15.785 1.00 30.84 ? 41  SER A C   1 
ATOM   325  O O   . SER A 1 41  ? 1.306   4.402   -16.621 1.00 30.42 ? 41  SER A O   1 
ATOM   326  C CB  . SER A 1 41  ? 2.021   2.208   -14.876 1.00 30.16 ? 41  SER A CB  1 
ATOM   327  O OG  . SER A 1 41  ? 3.205   2.029   -15.671 1.00 29.21 ? 41  SER A OG  1 
ATOM   328  N N   . SER A 1 42  ? 3.444   4.894   -15.986 1.00 33.10 ? 42  SER A N   1 
ATOM   329  C CA  . SER A 1 42  ? 3.845   5.548   -17.253 1.00 34.33 ? 42  SER A CA  1 
ATOM   330  C C   . SER A 1 42  ? 4.607   4.619   -18.173 1.00 34.53 ? 42  SER A C   1 
ATOM   331  O O   . SER A 1 42  ? 5.004   5.009   -19.249 1.00 34.68 ? 42  SER A O   1 
ATOM   332  C CB  . SER A 1 42  ? 4.651   6.826   -17.023 1.00 34.85 ? 42  SER A CB  1 
ATOM   333  O OG  . SER A 1 42  ? 6.028   6.633   -17.305 1.00 35.91 ? 42  SER A OG  1 
ATOM   334  N N   . VAL A 1 43  ? 4.785   3.375   -17.765 1.00 34.92 ? 43  VAL A N   1 
ATOM   335  C CA  . VAL A 1 43  ? 5.208   2.382   -18.727 1.00 34.86 ? 43  VAL A CA  1 
ATOM   336  C C   . VAL A 1 43  ? 3.983   1.857   -19.477 1.00 34.22 ? 43  VAL A C   1 
ATOM   337  O O   . VAL A 1 43  ? 3.114   1.196   -18.917 1.00 33.20 ? 43  VAL A O   1 
ATOM   338  C CB  . VAL A 1 43  ? 6.059   1.273   -18.057 1.00 34.91 ? 43  VAL A CB  1 
ATOM   339  C CG1 . VAL A 1 43  ? 6.610   0.291   -19.099 1.00 34.34 ? 43  VAL A CG1 1 
ATOM   340  C CG2 . VAL A 1 43  ? 7.167   1.928   -17.263 1.00 35.87 ? 43  VAL A CG2 1 
ATOM   341  N N   . GLU A 1 44  ? 3.941   2.186   -20.774 1.00 34.38 ? 44  GLU A N   1 
ATOM   342  C CA  . GLU A 1 44  ? 2.906   1.785   -21.707 1.00 33.77 ? 44  GLU A CA  1 
ATOM   343  C C   . GLU A 1 44  ? 2.816   0.269   -21.814 1.00 32.44 ? 44  GLU A C   1 
ATOM   344  O O   . GLU A 1 44  ? 3.841   -0.400  -21.861 1.00 32.74 ? 44  GLU A O   1 
ATOM   345  C CB  . GLU A 1 44  ? 3.198   2.414   -23.087 1.00 34.02 ? 44  GLU A CB  1 
ATOM   346  C CG  . GLU A 1 44  ? 1.966   2.934   -23.803 1.00 35.56 ? 44  GLU A CG  1 
ATOM   347  C CD  . GLU A 1 44  ? 2.264   3.551   -25.176 1.00 35.52 ? 44  GLU A CD  1 
ATOM   348  O OE1 . GLU A 1 44  ? 2.708   2.802   -26.106 1.00 33.91 ? 44  GLU A OE1 1 
ATOM   349  O OE2 . GLU A 1 44  ? 2.033   4.772   -25.309 1.00 33.07 ? 44  GLU A OE2 1 
ATOM   350  N N   . GLY A 1 45  ? 1.597   -0.266  -21.814 1.00 31.46 ? 45  GLY A N   1 
ATOM   351  C CA  . GLY A 1 45  ? 1.368   -1.709  -21.919 1.00 31.37 ? 45  GLY A CA  1 
ATOM   352  C C   . GLY A 1 45  ? 1.555   -2.531  -20.649 1.00 31.50 ? 45  GLY A C   1 
ATOM   353  O O   . GLY A 1 45  ? 1.581   -3.767  -20.704 1.00 33.54 ? 45  GLY A O   1 
ATOM   354  N N   . LYS A 1 46  ? 1.746   -1.866  -19.503 1.00 30.24 ? 46  LYS A N   1 
ATOM   355  C CA  . LYS A 1 46  ? 1.898   -2.577  -18.226 1.00 27.20 ? 46  LYS A CA  1 
ATOM   356  C C   . LYS A 1 46  ? 0.938   -1.999  -17.190 1.00 25.64 ? 46  LYS A C   1 
ATOM   357  O O   . LYS A 1 46  ? 0.326   -0.978  -17.406 1.00 24.98 ? 46  LYS A O   1 
ATOM   358  C CB  . LYS A 1 46  ? 3.314   -2.476  -17.675 1.00 28.56 ? 46  LYS A CB  1 
ATOM   359  C CG  . LYS A 1 46  ? 4.308   -3.475  -18.297 1.00 28.13 ? 46  LYS A CG  1 
ATOM   360  C CD  . LYS A 1 46  ? 5.695   -3.046  -18.018 1.00 32.49 ? 46  LYS A CD  1 
ATOM   361  C CE  . LYS A 1 46  ? 6.707   -4.077  -18.571 1.00 35.94 ? 46  LYS A CE  1 
ATOM   362  N NZ  . LYS A 1 46  ? 8.089   -3.771  -18.096 1.00 36.52 ? 46  LYS A NZ  1 
ATOM   363  N N   . GLN A 1 47  ? 0.854   -2.637  -16.047 1.00 22.49 ? 47  GLN A N   1 
ATOM   364  C CA  . GLN A 1 47  ? -0.028  -2.126  -14.971 1.00 21.31 ? 47  GLN A CA  1 
ATOM   365  C C   . GLN A 1 47  ? 0.782   -2.262  -13.707 1.00 19.71 ? 47  GLN A C   1 
ATOM   366  O O   . GLN A 1 47  ? 1.783   -3.015  -13.649 1.00 19.73 ? 47  GLN A O   1 
ATOM   367  C CB  . GLN A 1 47  ? -1.357  -2.914  -14.876 1.00 21.30 ? 47  GLN A CB  1 
ATOM   368  C CG  . GLN A 1 47  ? -2.510  -2.491  -15.863 1.00 25.68 ? 47  GLN A CG  1 
ATOM   369  C CD  . GLN A 1 47  ? -3.815  -3.334  -15.690 1.00 29.24 ? 47  GLN A CD  1 
ATOM   370  O OE1 . GLN A 1 47  ? -3.831  -4.340  -14.978 1.00 35.50 ? 47  GLN A OE1 1 
ATOM   371  N NE2 . GLN A 1 47  ? -4.907  -2.905  -16.346 1.00 32.73 ? 47  GLN A NE2 1 
ATOM   372  N N   . ASN A 1 48  ? 0.447   -1.481  -12.693 1.00 16.85 ? 48  ASN A N   1 
ATOM   373  C CA  . ASN A 1 48  ? 1.045   -1.724  -11.386 1.00 14.48 ? 48  ASN A CA  1 
ATOM   374  C C   . ASN A 1 48  ? 0.461   -2.974  -10.741 1.00 15.47 ? 48  ASN A C   1 
ATOM   375  O O   . ASN A 1 48  ? -0.650  -3.449  -11.088 1.00 13.85 ? 48  ASN A O   1 
ATOM   376  C CB  . ASN A 1 48  ? 0.814   -0.488  -10.478 1.00 15.23 ? 48  ASN A CB  1 
ATOM   377  C CG  . ASN A 1 48  ? 1.533   0.724   -10.970 1.00 15.26 ? 48  ASN A CG  1 
ATOM   378  O OD1 . ASN A 1 48  ? 2.525   0.623   -11.710 1.00 16.19 ? 48  ASN A OD1 1 
ATOM   379  N ND2 . ASN A 1 48  ? 1.080   1.883   -10.558 1.00 14.63 ? 48  ASN A ND2 1 
ATOM   380  N N   . LEU A 1 49  ? 1.257   -3.544  -9.862  1.00 14.38 ? 49  LEU A N   1 
ATOM   381  C CA  . LEU A 1 49  ? 0.899   -4.688  -9.043  1.00 16.22 ? 49  LEU A CA  1 
ATOM   382  C C   . LEU A 1 49  ? 0.598   -4.231  -7.618  1.00 16.09 ? 49  LEU A C   1 
ATOM   383  O O   . LEU A 1 49  ? 1.429   -3.580  -6.968  1.00 16.78 ? 49  LEU A O   1 
ATOM   384  C CB  . LEU A 1 49  ? 2.014   -5.781  -9.076  1.00 16.46 ? 49  LEU A CB  1 
ATOM   385  C CG  . LEU A 1 49  ? 1.797   -6.976  -8.133  1.00 18.79 ? 49  LEU A CG  1 
ATOM   386  C CD1 . LEU A 1 49  ? 0.798   -7.926  -8.675  1.00 20.95 ? 49  LEU A CD1 1 
ATOM   387  C CD2 . LEU A 1 49  ? 3.102   -7.749  -7.804  1.00 21.75 ? 49  LEU A CD2 1 
ATOM   388  N N   . VAL A 1 50  ? -0.632  -4.515  -7.144  1.00 15.00 ? 50  VAL A N   1 
ATOM   389  C CA  . VAL A 1 50  ? -0.988  -4.259  -5.770  1.00 14.09 ? 50  VAL A CA  1 
ATOM   390  C C   . VAL A 1 50  ? -0.978  -5.588  -4.984  1.00 13.49 ? 50  VAL A C   1 
ATOM   391  O O   . VAL A 1 50  ? -1.581  -6.608  -5.389  1.00 14.05 ? 50  VAL A O   1 
ATOM   392  C CB  . VAL A 1 50  ? -2.346  -3.538  -5.539  1.00 16.51 ? 50  VAL A CB  1 
ATOM   393  C CG1 . VAL A 1 50  ? -2.302  -2.047  -5.970  1.00 13.50 ? 50  VAL A CG1 1 
ATOM   394  C CG2 . VAL A 1 50  ? -3.465  -4.247  -6.299  1.00 17.20 ? 50  VAL A CG2 1 
ATOM   395  N N   . ILE A 1 51  ? -0.268  -5.548  -3.869  1.00 12.53 ? 51  ILE A N   1 
ATOM   396  C CA  . ILE A 1 51  ? -0.084  -6.682  -3.009  1.00 12.87 ? 51  ILE A CA  1 
ATOM   397  C C   . ILE A 1 51  ? -0.714  -6.404  -1.671  1.00 12.26 ? 51  ILE A C   1 
ATOM   398  O O   . ILE A 1 51  ? -0.461  -5.340  -1.025  1.00 12.89 ? 51  ILE A O   1 
ATOM   399  C CB  . ILE A 1 51  ? 1.449   -7.049  -2.814  1.00 11.50 ? 51  ILE A CB  1 
ATOM   400  C CG1 . ILE A 1 51  ? 2.091   -7.440  -4.153  1.00 11.93 ? 51  ILE A CG1 1 
ATOM   401  C CG2 . ILE A 1 51  ? 1.552   -8.170  -1.756  1.00 15.07 ? 51  ILE A CG2 1 
ATOM   402  C CD1 . ILE A 1 51  ? 3.665   -7.683  -4.067  1.00 11.52 ? 51  ILE A CD1 1 
ATOM   403  N N   . MET A 1 52  ? -1.573  -7.332  -1.261  1.00 12.92 ? 52  MET A N   1 
ATOM   404  C CA  . MET A 1 52  ? -2.215  -7.198  0.043   1.00 15.26 ? 52  MET A CA  1 
ATOM   405  C C   . MET A 1 52  ? -2.359  -8.518  0.755   1.00 14.70 ? 52  MET A C   1 
ATOM   406  O O   . MET A 1 52  ? -2.499  -9.565  0.094   1.00 15.89 ? 52  MET A O   1 
ATOM   407  C CB  . MET A 1 52  ? -3.586  -6.564  -0.146  1.00 15.30 ? 52  MET A CB  1 
ATOM   408  C CG  . MET A 1 52  ? -4.522  -7.376  -0.871  1.00 17.88 ? 52  MET A CG  1 
ATOM   409  S SD  . MET A 1 52  ? -5.888  -6.294  -1.352  1.00 30.51 ? 52  MET A SD  1 
ATOM   410  C CE  . MET A 1 52  ? -5.486  -5.359  -2.767  1.00 17.32 ? 52  MET A CE  1 
ATOM   411  N N   . GLY A 1 53  ? -2.430  -8.451  2.081   1.00 16.11 ? 53  GLY A N   1 
ATOM   412  C CA  . GLY A 1 53  ? -2.651  -9.619  2.948   1.00 14.40 ? 53  GLY A CA  1 
ATOM   413  C C   . GLY A 1 53  ? -4.094  -10.102 2.796   1.00 14.20 ? 53  GLY A C   1 
ATOM   414  O O   . GLY A 1 53  ? -4.951  -9.330  2.313   1.00 12.71 ? 53  GLY A O   1 
ATOM   415  N N   . LYS A 1 54  ? -4.355  -11.353 3.184   1.00 12.68 ? 54  LYS A N   1 
ATOM   416  C CA  . LYS A 1 54  ? -5.723  -11.965 3.180   1.00 14.93 ? 54  LYS A CA  1 
ATOM   417  C C   . LYS A 1 54  ? -6.834  -11.068 3.832   1.00 14.05 ? 54  LYS A C   1 
ATOM   418  O O   . LYS A 1 54  ? -7.920  -10.874 3.244   1.00 13.24 ? 54  LYS A O   1 
ATOM   419  C CB  . LYS A 1 54  ? -5.670  -13.343 3.888   1.00 18.25 ? 54  LYS A CB  1 
ATOM   420  C CG  . LYS A 1 54  ? -6.936  -14.142 3.737   1.00 21.08 ? 54  LYS A CG  1 
ATOM   421  C CD  . LYS A 1 54  ? -6.939  -15.361 4.672   1.00 27.53 ? 54  LYS A CD  1 
ATOM   422  C CE  . LYS A 1 54  ? -6.864  -14.955 6.142   1.00 24.30 ? 54  LYS A CE  1 
ATOM   423  N NZ  . LYS A 1 54  ? -6.024  -15.935 6.858   1.00 29.83 ? 54  LYS A NZ  1 
ATOM   424  N N   . LYS A 1 55  ? -6.552  -10.542 5.011   1.00 14.79 ? 55  LYS A N   1 
ATOM   425  C CA  . LYS A 1 55  ? -7.539  -9.759  5.757   1.00 16.02 ? 55  LYS A CA  1 
ATOM   426  C C   . LYS A 1 55  ? -7.784  -8.412  5.107   1.00 15.40 ? 55  LYS A C   1 
ATOM   427  O O   . LYS A 1 55  ? -8.907  -7.928  5.096   1.00 16.01 ? 55  LYS A O   1 
ATOM   428  C CB  . LYS A 1 55  ? -7.074  -9.660  7.235   1.00 16.48 ? 55  LYS A CB  1 
ATOM   429  C CG  . LYS A 1 55  ? -7.682  -8.630  8.097   1.00 24.05 ? 55  LYS A CG  1 
ATOM   430  C CD  . LYS A 1 55  ? -7.476  -9.027  9.627   1.00 33.04 ? 55  LYS A CD  1 
ATOM   431  C CE  . LYS A 1 55  ? -8.182  -8.038  10.579  1.00 35.59 ? 55  LYS A CE  1 
ATOM   432  N NZ  . LYS A 1 55  ? -7.990  -8.455  12.009  1.00 36.25 ? 55  LYS A NZ  1 
ATOM   433  N N   . THR A 1 56  ? -6.737  -7.761  4.595   1.00 15.12 ? 56  THR A N   1 
ATOM   434  C CA  . THR A 1 56  ? -6.945  -6.521  3.874   1.00 14.71 ? 56  THR A CA  1 
ATOM   435  C C   . THR A 1 56  ? -7.800  -6.753  2.624   1.00 14.61 ? 56  THR A C   1 
ATOM   436  O O   . THR A 1 56  ? -8.733  -5.953  2.349   1.00 15.43 ? 56  THR A O   1 
ATOM   437  C CB  . THR A 1 56  ? -5.579  -5.867  3.507   1.00 14.87 ? 56  THR A CB  1 
ATOM   438  O OG1 . THR A 1 56  ? -4.941  -5.529  4.707   1.00 16.33 ? 56  THR A OG1 1 
ATOM   439  C CG2 . THR A 1 56  ? -5.765  -4.648  2.630   1.00 14.24 ? 56  THR A CG2 1 
ATOM   440  N N   . TRP A 1 57  ? -7.535  -7.832  1.876   1.00 14.13 ? 57  TRP A N   1 
ATOM   441  C CA  . TRP A 1 57  ? -8.343  -8.177  0.680   1.00 14.32 ? 57  TRP A CA  1 
ATOM   442  C C   . TRP A 1 57  ? -9.858  -8.292  1.053   1.00 14.05 ? 57  TRP A C   1 
ATOM   443  O O   . TRP A 1 57  ? -10.742 -7.670  0.429   1.00 13.01 ? 57  TRP A O   1 
ATOM   444  C CB  . TRP A 1 57  ? -7.843  -9.516  0.042   1.00 15.26 ? 57  TRP A CB  1 
ATOM   445  C CG  . TRP A 1 57  ? -8.752  -10.038 -0.883  1.00 13.31 ? 57  TRP A CG  1 
ATOM   446  C CD1 . TRP A 1 57  ? -9.738  -10.991 -0.652  1.00 16.81 ? 57  TRP A CD1 1 
ATOM   447  C CD2 . TRP A 1 57  ? -8.875  -9.637  -2.219  1.00 13.66 ? 57  TRP A CD2 1 
ATOM   448  N NE1 . TRP A 1 57  ? -10.471 -11.161 -1.775  1.00 14.32 ? 57  TRP A NE1 1 
ATOM   449  C CE2 . TRP A 1 57  ? -9.974  -10.334 -2.761  1.00 14.42 ? 57  TRP A CE2 1 
ATOM   450  C CE3 . TRP A 1 57  ? -8.190  -8.685  -3.026  1.00 17.75 ? 57  TRP A CE3 1 
ATOM   451  C CZ2 . TRP A 1 57  ? -10.382 -10.177 -4.118  1.00 18.16 ? 57  TRP A CZ2 1 
ATOM   452  C CZ3 . TRP A 1 57  ? -8.600  -8.515  -4.365  1.00 19.00 ? 57  TRP A CZ3 1 
ATOM   453  C CH2 . TRP A 1 57  ? -9.671  -9.258  -4.902  1.00 20.23 ? 57  TRP A CH2 1 
ATOM   454  N N   . PHE A 1 58  ? -10.162 -9.096  2.065   1.00 14.22 ? 58  PHE A N   1 
ATOM   455  C CA  . PHE A 1 58  ? -11.576 -9.233  2.425   1.00 15.11 ? 58  PHE A CA  1 
ATOM   456  C C   . PHE A 1 58  ? -12.204 -8.002  3.015   1.00 16.06 ? 58  PHE A C   1 
ATOM   457  O O   . PHE A 1 58  ? -13.452 -7.853  2.929   1.00 18.12 ? 58  PHE A O   1 
ATOM   458  C CB  . PHE A 1 58  ? -11.803 -10.435 3.346   1.00 14.29 ? 58  PHE A CB  1 
ATOM   459  C CG  . PHE A 1 58  ? -11.516 -11.769 2.672   1.00 15.06 ? 58  PHE A CG  1 
ATOM   460  C CD1 . PHE A 1 58  ? -10.565 -12.606 3.177   1.00 14.32 ? 58  PHE A CD1 1 
ATOM   461  C CD2 . PHE A 1 58  ? -12.316 -12.219 1.599   1.00 15.51 ? 58  PHE A CD2 1 
ATOM   462  C CE1 . PHE A 1 58  ? -10.306 -13.892 2.624   1.00 14.67 ? 58  PHE A CE1 1 
ATOM   463  C CE2 . PHE A 1 58  ? -12.029 -13.472 0.977   1.00 14.78 ? 58  PHE A CE2 1 
ATOM   464  C CZ  . PHE A 1 58  ? -11.025 -14.306 1.507   1.00 18.96 ? 58  PHE A CZ  1 
ATOM   465  N N   . SER A 1 59  ? -11.393 -7.142  3.643   1.00 13.92 ? 59  SER A N   1 
ATOM   466  C CA  . SER A 1 59  ? -11.861 -5.884  4.320   1.00 16.41 ? 59  SER A CA  1 
ATOM   467  C C   . SER A 1 59  ? -12.180 -4.748  3.356   1.00 15.83 ? 59  SER A C   1 
ATOM   468  O O   . SER A 1 59  ? -13.104 -3.952  3.595   1.00 13.30 ? 59  SER A O   1 
ATOM   469  C CB  . SER A 1 59  ? -10.808 -5.354  5.327   1.00 15.36 ? 59  SER A CB  1 
ATOM   470  O OG  . SER A 1 59  ? -10.561 -6.276  6.350   1.00 22.39 ? 59  SER A OG  1 
ATOM   471  N N   . ILE A 1 60  ? -11.380 -4.631  2.306   1.00 15.01 ? 60  ILE A N   1 
ATOM   472  C CA  . ILE A 1 60  ? -11.637 -3.585  1.300   1.00 16.29 ? 60  ILE A CA  1 
ATOM   473  C C   . ILE A 1 60  ? -13.090 -3.712  0.747   1.00 16.84 ? 60  ILE A C   1 
ATOM   474  O O   . ILE A 1 60  ? -13.577 -4.839  0.462   1.00 14.04 ? 60  ILE A O   1 
ATOM   475  C CB  . ILE A 1 60  ? -10.532 -3.575  0.195   1.00 16.18 ? 60  ILE A CB  1 
ATOM   476  C CG1 . ILE A 1 60  ? -9.198  -3.090  0.861   1.00 16.27 ? 60  ILE A CG1 1 
ATOM   477  C CG2 . ILE A 1 60  ? -11.009 -2.746  -1.048  1.00 17.10 ? 60  ILE A CG2 1 
ATOM   478  C CD1 . ILE A 1 60  ? -7.931  -3.185  -0.029  1.00 19.96 ? 60  ILE A CD1 1 
ATOM   479  N N   . PRO A 1 61  ? -13.787 -2.560  0.588   1.00 17.05 ? 61  PRO A N   1 
ATOM   480  C CA  . PRO A 1 61  ? -15.187 -2.610  0.171   1.00 19.25 ? 61  PRO A CA  1 
ATOM   481  C C   . PRO A 1 61  ? -15.349 -3.439  -1.089  1.00 21.71 ? 61  PRO A C   1 
ATOM   482  O O   . PRO A 1 61  ? -14.607 -3.233  -2.061  1.00 20.11 ? 61  PRO A O   1 
ATOM   483  C CB  . PRO A 1 61  ? -15.474 -1.133  -0.194  1.00 20.59 ? 61  PRO A CB  1 
ATOM   484  C CG  . PRO A 1 61  ? -14.632 -0.405  0.760   1.00 20.39 ? 61  PRO A CG  1 
ATOM   485  C CD  . PRO A 1 61  ? -13.350 -1.173  0.788   1.00 17.35 ? 61  PRO A CD  1 
ATOM   486  N N   . GLU A 1 62  ? -16.307 -4.365  -1.087  1.00 22.45 ? 62  GLU A N   1 
ATOM   487  C CA  . GLU A 1 62  ? -16.272 -5.435  -2.087  1.00 25.58 ? 62  GLU A CA  1 
ATOM   488  C C   . GLU A 1 62  ? -16.565 -4.893  -3.470  1.00 25.78 ? 62  GLU A C   1 
ATOM   489  O O   . GLU A 1 62  ? -16.040 -5.415  -4.463  1.00 25.42 ? 62  GLU A O   1 
ATOM   490  C CB  . GLU A 1 62  ? -17.319 -6.480  -1.723  1.00 26.62 ? 62  GLU A CB  1 
ATOM   491  C CG  . GLU A 1 62  ? -17.179 -7.805  -2.385  1.00 30.97 ? 62  GLU A CG  1 
ATOM   492  C CD  . GLU A 1 62  ? -18.526 -8.502  -2.401  1.00 35.31 ? 62  GLU A CD  1 
ATOM   493  O OE1 . GLU A 1 62  ? -19.493 -7.962  -1.805  1.00 40.71 ? 62  GLU A OE1 1 
ATOM   494  O OE2 . GLU A 1 62  ? -18.647 -9.542  -3.043  1.00 36.58 ? 62  GLU A OE2 1 
ATOM   495  N N   . LYS A 1 63  ? -17.345 -3.814  -3.535  1.00 26.68 ? 63  LYS A N   1 
ATOM   496  C CA  . LYS A 1 63  ? -17.712 -3.237  -4.836  1.00 28.21 ? 63  LYS A CA  1 
ATOM   497  C C   . LYS A 1 63  ? -16.534 -2.451  -5.426  1.00 28.66 ? 63  LYS A C   1 
ATOM   498  O O   . LYS A 1 63  ? -16.668 -1.920  -6.506  1.00 29.48 ? 63  LYS A O   1 
ATOM   499  C CB  . LYS A 1 63  ? -18.910 -2.303  -4.741  1.00 28.72 ? 63  LYS A CB  1 
ATOM   500  C CG  . LYS A 1 63  ? -18.475 -0.935  -4.235  1.00 30.50 ? 63  LYS A CG  1 
ATOM   501  C CD  . LYS A 1 63  ? -19.535 0.106   -4.337  1.00 37.33 ? 63  LYS A CD  1 
ATOM   502  C CE  . LYS A 1 63  ? -19.263 1.190   -3.310  1.00 37.43 ? 63  LYS A CE  1 
ATOM   503  N NZ  . LYS A 1 63  ? -17.823 1.330   -3.052  1.00 40.01 ? 63  LYS A NZ  1 
ATOM   504  N N   . ASN A 1 64  ? -15.392 -2.358  -4.718  1.00 27.80 ? 64  ASN A N   1 
ATOM   505  C CA  . ASN A 1 64  ? -14.158 -1.867  -5.358  1.00 26.98 ? 64  ASN A CA  1 
ATOM   506  C C   . ASN A 1 64  ? -13.112 -2.952  -5.758  1.00 25.17 ? 64  ASN A C   1 
ATOM   507  O O   . ASN A 1 64  ? -12.085 -2.601  -6.318  1.00 25.77 ? 64  ASN A O   1 
ATOM   508  C CB  . ASN A 1 64  ? -13.510 -0.781  -4.506  1.00 25.41 ? 64  ASN A CB  1 
ATOM   509  C CG  . ASN A 1 64  ? -14.455 0.383   -4.217  1.00 30.81 ? 64  ASN A CG  1 
ATOM   510  O OD1 . ASN A 1 64  ? -14.928 1.075   -5.129  1.00 31.22 ? 64  ASN A OD1 1 
ATOM   511  N ND2 . ASN A 1 64  ? -14.710 0.606   -2.968  1.00 23.08 ? 64  ASN A ND2 1 
ATOM   512  N N   . ARG A 1 65  ? -13.402 -4.246  -5.543  1.00 24.52 ? 65  ARG A N   1 
ATOM   513  C CA  . ARG A 1 65  ? -12.452 -5.366  -5.673  1.00 23.68 ? 65  ARG A CA  1 
ATOM   514  C C   . ARG A 1 65  ? -12.817 -6.310  -6.830  1.00 23.97 ? 65  ARG A C   1 
ATOM   515  O O   . ARG A 1 65  ? -14.020 -6.666  -6.975  1.00 24.40 ? 65  ARG A O   1 
ATOM   516  C CB  . ARG A 1 65  ? -12.367 -6.233  -4.366  1.00 23.85 ? 65  ARG A CB  1 
ATOM   517  C CG  . ARG A 1 65  ? -11.381 -5.802  -3.212  1.00 25.65 ? 65  ARG A CG  1 
ATOM   518  C CD  . ARG A 1 65  ? -11.847 -6.337  -1.835  1.00 24.18 ? 65  ARG A CD  1 
ATOM   519  N NE  . ARG A 1 65  ? -12.567 -7.590  -2.092  1.00 36.06 ? 65  ARG A NE  1 
ATOM   520  C CZ  . ARG A 1 65  ? -13.379 -8.237  -1.286  1.00 31.74 ? 65  ARG A CZ  1 
ATOM   521  N NH1 . ARG A 1 65  ? -13.920 -9.330  -1.748  1.00 41.36 ? 65  ARG A NH1 1 
ATOM   522  N NH2 . ARG A 1 65  ? -13.700 -7.808  -0.087  1.00 27.89 ? 65  ARG A NH2 1 
ATOM   523  N N   . PRO A 1 66  ? -11.803 -6.754  -7.618  1.00 23.88 ? 66  PRO A N   1 
ATOM   524  C CA  . PRO A 1 66  ? -10.392 -6.296  -7.540  1.00 21.45 ? 66  PRO A CA  1 
ATOM   525  C C   . PRO A 1 66  ? -10.216 -4.837  -7.907  1.00 21.32 ? 66  PRO A C   1 
ATOM   526  O O   . PRO A 1 66  ? -11.008 -4.275  -8.727  1.00 20.92 ? 66  PRO A O   1 
ATOM   527  C CB  . PRO A 1 66  ? -9.687  -7.140  -8.637  1.00 22.29 ? 66  PRO A CB  1 
ATOM   528  C CG  . PRO A 1 66  ? -10.772 -7.685  -9.478  1.00 24.16 ? 66  PRO A CG  1 
ATOM   529  C CD  . PRO A 1 66  ? -11.894 -7.925  -8.517  1.00 24.96 ? 66  PRO A CD  1 
ATOM   530  N N   . LEU A 1 67  ? -9.176  -4.222  -7.347  1.00 17.12 ? 67  LEU A N   1 
ATOM   531  C CA  . LEU A 1 67  ? -8.844  -2.815  -7.598  1.00 16.38 ? 67  LEU A CA  1 
ATOM   532  C C   . LEU A 1 67  ? -8.623  -2.617  -9.120  1.00 16.77 ? 67  LEU A C   1 
ATOM   533  O O   . LEU A 1 67  ? -7.738  -3.259  -9.770  1.00 16.11 ? 67  LEU A O   1 
ATOM   534  C CB  . LEU A 1 67  ? -7.577  -2.446  -6.751  1.00 15.68 ? 67  LEU A CB  1 
ATOM   535  C CG  . LEU A 1 67  ? -7.812  -2.504  -5.228  1.00 16.11 ? 67  LEU A CG  1 
ATOM   536  C CD1 . LEU A 1 67  ? -6.537  -2.065  -4.500  1.00 12.38 ? 67  LEU A CD1 1 
ATOM   537  C CD2 . LEU A 1 67  ? -8.988  -1.580  -4.769  1.00 17.15 ? 67  LEU A CD2 1 
ATOM   538  N N   . LYS A 1 68  ? -9.478  -1.799  -9.721  1.00 16.66 ? 68  LYS A N   1 
ATOM   539  C CA  . LYS A 1 68  ? -9.469  -1.665  -11.191 1.00 17.64 ? 68  LYS A CA  1 
ATOM   540  C C   . LYS A 1 68  ? -8.184  -1.029  -11.740 1.00 16.90 ? 68  LYS A C   1 
ATOM   541  O O   . LYS A 1 68  ? -7.628  -0.105  -11.152 1.00 17.49 ? 68  LYS A O   1 
ATOM   542  C CB  . LYS A 1 68  ? -10.676 -0.804  -11.684 1.00 19.36 ? 68  LYS A CB  1 
ATOM   543  C CG  . LYS A 1 68  ? -10.489 0.722   -11.454 1.00 25.65 ? 68  LYS A CG  1 
ATOM   544  C CD  . LYS A 1 68  ? -11.469 1.564   -12.350 1.00 33.43 ? 68  LYS A CD  1 
ATOM   545  C CE  . LYS A 1 68  ? -12.044 2.810   -11.627 1.00 34.90 ? 68  LYS A CE  1 
ATOM   546  N NZ  . LYS A 1 68  ? -13.546 2.867   -11.893 1.00 39.44 ? 68  LYS A NZ  1 
ATOM   547  N N   . GLY A 1 69  ? -7.743  -1.491  -12.909 1.00 17.52 ? 69  GLY A N   1 
ATOM   548  C CA  . GLY A 1 69  ? -6.553  -0.939  -13.571 1.00 18.79 ? 69  GLY A CA  1 
ATOM   549  C C   . GLY A 1 69  ? -5.219  -1.458  -13.030 1.00 17.93 ? 69  GLY A C   1 
ATOM   550  O O   . GLY A 1 69  ? -4.145  -1.010  -13.472 1.00 19.66 ? 69  GLY A O   1 
ATOM   551  N N   . ARG A 1 70  ? -5.283  -2.327  -12.021 1.00 18.17 ? 70  ARG A N   1 
ATOM   552  C CA  . ARG A 1 70  ? -4.138  -2.864  -11.303 1.00 16.95 ? 70  ARG A CA  1 
ATOM   553  C C   . ARG A 1 70  ? -4.218  -4.397  -11.270 1.00 17.32 ? 70  ARG A C   1 
ATOM   554  O O   . ARG A 1 70  ? -5.307  -4.999  -11.251 1.00 16.68 ? 70  ARG A O   1 
ATOM   555  C CB  . ARG A 1 70  ? -4.088  -2.316  -9.875  1.00 15.27 ? 70  ARG A CB  1 
ATOM   556  C CG  . ARG A 1 70  ? -3.743  -0.854  -9.844  1.00 14.19 ? 70  ARG A CG  1 
ATOM   557  C CD  . ARG A 1 70  ? -4.418  -0.127  -8.667  1.00 14.90 ? 70  ARG A CD  1 
ATOM   558  N NE  . ARG A 1 70  ? -5.859  0.027   -8.951  1.00 16.94 ? 70  ARG A NE  1 
ATOM   559  C CZ  . ARG A 1 70  ? -6.711  0.732   -8.186  1.00 19.63 ? 70  ARG A CZ  1 
ATOM   560  N NH1 . ARG A 1 70  ? -6.313  1.264   -7.057  1.00 15.70 ? 70  ARG A NH1 1 
ATOM   561  N NH2 . ARG A 1 70  ? -7.978  0.914   -8.573  1.00 17.52 ? 70  ARG A NH2 1 
ATOM   562  N N   . ILE A 1 71  ? -3.057  -5.044  -11.300 1.00 15.25 ? 71  ILE A N   1 
ATOM   563  C CA  . ILE A 1 71  ? -2.996  -6.522  -11.066 1.00 14.81 ? 71  ILE A CA  1 
ATOM   564  C C   . ILE A 1 71  ? -3.074  -6.796  -9.586  1.00 14.66 ? 71  ILE A C   1 
ATOM   565  O O   . ILE A 1 71  ? -2.312  -6.225  -8.844  1.00 15.06 ? 71  ILE A O   1 
ATOM   566  C CB  . ILE A 1 71  ? -1.654  -7.085  -11.596 1.00 14.29 ? 71  ILE A CB  1 
ATOM   567  C CG1 . ILE A 1 71  ? -1.633  -6.762  -13.091 1.00 17.23 ? 71  ILE A CG1 1 
ATOM   568  C CG2 . ILE A 1 71  ? -1.591  -8.604  -11.390 1.00 15.29 ? 71  ILE A CG2 1 
ATOM   569  C CD1 . ILE A 1 71  ? -0.230  -6.936  -13.741 1.00 21.50 ? 71  ILE A CD1 1 
ATOM   570  N N   . ASN A 1 72  ? -4.046  -7.625  -9.130  1.00 13.80 ? 72  ASN A N   1 
ATOM   571  C CA  . ASN A 1 72  ? -4.256  -7.787  -7.679  1.00 14.49 ? 72  ASN A CA  1 
ATOM   572  C C   . ASN A 1 72  ? -3.709  -9.143  -7.248  1.00 14.46 ? 72  ASN A C   1 
ATOM   573  O O   . ASN A 1 72  ? -4.111  -10.173 -7.796  1.00 15.78 ? 72  ASN A O   1 
ATOM   574  C CB  . ASN A 1 72  ? -5.753  -7.798  -7.309  1.00 14.25 ? 72  ASN A CB  1 
ATOM   575  C CG  . ASN A 1 72  ? -6.422  -6.423  -7.394  1.00 14.39 ? 72  ASN A CG  1 
ATOM   576  O OD1 . ASN A 1 72  ? -7.073  -6.037  -6.448  1.00 17.70 ? 72  ASN A OD1 1 
ATOM   577  N ND2 . ASN A 1 72  ? -6.335  -5.747  -8.528  1.00 16.12 ? 72  ASN A ND2 1 
ATOM   578  N N   . LEU A 1 73  ? -2.826  -9.125  -6.253  1.00 13.69 ? 73  LEU A N   1 
ATOM   579  C CA  . LEU A 1 73  ? -2.179  -10.335 -5.764  1.00 13.63 ? 73  LEU A CA  1 
ATOM   580  C C   . LEU A 1 73  ? -2.367  -10.333 -4.258  1.00 13.26 ? 73  LEU A C   1 
ATOM   581  O O   . LEU A 1 73  ? -2.037  -9.329  -3.591  1.00 13.52 ? 73  LEU A O   1 
ATOM   582  C CB  . LEU A 1 73  ? -0.671  -10.304 -6.079  1.00 12.05 ? 73  LEU A CB  1 
ATOM   583  C CG  . LEU A 1 73  ? 0.179   -11.533 -5.665  1.00 12.89 ? 73  LEU A CG  1 
ATOM   584  C CD1 . LEU A 1 73  ? 1.464   -11.634 -6.530  1.00 15.44 ? 73  LEU A CD1 1 
ATOM   585  C CD2 . LEU A 1 73  ? 0.576   -11.479 -4.152  1.00 14.32 ? 73  LEU A CD2 1 
ATOM   586  N N   . VAL A 1 74  ? -2.826  -11.467 -3.729  1.00 11.91 ? 74  VAL A N   1 
ATOM   587  C CA  . VAL A 1 74  ? -3.085  -11.672 -2.296  1.00 13.00 ? 74  VAL A CA  1 
ATOM   588  C C   . VAL A 1 74  ? -2.017  -12.565 -1.682  1.00 14.09 ? 74  VAL A C   1 
ATOM   589  O O   . VAL A 1 74  ? -1.663  -13.589 -2.280  1.00 16.83 ? 74  VAL A O   1 
ATOM   590  C CB  . VAL A 1 74  ? -4.489  -12.247 -2.093  1.00 12.03 ? 74  VAL A CB  1 
ATOM   591  C CG1 . VAL A 1 74  ? -4.717  -12.702 -0.591  1.00 12.41 ? 74  VAL A CG1 1 
ATOM   592  C CG2 . VAL A 1 74  ? -5.503  -11.161 -2.486  1.00 16.08 ? 74  VAL A CG2 1 
ATOM   593  N N   . LEU A 1 75  ? -1.543  -12.201 -0.505  1.00 16.56 ? 75  LEU A N   1 
ATOM   594  C CA  . LEU A 1 75  ? -0.555  -13.004 0.205   1.00 17.37 ? 75  LEU A CA  1 
ATOM   595  C C   . LEU A 1 75  ? -1.273  -13.791 1.259   1.00 20.30 ? 75  LEU A C   1 
ATOM   596  O O   . LEU A 1 75  ? -1.927  -13.204 2.130   1.00 20.41 ? 75  LEU A O   1 
ATOM   597  C CB  . LEU A 1 75  ? 0.499   -12.103 0.856   1.00 17.68 ? 75  LEU A CB  1 
ATOM   598  C CG  . LEU A 1 75  ? 1.406   -11.186 0.037   1.00 17.75 ? 75  LEU A CG  1 
ATOM   599  C CD1 . LEU A 1 75  ? 2.401   -10.442 1.002   1.00 20.21 ? 75  LEU A CD1 1 
ATOM   600  C CD2 . LEU A 1 75  ? 2.222   -11.991 -1.034  1.00 16.77 ? 75  LEU A CD2 1 
ATOM   601  N N   . SER A 1 76  ? -1.169  -15.117 1.196   1.00 20.81 ? 76  SER A N   1 
ATOM   602  C CA  . SER A 1 76  ? -1.696  -15.988 2.288   1.00 22.66 ? 76  SER A CA  1 
ATOM   603  C C   . SER A 1 76  ? -0.977  -17.334 2.247   1.00 23.98 ? 76  SER A C   1 
ATOM   604  O O   . SER A 1 76  ? -0.681  -17.819 1.146   1.00 24.32 ? 76  SER A O   1 
ATOM   605  C CB  . SER A 1 76  ? -3.205  -16.268 2.163   1.00 22.84 ? 76  SER A CB  1 
ATOM   606  O OG  . SER A 1 76  ? -3.725  -17.097 3.265   1.00 18.86 ? 76  SER A OG  1 
ATOM   607  N N   . ARG A 1 77  ? -0.743  -17.907 3.431   1.00 26.05 ? 77  ARG A N   1 
ATOM   608  C CA  . ARG A 1 77  ? -0.366  -19.309 3.590   1.00 27.83 ? 77  ARG A CA  1 
ATOM   609  C C   . ARG A 1 77  ? -1.573  -20.229 3.736   1.00 29.94 ? 77  ARG A C   1 
ATOM   610  O O   . ARG A 1 77  ? -1.458  -21.464 3.552   1.00 31.09 ? 77  ARG A O   1 
ATOM   611  C CB  . ARG A 1 77  ? 0.518   -19.483 4.808   1.00 27.93 ? 77  ARG A CB  1 
ATOM   612  C CG  . ARG A 1 77  ? 1.879   -18.914 4.619   1.00 32.04 ? 77  ARG A CG  1 
ATOM   613  C CD  . ARG A 1 77  ? 2.553   -18.770 5.947   1.00 38.36 ? 77  ARG A CD  1 
ATOM   614  N NE  . ARG A 1 77  ? 3.288   -17.521 5.977   1.00 45.77 ? 77  ARG A NE  1 
ATOM   615  C CZ  . ARG A 1 77  ? 4.541   -17.393 5.555   1.00 48.77 ? 77  ARG A CZ  1 
ATOM   616  N NH1 . ARG A 1 77  ? 5.194   -18.457 5.085   1.00 50.20 ? 77  ARG A NH1 1 
ATOM   617  N NH2 . ARG A 1 77  ? 5.135   -16.203 5.598   1.00 50.67 ? 77  ARG A NH2 1 
ATOM   618  N N   . GLU A 1 78  ? -2.735  -19.650 4.064   1.00 28.87 ? 78  GLU A N   1 
ATOM   619  C CA  . GLU A 1 78  ? -3.937  -20.433 4.282   1.00 29.14 ? 78  GLU A CA  1 
ATOM   620  C C   . GLU A 1 78  ? -4.687  -20.732 2.992   1.00 28.60 ? 78  GLU A C   1 
ATOM   621  O O   . GLU A 1 78  ? -5.073  -21.873 2.734   1.00 27.20 ? 78  GLU A O   1 
ATOM   622  C CB  . GLU A 1 78  ? -4.887  -19.705 5.253   1.00 29.28 ? 78  GLU A CB  1 
ATOM   623  C CG  . GLU A 1 78  ? -6.196  -20.375 5.379   1.00 33.11 ? 78  GLU A CG  1 
ATOM   624  C CD  . GLU A 1 78  ? -7.253  -19.483 6.005   1.00 36.45 ? 78  GLU A CD  1 
ATOM   625  O OE1 . GLU A 1 78  ? -6.934  -18.587 6.799   1.00 39.02 ? 78  GLU A OE1 1 
ATOM   626  O OE2 . GLU A 1 78  ? -8.413  -19.682 5.685   1.00 38.92 ? 78  GLU A OE2 1 
ATOM   627  N N   . LEU A 1 79  ? -4.937  -19.692 2.192   1.00 27.34 ? 79  LEU A N   1 
ATOM   628  C CA  . LEU A 1 79  ? -5.653  -19.875 0.933   1.00 27.39 ? 79  LEU A CA  1 
ATOM   629  C C   . LEU A 1 79  ? -4.877  -20.776 -0.026  1.00 29.05 ? 79  LEU A C   1 
ATOM   630  O O   . LEU A 1 79  ? -3.637  -20.764 -0.042  1.00 28.79 ? 79  LEU A O   1 
ATOM   631  C CB  . LEU A 1 79  ? -5.938  -18.526 0.252   1.00 25.82 ? 79  LEU A CB  1 
ATOM   632  C CG  . LEU A 1 79  ? -6.779  -17.584 1.107   1.00 24.70 ? 79  LEU A CG  1 
ATOM   633  C CD1 . LEU A 1 79  ? -6.802  -16.178 0.523   1.00 22.72 ? 79  LEU A CD1 1 
ATOM   634  C CD2 . LEU A 1 79  ? -8.203  -18.147 1.188   1.00 26.03 ? 79  LEU A CD2 1 
ATOM   635  N N   . LYS A 1 80  ? -5.611  -21.561 -0.807  1.00 30.63 ? 80  LYS A N   1 
ATOM   636  C CA  . LYS A 1 80  ? -5.003  -22.417 -1.835  1.00 32.78 ? 80  LYS A CA  1 
ATOM   637  C C   . LYS A 1 80  ? -5.218  -21.893 -3.281  1.00 32.47 ? 80  LYS A C   1 
ATOM   638  O O   . LYS A 1 80  ? -4.487  -22.291 -4.213  1.00 33.57 ? 80  LYS A O   1 
ATOM   639  C CB  . LYS A 1 80  ? -5.515  -23.853 -1.684  1.00 33.63 ? 80  LYS A CB  1 
ATOM   640  C CG  . LYS A 1 80  ? -5.020  -24.589 -0.431  1.00 36.71 ? 80  LYS A CG  1 
ATOM   641  C CD  . LYS A 1 80  ? -5.604  -26.041 -0.458  1.00 40.41 ? 80  LYS A CD  1 
ATOM   642  C CE  . LYS A 1 80  ? -5.342  -26.830 0.837   1.00 42.66 ? 80  LYS A CE  1 
ATOM   643  N NZ  . LYS A 1 80  ? -6.070  -28.154 0.845   1.00 44.52 ? 80  LYS A NZ  1 
ATOM   644  N N   . GLU A 1 81  ? -6.195  -20.990 -3.459  1.00 31.31 ? 81  GLU A N   1 
ATOM   645  C CA  . GLU A 1 81  ? -6.466  -20.318 -4.756  1.00 30.77 ? 81  GLU A CA  1 
ATOM   646  C C   . GLU A 1 81  ? -6.641  -18.765 -4.524  1.00 27.85 ? 81  GLU A C   1 
ATOM   647  O O   . GLU A 1 81  ? -7.086  -18.363 -3.452  1.00 27.73 ? 81  GLU A O   1 
ATOM   648  C CB  . GLU A 1 81  ? -7.726  -20.950 -5.434  1.00 32.21 ? 81  GLU A CB  1 
ATOM   649  C CG  . GLU A 1 81  ? -9.043  -20.862 -4.598  1.00 36.17 ? 81  GLU A CG  1 
ATOM   650  C CD  . GLU A 1 81  ? -10.271 -21.630 -5.211  1.00 41.93 ? 81  GLU A CD  1 
ATOM   651  O OE1 . GLU A 1 81  ? -10.991 -21.057 -6.068  1.00 39.85 ? 81  GLU A OE1 1 
ATOM   652  O OE2 . GLU A 1 81  ? -10.523 -22.800 -4.819  1.00 42.85 ? 81  GLU A OE2 1 
ATOM   653  N N   . PRO A 1 82  ? -6.323  -17.913 -5.524  1.00 26.62 ? 82  PRO A N   1 
ATOM   654  C CA  . PRO A 1 82  ? -6.613  -16.448 -5.366  1.00 24.14 ? 82  PRO A CA  1 
ATOM   655  C C   . PRO A 1 82  ? -8.097  -16.271 -4.988  1.00 24.24 ? 82  PRO A C   1 
ATOM   656  O O   . PRO A 1 82  ? -8.974  -16.898 -5.647  1.00 23.92 ? 82  PRO A O   1 
ATOM   657  C CB  . PRO A 1 82  ? -6.354  -15.881 -6.759  1.00 24.68 ? 82  PRO A CB  1 
ATOM   658  C CG  . PRO A 1 82  ? -5.376  -16.889 -7.407  1.00 26.48 ? 82  PRO A CG  1 
ATOM   659  C CD  . PRO A 1 82  ? -5.941  -18.221 -6.929  1.00 25.64 ? 82  PRO A CD  1 
ATOM   660  N N   . PRO A 1 83  ? -8.373  -15.500 -3.924  1.00 22.81 ? 83  PRO A N   1 
ATOM   661  C CA  . PRO A 1 83  ? -9.793  -15.380 -3.472  1.00 23.42 ? 83  PRO A CA  1 
ATOM   662  C C   . PRO A 1 83  ? -10.621 -14.370 -4.290  1.00 24.07 ? 83  PRO A C   1 
ATOM   663  O O   . PRO A 1 83  ? -10.098 -13.331 -4.659  1.00 22.51 ? 83  PRO A O   1 
ATOM   664  C CB  . PRO A 1 83  ? -9.665  -14.941 -2.030  1.00 23.48 ? 83  PRO A CB  1 
ATOM   665  C CG  . PRO A 1 83  ? -8.366  -14.104 -2.009  1.00 24.33 ? 83  PRO A CG  1 
ATOM   666  C CD  . PRO A 1 83  ? -7.429  -14.771 -3.035  1.00 23.12 ? 83  PRO A CD  1 
ATOM   667  N N   . GLN A 1 84  ? -11.906 -14.684 -4.580  1.00 25.15 ? 84  GLN A N   1 
ATOM   668  C CA  . GLN A 1 84  ? -12.831 -13.725 -5.225  1.00 26.30 ? 84  GLN A CA  1 
ATOM   669  C C   . GLN A 1 84  ? -12.354 -12.874 -6.422  1.00 26.49 ? 84  GLN A C   1 
ATOM   670  O O   . GLN A 1 84  ? -12.551 -11.643 -6.461  1.00 28.79 ? 84  GLN A O   1 
ATOM   671  C CB  . GLN A 1 84  ? -13.393 -12.754 -4.185  1.00 26.50 ? 84  GLN A CB  1 
ATOM   672  C CG  . GLN A 1 84  ? -13.915 -13.411 -2.949  1.00 26.52 ? 84  GLN A CG  1 
ATOM   673  C CD  . GLN A 1 84  ? -14.105 -12.409 -1.898  1.00 28.19 ? 84  GLN A CD  1 
ATOM   674  O OE1 . GLN A 1 84  ? -13.202 -11.597 -1.635  1.00 25.45 ? 84  GLN A OE1 1 
ATOM   675  N NE2 . GLN A 1 84  ? -15.274 -12.417 -1.274  1.00 22.40 ? 84  GLN A NE2 1 
ATOM   676  N N   . GLY A 1 85  ? -11.761 -13.460 -7.429  1.00 27.65 ? 85  GLY A N   1 
ATOM   677  C CA  . GLY A 1 85  ? -11.369 -12.555 -8.536  1.00 27.47 ? 85  GLY A CA  1 
ATOM   678  C C   . GLY A 1 85  ? -10.007 -11.822 -8.418  1.00 25.95 ? 85  GLY A C   1 
ATOM   679  O O   . GLY A 1 85  ? -9.608  -11.057 -9.289  1.00 26.80 ? 85  GLY A O   1 
ATOM   680  N N   . ALA A 1 86  ? -9.296  -12.003 -7.318  1.00 24.87 ? 86  ALA A N   1 
ATOM   681  C CA  . ALA A 1 86  ? -7.885  -11.591 -7.305  1.00 22.12 ? 86  ALA A CA  1 
ATOM   682  C C   . ALA A 1 86  ? -7.223  -12.463 -8.396  1.00 21.48 ? 86  ALA A C   1 
ATOM   683  O O   . ALA A 1 86  ? -7.687  -13.609 -8.663  1.00 21.14 ? 86  ALA A O   1 
ATOM   684  C CB  . ALA A 1 86  ? -7.288  -11.840 -5.930  1.00 22.28 ? 86  ALA A CB  1 
ATOM   685  N N   . HIS A 1 87  ? -6.222  -11.907 -9.079  1.00 20.97 ? 87  HIS A N   1 
ATOM   686  C CA  . HIS A 1 87  ? -5.527  -12.589 -10.195 1.00 21.94 ? 87  HIS A CA  1 
ATOM   687  C C   . HIS A 1 87  ? -4.488  -13.626 -9.741  1.00 20.67 ? 87  HIS A C   1 
ATOM   688  O O   . HIS A 1 87  ? -4.323  -14.645 -10.416 1.00 19.06 ? 87  HIS A O   1 
ATOM   689  C CB  . HIS A 1 87  ? -4.881  -11.564 -11.158 1.00 24.41 ? 87  HIS A CB  1 
ATOM   690  C CG  . HIS A 1 87  ? -5.774  -10.389 -11.439 1.00 29.09 ? 87  HIS A CG  1 
ATOM   691  N ND1 . HIS A 1 87  ? -6.806  -10.463 -12.345 1.00 32.52 ? 87  HIS A ND1 1 
ATOM   692  C CD2 . HIS A 1 87  ? -5.861  -9.166  -10.854 1.00 22.94 ? 87  HIS A CD2 1 
ATOM   693  C CE1 . HIS A 1 87  ? -7.465  -9.311  -12.347 1.00 35.99 ? 87  HIS A CE1 1 
ATOM   694  N NE2 . HIS A 1 87  ? -6.906  -8.508  -11.450 1.00 36.84 ? 87  HIS A NE2 1 
ATOM   695  N N   . PHE A 1 88  ? -3.830  -13.353 -8.605  1.00 19.48 ? 88  PHE A N   1 
ATOM   696  C CA  . PHE A 1 88  ? -2.685  -14.141 -8.093  1.00 19.33 ? 88  PHE A CA  1 
ATOM   697  C C   . PHE A 1 88  ? -2.725  -14.372 -6.597  1.00 17.95 ? 88  PHE A C   1 
ATOM   698  O O   . PHE A 1 88  ? -3.236  -13.543 -5.848  1.00 16.76 ? 88  PHE A O   1 
ATOM   699  C CB  . PHE A 1 88  ? -1.333  -13.486 -8.528  1.00 18.03 ? 88  PHE A CB  1 
ATOM   700  C CG  . PHE A 1 88  ? -1.185  -13.434 -10.010 1.00 19.62 ? 88  PHE A CG  1 
ATOM   701  C CD1 . PHE A 1 88  ? -0.844  -14.582 -10.709 1.00 22.22 ? 88  PHE A CD1 1 
ATOM   702  C CD2 . PHE A 1 88  ? -1.492  -12.266 -10.729 1.00 20.26 ? 88  PHE A CD2 1 
ATOM   703  C CE1 . PHE A 1 88  ? -0.765  -14.568 -12.091 1.00 22.31 ? 88  PHE A CE1 1 
ATOM   704  C CE2 . PHE A 1 88  ? -1.415  -12.251 -12.124 1.00 22.05 ? 88  PHE A CE2 1 
ATOM   705  C CZ  . PHE A 1 88  ? -1.072  -13.402 -12.806 1.00 21.40 ? 88  PHE A CZ  1 
ATOM   706  N N   . LEU A 1 89  ? -2.149  -15.479 -6.171  1.00 18.18 ? 89  LEU A N   1 
ATOM   707  C CA  . LEU A 1 89  ? -1.874  -15.750 -4.719  1.00 19.47 ? 89  LEU A CA  1 
ATOM   708  C C   . LEU A 1 89  ? -0.438  -16.209 -4.555  1.00 20.21 ? 89  LEU A C   1 
ATOM   709  O O   . LEU A 1 89  ? -0.014  -17.048 -5.331  1.00 21.25 ? 89  LEU A O   1 
ATOM   710  C CB  . LEU A 1 89  ? -2.749  -16.924 -4.260  1.00 20.48 ? 89  LEU A CB  1 
ATOM   711  C CG  . LEU A 1 89  ? -2.728  -17.545 -2.873  1.00 22.10 ? 89  LEU A CG  1 
ATOM   712  C CD1 . LEU A 1 89  ? -3.427  -16.642 -1.813  1.00 24.06 ? 89  LEU A CD1 1 
ATOM   713  C CD2 . LEU A 1 89  ? -3.456  -18.841 -2.986  1.00 24.42 ? 89  LEU A CD2 1 
ATOM   714  N N   . SER A 1 90  ? 0.261   -15.662 -3.547  1.00 19.40 ? 90  SER A N   1 
ATOM   715  C CA  . SER A 1 90  ? 1.575   -16.103 -3.088  1.00 20.33 ? 90  SER A CA  1 
ATOM   716  C C   . SER A 1 90  ? 1.605   -16.270 -1.568  1.00 20.84 ? 90  SER A C   1 
ATOM   717  O O   . SER A 1 90  ? 0.822   -15.654 -0.829  1.00 19.27 ? 90  SER A O   1 
ATOM   718  C CB  . SER A 1 90  ? 2.666   -15.095 -3.541  1.00 20.41 ? 90  SER A CB  1 
ATOM   719  O OG  . SER A 1 90  ? 2.634   -15.026 -4.961  1.00 22.56 ? 90  SER A OG  1 
ATOM   720  N N   . ARG A 1 91  ? 2.544   -17.070 -1.073  1.00 21.47 ? 91  ARG A N   1 
ATOM   721  C CA  . ARG A 1 91  ? 2.705   -17.232 0.383   1.00 22.88 ? 91  ARG A CA  1 
ATOM   722  C C   . ARG A 1 91  ? 3.406   -16.082 1.070   1.00 24.04 ? 91  ARG A C   1 
ATOM   723  O O   . ARG A 1 91  ? 3.240   -15.900 2.288   1.00 26.15 ? 91  ARG A O   1 
ATOM   724  C CB  . ARG A 1 91  ? 3.503   -18.504 0.669   1.00 24.48 ? 91  ARG A CB  1 
ATOM   725  C CG  . ARG A 1 91  ? 2.811   -19.721 0.176   1.00 25.83 ? 91  ARG A CG  1 
ATOM   726  C CD  . ARG A 1 91  ? 3.747   -20.953 0.257   1.00 33.40 ? 91  ARG A CD  1 
ATOM   727  N NE  . ARG A 1 91  ? 3.026   -21.983 0.983   1.00 41.05 ? 91  ARG A NE  1 
ATOM   728  C CZ  . ARG A 1 91  ? 3.034   -22.119 2.308   1.00 44.54 ? 91  ARG A CZ  1 
ATOM   729  N NH1 . ARG A 1 91  ? 2.299   -23.081 2.844   1.00 47.54 ? 91  ARG A NH1 1 
ATOM   730  N NH2 . ARG A 1 91  ? 3.771   -21.327 3.091   1.00 43.31 ? 91  ARG A NH2 1 
ATOM   731  N N   . SER A 1 92  ? 4.235   -15.327 0.349   1.00 23.67 ? 92  SER A N   1 
ATOM   732  C CA  . SER A 1 92  ? 4.995   -14.219 0.993   1.00 23.70 ? 92  SER A CA  1 
ATOM   733  C C   . SER A 1 92  ? 5.382   -13.232 -0.031  1.00 23.30 ? 92  SER A C   1 
ATOM   734  O O   . SER A 1 92  ? 5.318   -13.563 -1.235  1.00 25.22 ? 92  SER A O   1 
ATOM   735  C CB  . SER A 1 92  ? 6.320   -14.739 1.606   1.00 24.62 ? 92  SER A CB  1 
ATOM   736  O OG  . SER A 1 92  ? 7.145   -15.331 0.588   1.00 22.40 ? 92  SER A OG  1 
ATOM   737  N N   . LEU A 1 93  ? 5.812   -12.036 0.431   1.00 22.21 ? 93  LEU A N   1 
ATOM   738  C CA  . LEU A 1 93  ? 6.327   -11.017 -0.429  1.00 21.79 ? 93  LEU A CA  1 
ATOM   739  C C   . LEU A 1 93  ? 7.455   -11.546 -1.324  1.00 21.73 ? 93  LEU A C   1 
ATOM   740  O O   . LEU A 1 93  ? 7.492   -11.268 -2.521  1.00 21.27 ? 93  LEU A O   1 
ATOM   741  C CB  . LEU A 1 93  ? 6.823   -9.799  0.382   1.00 20.68 ? 93  LEU A CB  1 
ATOM   742  C CG  . LEU A 1 93  ? 7.369   -8.655  -0.470  1.00 21.68 ? 93  LEU A CG  1 
ATOM   743  C CD1 . LEU A 1 93  ? 6.352   -8.219  -1.479  1.00 21.23 ? 93  LEU A CD1 1 
ATOM   744  C CD2 . LEU A 1 93  ? 7.641   -7.458  0.500   1.00 21.78 ? 93  LEU A CD2 1 
ATOM   745  N N   . ASP A 1 94  ? 8.414   -12.261 -0.730  1.00 23.87 ? 94  ASP A N   1 
ATOM   746  C CA  . ASP A 1 94  ? 9.495   -12.843 -1.540  1.00 23.36 ? 94  ASP A CA  1 
ATOM   747  C C   . ASP A 1 94  ? 8.968   -13.724 -2.681  1.00 22.52 ? 94  ASP A C   1 
ATOM   748  O O   . ASP A 1 94  ? 9.419   -13.561 -3.821  1.00 22.24 ? 94  ASP A O   1 
ATOM   749  C CB  . ASP A 1 94  ? 10.534  -13.609 -0.673  1.00 24.90 ? 94  ASP A CB  1 
ATOM   750  C CG  . ASP A 1 94  ? 11.431  -12.676 0.144   1.00 29.71 ? 94  ASP A CG  1 
ATOM   751  O OD1 . ASP A 1 94  ? 11.738  -13.036 1.297   1.00 35.95 ? 94  ASP A OD1 1 
ATOM   752  O OD2 . ASP A 1 94  ? 11.845  -11.595 -0.335  1.00 34.52 ? 94  ASP A OD2 1 
ATOM   753  N N   . ASP A 1 95  ? 8.029   -14.639 -2.377  1.00 22.15 ? 95  ASP A N   1 
ATOM   754  C CA  . ASP A 1 95  ? 7.388   -15.486 -3.412  1.00 22.08 ? 95  ASP A CA  1 
ATOM   755  C C   . ASP A 1 95  ? 6.658   -14.635 -4.464  1.00 20.66 ? 95  ASP A C   1 
ATOM   756  O O   . ASP A 1 95  ? 6.662   -14.952 -5.650  1.00 21.00 ? 95  ASP A O   1 
ATOM   757  C CB  . ASP A 1 95  ? 6.451   -16.552 -2.786  1.00 21.78 ? 95  ASP A CB  1 
ATOM   758  C CG  . ASP A 1 95  ? 7.192   -17.866 -2.335  1.00 28.11 ? 95  ASP A CG  1 
ATOM   759  O OD1 . ASP A 1 95  ? 8.426   -17.870 -2.100  1.00 29.50 ? 95  ASP A OD1 1 
ATOM   760  O OD2 . ASP A 1 95  ? 6.511   -18.907 -2.207  1.00 30.38 ? 95  ASP A OD2 1 
ATOM   761  N N   . ALA A 1 96  ? 6.011   -13.550 -4.005  1.00 19.58 ? 96  ALA A N   1 
ATOM   762  C CA  . ALA A 1 96  ? 5.249   -12.640 -4.903  1.00 18.98 ? 96  ALA A CA  1 
ATOM   763  C C   . ALA A 1 96  ? 6.275   -12.001 -5.826  1.00 20.91 ? 96  ALA A C   1 
ATOM   764  O O   . ALA A 1 96  ? 6.056   -11.973 -7.021  1.00 18.17 ? 96  ALA A O   1 
ATOM   765  C CB  . ALA A 1 96  ? 4.490   -11.570 -4.117  1.00 18.07 ? 96  ALA A CB  1 
ATOM   766  N N   . LEU A 1 97  ? 7.396   -11.527 -5.266  1.00 20.84 ? 97  LEU A N   1 
ATOM   767  C CA  . LEU A 1 97  ? 8.406   -10.843 -6.088  1.00 23.35 ? 97  LEU A CA  1 
ATOM   768  C C   . LEU A 1 97  ? 9.064   -11.849 -7.049  1.00 23.05 ? 97  LEU A C   1 
ATOM   769  O O   . LEU A 1 97  ? 9.325   -11.498 -8.168  1.00 24.47 ? 97  LEU A O   1 
ATOM   770  C CB  . LEU A 1 97  ? 9.416   -10.049 -5.253  1.00 23.16 ? 97  LEU A CB  1 
ATOM   771  C CG  . LEU A 1 97  ? 8.835   -8.831  -4.524  1.00 22.38 ? 97  LEU A CG  1 
ATOM   772  C CD1 . LEU A 1 97  ? 9.871   -8.051  -3.741  1.00 30.04 ? 97  LEU A CD1 1 
ATOM   773  C CD2 . LEU A 1 97  ? 8.109   -7.892  -5.509  1.00 20.54 ? 97  LEU A CD2 1 
ATOM   774  N N   . LYS A 1 98  ? 9.232   -13.095 -6.648  1.00 24.68 ? 98  LYS A N   1 
ATOM   775  C CA  . LYS A 1 98  ? 9.608   -14.158 -7.609  1.00 25.49 ? 98  LYS A CA  1 
ATOM   776  C C   . LYS A 1 98  ? 8.618   -14.338 -8.748  1.00 25.28 ? 98  LYS A C   1 
ATOM   777  O O   . LYS A 1 98  ? 9.011   -14.433 -9.895  1.00 22.92 ? 98  LYS A O   1 
ATOM   778  C CB  . LYS A 1 98  ? 9.804   -15.511 -6.929  1.00 26.45 ? 98  LYS A CB  1 
ATOM   779  C CG  . LYS A 1 98  ? 11.115  -15.731 -6.205  1.00 30.42 ? 98  LYS A CG  1 
ATOM   780  C CD  . LYS A 1 98  ? 11.174  -17.214 -5.709  1.00 34.05 ? 98  LYS A CD  1 
ATOM   781  C CE  . LYS A 1 98  ? 12.401  -17.521 -4.870  1.00 34.51 ? 98  LYS A CE  1 
ATOM   782  N NZ  . LYS A 1 98  ? 12.299  -17.093 -3.444  1.00 40.48 ? 98  LYS A NZ  1 
ATOM   783  N N   . LEU A 1 99  ? 7.311   -14.391 -8.441  1.00 25.57 ? 99  LEU A N   1 
ATOM   784  C CA  . LEU A 1 99  ? 6.295   -14.684 -9.459  1.00 25.38 ? 99  LEU A CA  1 
ATOM   785  C C   . LEU A 1 99  ? 6.352   -13.661 -10.573 1.00 26.71 ? 99  LEU A C   1 
ATOM   786  O O   . LEU A 1 99  ? 6.155   -13.943 -11.764 1.00 26.45 ? 99  LEU A O   1 
ATOM   787  C CB  . LEU A 1 99  ? 4.896   -14.695 -8.804  1.00 25.67 ? 99  LEU A CB  1 
ATOM   788  C CG  . LEU A 1 99  ? 3.737   -15.156 -9.668  1.00 26.43 ? 99  LEU A CG  1 
ATOM   789  C CD1 . LEU A 1 99  ? 3.877   -16.585 -10.130 1.00 30.18 ? 99  LEU A CD1 1 
ATOM   790  C CD2 . LEU A 1 99  ? 2.395   -14.973 -8.889  1.00 24.71 ? 99  LEU A CD2 1 
ATOM   791  N N   . THR A 1 100 ? 6.678   -12.450 -10.158 1.00 28.28 ? 100 THR A N   1 
ATOM   792  C CA  . THR A 1 100 ? 6.885   -11.309 -10.992 1.00 30.15 ? 100 THR A CA  1 
ATOM   793  C C   . THR A 1 100 ? 7.937   -11.551 -12.131 1.00 31.97 ? 100 THR A C   1 
ATOM   794  O O   . THR A 1 100 ? 7.912   -10.870 -13.141 1.00 32.15 ? 100 THR A O   1 
ATOM   795  C CB  . THR A 1 100 ? 7.290   -10.230 -9.976  1.00 31.08 ? 100 THR A CB  1 
ATOM   796  O OG1 . THR A 1 100 ? 6.142   -9.425  -9.559  1.00 31.71 ? 100 THR A OG1 1 
ATOM   797  C CG2 . THR A 1 100 ? 8.521   -9.497  -10.333 1.00 27.24 ? 100 THR A CG2 1 
ATOM   798  N N   . GLU A 1 101 ? 8.800   -12.554 -11.957 1.00 33.87 ? 101 GLU A N   1 
ATOM   799  C CA  . GLU A 1 101 ? 9.862   -12.929 -12.922 1.00 36.14 ? 101 GLU A CA  1 
ATOM   800  C C   . GLU A 1 101 ? 9.448   -14.093 -13.843 1.00 37.44 ? 101 GLU A C   1 
ATOM   801  O O   . GLU A 1 101 ? 9.997   -14.257 -14.934 1.00 39.09 ? 101 GLU A O   1 
ATOM   802  C CB  . GLU A 1 101 ? 11.132  -13.340 -12.176 1.00 37.08 ? 101 GLU A CB  1 
ATOM   803  C CG  . GLU A 1 101 ? 11.833  -12.231 -11.364 1.00 38.26 ? 101 GLU A CG  1 
ATOM   804  C CD  . GLU A 1 101 ? 12.954  -12.786 -10.503 1.00 39.99 ? 101 GLU A CD  1 
ATOM   805  O OE1 . GLU A 1 101 ? 13.957  -12.057 -10.258 1.00 38.56 ? 101 GLU A OE1 1 
ATOM   806  O OE2 . GLU A 1 101 ? 12.833  -13.965 -10.077 1.00 42.19 ? 101 GLU A OE2 1 
ATOM   807  N N   . GLN A 1 102 ? 8.503   -14.910 -13.389 1.00 38.22 ? 102 GLN A N   1 
ATOM   808  C CA  . GLN A 1 102 ? 7.901   -15.970 -14.199 1.00 40.02 ? 102 GLN A CA  1 
ATOM   809  C C   . GLN A 1 102 ? 7.180   -15.409 -15.434 1.00 40.17 ? 102 GLN A C   1 
ATOM   810  O O   . GLN A 1 102 ? 6.732   -14.275 -15.417 1.00 40.83 ? 102 GLN A O   1 
ATOM   811  C CB  . GLN A 1 102 ? 6.938   -16.828 -13.349 1.00 39.60 ? 102 GLN A CB  1 
ATOM   812  C CG  . GLN A 1 102 ? 7.617   -17.547 -12.165 1.00 42.65 ? 102 GLN A CG  1 
ATOM   813  C CD  . GLN A 1 102 ? 8.836   -18.380 -12.584 1.00 44.20 ? 102 GLN A CD  1 
ATOM   814  O OE1 . GLN A 1 102 ? 8.877   -18.954 -13.689 1.00 45.92 ? 102 GLN A OE1 1 
ATOM   815  N NE2 . GLN A 1 102 ? 9.818   -18.468 -11.701 1.00 45.30 ? 102 GLN A NE2 1 
ATOM   816  N N   . PRO A 1 103 ? 7.094   -16.199 -16.516 1.00 41.25 ? 103 PRO A N   1 
ATOM   817  C CA  . PRO A 1 103 ? 6.472   -15.795 -17.799 1.00 41.81 ? 103 PRO A CA  1 
ATOM   818  C C   . PRO A 1 103 ? 5.087   -15.107 -17.744 1.00 42.24 ? 103 PRO A C   1 
ATOM   819  O O   . PRO A 1 103 ? 4.844   -14.185 -18.527 1.00 42.97 ? 103 PRO A O   1 
ATOM   820  C CB  . PRO A 1 103 ? 6.384   -17.130 -18.572 1.00 41.57 ? 103 PRO A CB  1 
ATOM   821  C CG  . PRO A 1 103 ? 7.568   -17.885 -18.081 1.00 40.96 ? 103 PRO A CG  1 
ATOM   822  C CD  . PRO A 1 103 ? 7.737   -17.526 -16.625 1.00 40.92 ? 103 PRO A CD  1 
ATOM   823  N N   . GLU A 1 104 ? 4.191   -15.536 -16.855 1.00 42.21 ? 104 GLU A N   1 
ATOM   824  C CA  . GLU A 1 104 ? 2.856   -14.924 -16.768 1.00 42.05 ? 104 GLU A CA  1 
ATOM   825  C C   . GLU A 1 104 ? 2.831   -13.449 -16.363 1.00 40.96 ? 104 GLU A C   1 
ATOM   826  O O   . GLU A 1 104 ? 1.875   -12.730 -16.709 1.00 41.66 ? 104 GLU A O   1 
ATOM   827  C CB  . GLU A 1 104 ? 1.960   -15.687 -15.805 1.00 42.92 ? 104 GLU A CB  1 
ATOM   828  C CG  . GLU A 1 104 ? 0.586   -15.074 -15.679 1.00 44.77 ? 104 GLU A CG  1 
ATOM   829  C CD  . GLU A 1 104 ? -0.500  -15.971 -16.170 1.00 49.63 ? 104 GLU A CD  1 
ATOM   830  O OE1 . GLU A 1 104 ? -0.427  -16.421 -17.347 1.00 51.31 ? 104 GLU A OE1 1 
ATOM   831  O OE2 . GLU A 1 104 ? -1.445  -16.222 -15.376 1.00 49.88 ? 104 GLU A OE2 1 
ATOM   832  N N   . LEU A 1 105 ? 3.845   -13.005 -15.611 1.00 39.01 ? 105 LEU A N   1 
ATOM   833  C CA  . LEU A 1 105 ? 3.878   -11.642 -15.050 1.00 36.91 ? 105 LEU A CA  1 
ATOM   834  C C   . LEU A 1 105 ? 5.055   -10.768 -15.534 1.00 36.64 ? 105 LEU A C   1 
ATOM   835  O O   . LEU A 1 105 ? 5.013   -9.561  -15.406 1.00 35.49 ? 105 LEU A O   1 
ATOM   836  C CB  . LEU A 1 105 ? 3.883   -11.692 -13.514 1.00 36.16 ? 105 LEU A CB  1 
ATOM   837  C CG  . LEU A 1 105 ? 2.565   -11.873 -12.735 1.00 35.19 ? 105 LEU A CG  1 
ATOM   838  C CD1 . LEU A 1 105 ? 2.828   -11.652 -11.301 1.00 32.51 ? 105 LEU A CD1 1 
ATOM   839  C CD2 . LEU A 1 105 ? 1.470   -10.915 -13.241 1.00 32.83 ? 105 LEU A CD2 1 
ATOM   840  N N   . ALA A 1 106 ? 6.080   -11.407 -16.102 1.00 36.18 ? 106 ALA A N   1 
ATOM   841  C CA  . ALA A 1 106 ? 7.318   -10.756 -16.547 1.00 36.73 ? 106 ALA A CA  1 
ATOM   842  C C   . ALA A 1 106 ? 7.127   -9.489  -17.396 1.00 37.25 ? 106 ALA A C   1 
ATOM   843  O O   . ALA A 1 106 ? 7.754   -8.467  -17.153 1.00 37.93 ? 106 ALA A O   1 
ATOM   844  C CB  . ALA A 1 106 ? 8.190   -11.777 -17.320 1.00 36.53 ? 106 ALA A CB  1 
ATOM   845  N N   . ASN A 1 107 ? 6.294   -9.542  -18.416 1.00 37.83 ? 107 ASN A N   1 
ATOM   846  C CA  . ASN A 1 107 ? 6.193   -8.341  -19.237 1.00 38.93 ? 107 ASN A CA  1 
ATOM   847  C C   . ASN A 1 107 ? 4.851   -7.703  -19.002 1.00 37.81 ? 107 ASN A C   1 
ATOM   848  O O   . ASN A 1 107 ? 4.208   -7.207  -19.941 1.00 38.30 ? 107 ASN A O   1 
ATOM   849  C CB  . ASN A 1 107 ? 6.451   -8.650  -20.724 1.00 39.79 ? 107 ASN A CB  1 
ATOM   850  C CG  . ASN A 1 107 ? 7.593   -9.636  -20.923 1.00 44.15 ? 107 ASN A CG  1 
ATOM   851  O OD1 . ASN A 1 107 ? 7.365   -10.764 -21.382 1.00 49.80 ? 107 ASN A OD1 1 
ATOM   852  N ND2 . ASN A 1 107 ? 8.820   -9.239  -20.550 1.00 43.92 ? 107 ASN A ND2 1 
ATOM   853  N N   . LYS A 1 108 ? 4.431   -7.712  -17.735 1.00 34.68 ? 108 LYS A N   1 
ATOM   854  C CA  . LYS A 1 108 ? 3.094   -7.251  -17.403 1.00 33.14 ? 108 LYS A CA  1 
ATOM   855  C C   . LYS A 1 108 ? 3.033   -6.197  -16.278 1.00 30.28 ? 108 LYS A C   1 
ATOM   856  O O   . LYS A 1 108 ? 2.087   -5.436  -16.238 1.00 29.66 ? 108 LYS A O   1 
ATOM   857  C CB  . LYS A 1 108 ? 2.203   -8.463  -17.095 1.00 33.87 ? 108 LYS A CB  1 
ATOM   858  C CG  . LYS A 1 108 ? 1.604   -9.132  -18.342 1.00 37.45 ? 108 LYS A CG  1 
ATOM   859  C CD  . LYS A 1 108 ? 0.335   -9.928  -17.994 1.00 42.46 ? 108 LYS A CD  1 
ATOM   860  C CE  . LYS A 1 108 ? -0.850  -9.509  -18.898 1.00 47.21 ? 108 LYS A CE  1 
ATOM   861  N NZ  . LYS A 1 108 ? -2.043  -10.458 -18.857 1.00 48.02 ? 108 LYS A NZ  1 
ATOM   862  N N   . VAL A 1 109 ? 4.053   -6.153  -15.405 1.00 26.58 ? 109 VAL A N   1 
ATOM   863  C CA  . VAL A 1 109 ? 4.020   -5.368  -14.190 1.00 23.67 ? 109 VAL A CA  1 
ATOM   864  C C   . VAL A 1 109 ? 5.048   -4.216  -14.212 1.00 23.32 ? 109 VAL A C   1 
ATOM   865  O O   . VAL A 1 109 ? 6.271   -4.438  -14.474 1.00 20.35 ? 109 VAL A O   1 
ATOM   866  C CB  . VAL A 1 109 ? 4.387   -6.263  -12.990 1.00 22.21 ? 109 VAL A CB  1 
ATOM   867  C CG1 . VAL A 1 109 ? 4.549   -5.390  -11.711 1.00 20.20 ? 109 VAL A CG1 1 
ATOM   868  C CG2 . VAL A 1 109 ? 3.381   -7.442  -12.847 1.00 21.40 ? 109 VAL A CG2 1 
ATOM   869  N N   . ASP A 1 110 ? 4.573   -2.994  -13.932 1.00 22.12 ? 110 ASP A N   1 
ATOM   870  C CA  . ASP A 1 110 ? 5.471   -1.866  -13.680 1.00 22.32 ? 110 ASP A CA  1 
ATOM   871  C C   . ASP A 1 110 ? 5.795   -1.723  -12.179 1.00 22.22 ? 110 ASP A C   1 
ATOM   872  O O   . ASP A 1 110 ? 6.617   -2.445  -11.635 1.00 21.95 ? 110 ASP A O   1 
ATOM   873  C CB  . ASP A 1 110 ? 4.895   -0.546  -14.275 1.00 23.86 ? 110 ASP A CB  1 
ATOM   874  C CG  . ASP A 1 110 ? 5.840   0.634   -14.103 1.00 25.27 ? 110 ASP A CG  1 
ATOM   875  O OD1 . ASP A 1 110 ? 5.396   1.808   -14.160 1.00 26.38 ? 110 ASP A OD1 1 
ATOM   876  O OD2 . ASP A 1 110 ? 7.023   0.405   -13.834 1.00 29.44 ? 110 ASP A OD2 1 
ATOM   877  N N   . MET A 1 111 ? 5.143   -0.792  -11.474 1.00 21.25 ? 111 MET A N   1 
ATOM   878  C CA  . MET A 1 111 ? 5.483   -0.590  -10.100 1.00 19.07 ? 111 MET A CA  1 
ATOM   879  C C   . MET A 1 111 ? 4.849   -1.660  -9.207  1.00 18.30 ? 111 MET A C   1 
ATOM   880  O O   . MET A 1 111 ? 3.798   -2.197  -9.535  1.00 18.23 ? 111 MET A O   1 
ATOM   881  C CB  . MET A 1 111 ? 5.064   0.836   -9.579  1.00 20.15 ? 111 MET A CB  1 
ATOM   882  C CG  . MET A 1 111 ? 5.393   2.022   -10.484 1.00 25.06 ? 111 MET A CG  1 
ATOM   883  S SD  . MET A 1 111 ? 5.140   3.586   -9.557  1.00 32.01 ? 111 MET A SD  1 
ATOM   884  C CE  . MET A 1 111 ? 6.573   3.591   -8.519  1.00 20.21 ? 111 MET A CE  1 
ATOM   885  N N   . VAL A 1 112 ? 5.429   -1.914  -8.031  1.00 17.09 ? 112 VAL A N   1 
ATOM   886  C CA  . VAL A 1 112 ? 4.677   -2.657  -7.051  1.00 17.39 ? 112 VAL A CA  1 
ATOM   887  C C   . VAL A 1 112 ? 4.290   -1.880  -5.807  1.00 17.03 ? 112 VAL A C   1 
ATOM   888  O O   . VAL A 1 112 ? 5.066   -1.072  -5.272  1.00 15.92 ? 112 VAL A O   1 
ATOM   889  C CB  . VAL A 1 112 ? 5.143   -4.163  -6.830  1.00 19.75 ? 112 VAL A CB  1 
ATOM   890  C CG1 . VAL A 1 112 ? 6.242   -4.640  -7.772  1.00 17.75 ? 112 VAL A CG1 1 
ATOM   891  C CG2 . VAL A 1 112 ? 5.090   -4.712  -5.356  1.00 16.98 ? 112 VAL A CG2 1 
ATOM   892  N N   . TRP A 1 113 ? 3.030   -2.049  -5.421  1.00 15.12 ? 113 TRP A N   1 
ATOM   893  C CA  . TRP A 1 113 ? 2.515   -1.252  -4.328  1.00 14.91 ? 113 TRP A CA  1 
ATOM   894  C C   . TRP A 1 113 ? 2.018   -2.221  -3.269  1.00 14.13 ? 113 TRP A C   1 
ATOM   895  O O   . TRP A 1 113 ? 1.103   -3.026  -3.515  1.00 15.89 ? 113 TRP A O   1 
ATOM   896  C CB  . TRP A 1 113 ? 1.366   -0.315  -4.799  1.00 15.42 ? 113 TRP A CB  1 
ATOM   897  C CG  . TRP A 1 113 ? 1.780   0.807   -5.674  1.00 14.48 ? 113 TRP A CG  1 
ATOM   898  C CD1 . TRP A 1 113 ? 1.805   0.804   -7.028  1.00 13.87 ? 113 TRP A CD1 1 
ATOM   899  C CD2 . TRP A 1 113 ? 2.150   2.120   -5.254  1.00 15.08 ? 113 TRP A CD2 1 
ATOM   900  N NE1 . TRP A 1 113 ? 2.215   2.055   -7.494  1.00 14.10 ? 113 TRP A NE1 1 
ATOM   901  C CE2 . TRP A 1 113 ? 2.434   2.870   -6.417  1.00 16.07 ? 113 TRP A CE2 1 
ATOM   902  C CE3 . TRP A 1 113 ? 2.289   2.731   -3.994  1.00 17.89 ? 113 TRP A CE3 1 
ATOM   903  C CZ2 . TRP A 1 113 ? 2.849   4.207   -6.362  1.00 17.85 ? 113 TRP A CZ2 1 
ATOM   904  C CZ3 . TRP A 1 113 ? 2.705   4.074   -3.934  1.00 17.32 ? 113 TRP A CZ3 1 
ATOM   905  C CH2 . TRP A 1 113 ? 2.958   4.793   -5.125  1.00 20.47 ? 113 TRP A CH2 1 
ATOM   906  N N   . ILE A 1 114 ? 2.663   -2.186  -2.111  1.00 14.05 ? 114 ILE A N   1 
ATOM   907  C CA  . ILE A 1 114 ? 2.190   -2.896  -0.964  1.00 13.81 ? 114 ILE A CA  1 
ATOM   908  C C   . ILE A 1 114 ? 1.093   -2.069  -0.265  1.00 14.86 ? 114 ILE A C   1 
ATOM   909  O O   . ILE A 1 114 ? 1.306   -0.901  0.156   1.00 15.31 ? 114 ILE A O   1 
ATOM   910  C CB  . ILE A 1 114 ? 3.399   -3.213  -0.028  1.00 15.55 ? 114 ILE A CB  1 
ATOM   911  C CG1 . ILE A 1 114 ? 4.274   -4.285  -0.744  1.00 16.81 ? 114 ILE A CG1 1 
ATOM   912  C CG2 . ILE A 1 114 ? 2.850   -3.648  1.341   1.00 15.84 ? 114 ILE A CG2 1 
ATOM   913  C CD1 . ILE A 1 114 ? 5.663   -4.318  -0.262  1.00 22.11 ? 114 ILE A CD1 1 
ATOM   914  N N   . VAL A 1 115 ? -0.095  -2.662  -0.118  1.00 12.88 ? 115 VAL A N   1 
ATOM   915  C CA  . VAL A 1 115 ? -1.230  -1.839  0.372   1.00 14.68 ? 115 VAL A CA  1 
ATOM   916  C C   . VAL A 1 115 ? -1.778  -2.255  1.751   1.00 15.04 ? 115 VAL A C   1 
ATOM   917  O O   . VAL A 1 115 ? -2.747  -1.646  2.236   1.00 16.84 ? 115 VAL A O   1 
ATOM   918  C CB  . VAL A 1 115 ? -2.368  -1.764  -0.639  1.00 14.37 ? 115 VAL A CB  1 
ATOM   919  C CG1 . VAL A 1 115 ? -1.898  -1.237  -2.017  1.00 16.35 ? 115 VAL A CG1 1 
ATOM   920  C CG2 . VAL A 1 115 ? -2.946  -3.095  -0.838  1.00 14.57 ? 115 VAL A CG2 1 
ATOM   921  N N   . GLY A 1 116 ? -1.135  -3.229  2.382   1.00 15.22 ? 116 GLY A N   1 
ATOM   922  C CA  . GLY A 1 116 ? -1.449  -3.691  3.760   1.00 17.53 ? 116 GLY A CA  1 
ATOM   923  C C   . GLY A 1 116 ? -1.648  -5.200  3.833   1.00 17.89 ? 116 GLY A C   1 
ATOM   924  O O   . GLY A 1 116 ? -1.710  -5.869  2.779   1.00 17.83 ? 116 GLY A O   1 
ATOM   925  N N   . GLY A 1 117 ? -1.781  -5.757  5.045   1.00 17.38 ? 117 GLY A N   1 
ATOM   926  C CA  . GLY A 1 117 ? -1.953  -4.981  6.279   1.00 16.26 ? 117 GLY A CA  1 
ATOM   927  C C   . GLY A 1 117 ? -0.652  -4.979  7.059   1.00 17.40 ? 117 GLY A C   1 
ATOM   928  O O   . GLY A 1 117 ? 0.432   -4.935  6.468   1.00 14.39 ? 117 GLY A O   1 
ATOM   929  N N   . SER A 1 118 ? -0.774  -4.974  8.383   1.00 17.62 ? 118 SER A N   1 
ATOM   930  C CA  . SER A 1 118 ? 0.418   -4.812  9.264   1.00 19.67 ? 118 SER A CA  1 
ATOM   931  C C   . SER A 1 118 ? 1.563   -5.834  8.950   1.00 20.50 ? 118 SER A C   1 
ATOM   932  O O   . SER A 1 118 ? 2.703   -5.405  8.809   1.00 20.73 ? 118 SER A O   1 
ATOM   933  C CB  . SER A 1 118 ? -0.044  -4.844  10.734  1.00 21.33 ? 118 SER A CB  1 
ATOM   934  O OG  . SER A 1 118 ? 1.015   -5.044  11.648  1.00 23.90 ? 118 SER A OG  1 
ATOM   935  N N   . SER A 1 119 ? 1.281   -7.151  8.872   1.00 20.31 ? 119 SER A N   1 
ATOM   936  C CA  . SER A 1 119 ? 2.336   -8.164  8.662   1.00 22.62 ? 119 SER A CA  1 
ATOM   937  C C   . SER A 1 119 ? 3.004   -8.022  7.265   1.00 21.15 ? 119 SER A C   1 
ATOM   938  O O   . SER A 1 119 ? 4.208   -8.180  7.092   1.00 22.39 ? 119 SER A O   1 
ATOM   939  C CB  . SER A 1 119 ? 1.741   -9.548  8.790   1.00 23.82 ? 119 SER A CB  1 
ATOM   940  O OG  . SER A 1 119 ? 0.649   -9.578  7.910   1.00 30.58 ? 119 SER A OG  1 
ATOM   941  N N   . VAL A 1 120 ? 2.223   -7.590  6.299   1.00 18.81 ? 120 VAL A N   1 
ATOM   942  C CA  . VAL A 1 120 ? 2.764   -7.301  4.983   1.00 18.83 ? 120 VAL A CA  1 
ATOM   943  C C   . VAL A 1 120 ? 3.675   -6.076  4.948   1.00 16.26 ? 120 VAL A C   1 
ATOM   944  O O   . VAL A 1 120 ? 4.757   -6.140  4.398   1.00 16.07 ? 120 VAL A O   1 
ATOM   945  C CB  . VAL A 1 120 ? 1.657   -7.146  3.930   1.00 16.47 ? 120 VAL A CB  1 
ATOM   946  C CG1 . VAL A 1 120 ? 2.333   -7.062  2.531   1.00 22.52 ? 120 VAL A CG1 1 
ATOM   947  C CG2 . VAL A 1 120 ? 0.820   -8.362  3.943   1.00 16.52 ? 120 VAL A CG2 1 
ATOM   948  N N   . TYR A 1 121 ? 3.274   -5.004  5.601   1.00 16.18 ? 121 TYR A N   1 
ATOM   949  C CA  . TYR A 1 121 ? 4.131   -3.843  5.732   1.00 17.85 ? 121 TYR A CA  1 
ATOM   950  C C   . TYR A 1 121 ? 5.447   -4.190  6.481   1.00 18.38 ? 121 TYR A C   1 
ATOM   951  O O   . TYR A 1 121 ? 6.527   -3.742  6.092   1.00 18.31 ? 121 TYR A O   1 
ATOM   952  C CB  . TYR A 1 121 ? 3.402   -2.777  6.541   1.00 17.59 ? 121 TYR A CB  1 
ATOM   953  C CG  . TYR A 1 121 ? 2.250   -2.037  5.826   1.00 17.77 ? 121 TYR A CG  1 
ATOM   954  C CD1 . TYR A 1 121 ? 1.053   -1.741  6.531   1.00 14.19 ? 121 TYR A CD1 1 
ATOM   955  C CD2 . TYR A 1 121 ? 2.361   -1.616  4.510   1.00 17.07 ? 121 TYR A CD2 1 
ATOM   956  C CE1 . TYR A 1 121 ? 0.008   -1.043  5.938   1.00 18.48 ? 121 TYR A CE1 1 
ATOM   957  C CE2 . TYR A 1 121 ? 1.287   -0.961  3.866   1.00 15.51 ? 121 TYR A CE2 1 
ATOM   958  C CZ  . TYR A 1 121 ? 0.129   -0.645  4.614   1.00 17.42 ? 121 TYR A CZ  1 
ATOM   959  O OH  . TYR A 1 121 ? -0.924  0.053   4.020   1.00 16.05 ? 121 TYR A OH  1 
ATOM   960  N N   . LYS A 1 122 ? 5.333   -5.017  7.524   1.00 20.74 ? 122 LYS A N   1 
ATOM   961  C CA  . LYS A 1 122 ? 6.537   -5.446  8.295   1.00 23.29 ? 122 LYS A CA  1 
ATOM   962  C C   . LYS A 1 122 ? 7.490   -6.180  7.328   1.00 24.10 ? 122 LYS A C   1 
ATOM   963  O O   . LYS A 1 122 ? 8.700   -5.841  7.276   1.00 25.61 ? 122 LYS A O   1 
ATOM   964  C CB  . LYS A 1 122 ? 6.163   -6.319  9.499   1.00 24.94 ? 122 LYS A CB  1 
ATOM   965  C CG  . LYS A 1 122 ? 7.397   -6.791  10.428  1.00 28.75 ? 122 LYS A CG  1 
ATOM   966  C CD  . LYS A 1 122 ? 7.618   -5.906  11.690  1.00 35.26 ? 122 LYS A CD  1 
ATOM   967  C CE  . LYS A 1 122 ? 8.876   -6.361  12.541  1.00 37.51 ? 122 LYS A CE  1 
ATOM   968  N NZ  . LYS A 1 122 ? 8.710   -6.246  14.066  1.00 38.43 ? 122 LYS A NZ  1 
ATOM   969  N N   . GLU A 1 123 ? 6.945   -7.115  6.538   1.00 24.59 ? 123 GLU A N   1 
ATOM   970  C CA  . GLU A 1 123 ? 7.716   -7.860  5.514   1.00 25.98 ? 123 GLU A CA  1 
ATOM   971  C C   . GLU A 1 123 ? 8.424   -6.918  4.544   1.00 26.23 ? 123 GLU A C   1 
ATOM   972  O O   . GLU A 1 123 ? 9.584   -7.114  4.216   1.00 27.35 ? 123 GLU A O   1 
ATOM   973  C CB  . GLU A 1 123 ? 6.847   -8.746  4.655   1.00 28.11 ? 123 GLU A CB  1 
ATOM   974  C CG  . GLU A 1 123 ? 6.395   -10.042 5.211   1.00 32.36 ? 123 GLU A CG  1 
ATOM   975  C CD  . GLU A 1 123 ? 6.426   -11.108 4.139   1.00 39.88 ? 123 GLU A CD  1 
ATOM   976  O OE1 . GLU A 1 123 ? 5.366   -11.693 3.825   1.00 39.47 ? 123 GLU A OE1 1 
ATOM   977  O OE2 . GLU A 1 123 ? 7.534   -11.351 3.603   1.00 42.80 ? 123 GLU A OE2 1 
ATOM   978  N N   . ALA A 1 124 ? 7.717   -5.910  4.052   1.00 25.04 ? 124 ALA A N   1 
ATOM   979  C CA  . ALA A 1 124 ? 8.316   -4.992  3.115   1.00 25.22 ? 124 ALA A CA  1 
ATOM   980  C C   . ALA A 1 124 ? 9.406   -4.161  3.777   1.00 25.98 ? 124 ALA A C   1 
ATOM   981  O O   . ALA A 1 124 ? 10.485  -4.054  3.230   1.00 26.41 ? 124 ALA A O   1 
ATOM   982  C CB  . ALA A 1 124 ? 7.250   -4.081  2.502   1.00 25.21 ? 124 ALA A CB  1 
ATOM   983  N N   . MET A 1 125 ? 9.115   -3.582  4.937   1.00 26.95 ? 125 MET A N   1 
ATOM   984  C CA  . MET A 1 125 ? 10.114  -2.849  5.738   1.00 30.28 ? 125 MET A CA  1 
ATOM   985  C C   . MET A 1 125 ? 11.361  -3.724  5.998   1.00 31.22 ? 125 MET A C   1 
ATOM   986  O O   . MET A 1 125 ? 12.484  -3.213  6.026   1.00 30.09 ? 125 MET A O   1 
ATOM   987  C CB  . MET A 1 125 ? 9.515   -2.395  7.064   1.00 31.03 ? 125 MET A CB  1 
ATOM   988  C CG  . MET A 1 125 ? 9.440   -0.900  7.280   1.00 36.64 ? 125 MET A CG  1 
ATOM   989  S SD  . MET A 1 125 ? 7.766   -0.269  7.337   1.00 47.80 ? 125 MET A SD  1 
ATOM   990  C CE  . MET A 1 125 ? 8.183   1.425   7.729   1.00 47.32 ? 125 MET A CE  1 
ATOM   991  N N   . ASN A 1 126 ? 11.155  -5.036  6.149   1.00 31.31 ? 126 ASN A N   1 
ATOM   992  C CA  . ASN A 1 126 ? 12.265  -5.997  6.379   1.00 32.45 ? 126 ASN A CA  1 
ATOM   993  C C   . ASN A 1 126 ? 12.980  -6.459  5.091   1.00 32.36 ? 126 ASN A C   1 
ATOM   994  O O   . ASN A 1 126 ? 14.031  -7.107  5.137   1.00 32.07 ? 126 ASN A O   1 
ATOM   995  C CB  . ASN A 1 126 ? 11.731  -7.216  7.136   1.00 33.86 ? 126 ASN A CB  1 
ATOM   996  C CG  . ASN A 1 126 ? 11.649  -6.972  8.652   1.00 36.66 ? 126 ASN A CG  1 
ATOM   997  O OD1 . ASN A 1 126 ? 12.393  -6.146  9.203   1.00 38.51 ? 126 ASN A OD1 1 
ATOM   998  N ND2 . ASN A 1 126 ? 10.753  -7.693  9.326   1.00 37.64 ? 126 ASN A ND2 1 
ATOM   999  N N   . HIS A 1 127 ? 12.398  -6.096  3.953   1.00 31.94 ? 127 HIS A N   1 
ATOM   1000 C CA  . HIS A 1 127 ? 12.912  -6.469  2.641   1.00 32.98 ? 127 HIS A CA  1 
ATOM   1001 C C   . HIS A 1 127 ? 14.131  -5.617  2.298   1.00 32.86 ? 127 HIS A C   1 
ATOM   1002 O O   . HIS A 1 127 ? 14.075  -4.386  2.355   1.00 31.96 ? 127 HIS A O   1 
ATOM   1003 C CB  . HIS A 1 127 ? 11.847  -6.288  1.550   1.00 32.34 ? 127 HIS A CB  1 
ATOM   1004 C CG  . HIS A 1 127 ? 12.304  -6.753  0.208   1.00 35.60 ? 127 HIS A CG  1 
ATOM   1005 N ND1 . HIS A 1 127 ? 12.815  -5.891  -0.742  1.00 37.08 ? 127 HIS A ND1 1 
ATOM   1006 C CD2 . HIS A 1 127 ? 12.394  -8.001  -0.320  1.00 35.91 ? 127 HIS A CD2 1 
ATOM   1007 C CE1 . HIS A 1 127 ? 13.185  -6.585  -1.802  1.00 36.89 ? 127 HIS A CE1 1 
ATOM   1008 N NE2 . HIS A 1 127 ? 12.947  -7.867  -1.568  1.00 37.81 ? 127 HIS A NE2 1 
ATOM   1009 N N   . PRO A 1 128 ? 15.230  -6.278  1.896   1.00 34.14 ? 128 PRO A N   1 
ATOM   1010 C CA  . PRO A 1 128 ? 16.457  -5.481  1.706   1.00 32.73 ? 128 PRO A CA  1 
ATOM   1011 C C   . PRO A 1 128 ? 16.354  -4.512  0.516   1.00 31.29 ? 128 PRO A C   1 
ATOM   1012 O O   . PRO A 1 128 ? 15.816  -4.871  -0.549  1.00 31.91 ? 128 PRO A O   1 
ATOM   1013 C CB  . PRO A 1 128 ? 17.531  -6.560  1.456   1.00 32.66 ? 128 PRO A CB  1 
ATOM   1014 C CG  . PRO A 1 128 ? 16.724  -7.720  0.800   1.00 35.51 ? 128 PRO A CG  1 
ATOM   1015 C CD  . PRO A 1 128 ? 15.462  -7.728  1.670   1.00 32.94 ? 128 PRO A CD  1 
ATOM   1016 N N   . GLY A 1 129 ? 16.831  -3.281  0.702   1.00 29.80 ? 129 GLY A N   1 
ATOM   1017 C CA  . GLY A 1 129 ? 17.104  -2.413  -0.459  1.00 29.54 ? 129 GLY A CA  1 
ATOM   1018 C C   . GLY A 1 129 ? 16.028  -1.334  -0.622  1.00 28.66 ? 129 GLY A C   1 
ATOM   1019 O O   . GLY A 1 129 ? 15.403  -0.945  0.379   1.00 27.79 ? 129 GLY A O   1 
ATOM   1020 N N   . HIS A 1 130 ? 15.819  -0.853  -1.845  1.00 26.42 ? 130 HIS A N   1 
ATOM   1021 C CA  . HIS A 1 130 ? 15.078  0.393   -1.994  1.00 26.38 ? 130 HIS A CA  1 
ATOM   1022 C C   . HIS A 1 130 ? 13.603  0.188   -1.733  1.00 24.61 ? 130 HIS A C   1 
ATOM   1023 O O   . HIS A 1 130 ? 12.990  -0.809  -2.150  1.00 23.41 ? 130 HIS A O   1 
ATOM   1024 C CB  . HIS A 1 130 ? 15.325  1.124   -3.334  1.00 28.54 ? 130 HIS A CB  1 
ATOM   1025 C CG  . HIS A 1 130 ? 14.313  2.202   -3.620  1.00 32.62 ? 130 HIS A CG  1 
ATOM   1026 N ND1 . HIS A 1 130 ? 14.520  3.534   -3.321  1.00 33.82 ? 130 HIS A ND1 1 
ATOM   1027 C CD2 . HIS A 1 130 ? 13.074  2.134   -4.171  1.00 36.47 ? 130 HIS A CD2 1 
ATOM   1028 C CE1 . HIS A 1 130 ? 13.458  4.237   -3.685  1.00 36.55 ? 130 HIS A CE1 1 
ATOM   1029 N NE2 . HIS A 1 130 ? 12.567  3.413   -4.201  1.00 39.28 ? 130 HIS A NE2 1 
ATOM   1030 N N   . LEU A 1 131 ? 13.048  1.133   -1.005  1.00 23.63 ? 131 LEU A N   1 
ATOM   1031 C CA  . LEU A 1 131 ? 11.616  1.126   -0.740  1.00 21.95 ? 131 LEU A CA  1 
ATOM   1032 C C   . LEU A 1 131 ? 11.210  2.583   -0.519  1.00 22.14 ? 131 LEU A C   1 
ATOM   1033 O O   . LEU A 1 131 ? 11.932  3.307   0.173   1.00 20.59 ? 131 LEU A O   1 
ATOM   1034 C CB  . LEU A 1 131 ? 11.320  0.254   0.485   1.00 23.59 ? 131 LEU A CB  1 
ATOM   1035 C CG  . LEU A 1 131 ? 9.834   0.094   0.822   1.00 21.48 ? 131 LEU A CG  1 
ATOM   1036 C CD1 . LEU A 1 131 ? 9.115   -0.641  -0.278  1.00 20.73 ? 131 LEU A CD1 1 
ATOM   1037 C CD2 . LEU A 1 131 ? 9.643   -0.585  2.170   1.00 23.65 ? 131 LEU A CD2 1 
ATOM   1038 N N   . LYS A 1 132 ? 10.091  2.998   -1.143  1.00 21.18 ? 132 LYS A N   1 
ATOM   1039 C CA  . LYS A 1 132 ? 9.527   4.345   -1.053  1.00 21.52 ? 132 LYS A CA  1 
ATOM   1040 C C   . LYS A 1 132 ? 8.245   4.129   -0.254  1.00 22.67 ? 132 LYS A C   1 
ATOM   1041 O O   . LYS A 1 132 ? 7.495   3.173   -0.551  1.00 21.05 ? 132 LYS A O   1 
ATOM   1042 C CB  . LYS A 1 132 ? 9.147   4.848   -2.452  1.00 22.75 ? 132 LYS A CB  1 
ATOM   1043 C CG  . LYS A 1 132 ? 9.073   6.391   -2.642  1.00 23.78 ? 132 LYS A CG  1 
ATOM   1044 C CD  . LYS A 1 132 ? 8.801   6.761   -4.080  1.00 26.65 ? 132 LYS A CD  1 
ATOM   1045 C CE  . LYS A 1 132 ? 10.023  7.269   -4.837  1.00 28.06 ? 132 LYS A CE  1 
ATOM   1046 N NZ  . LYS A 1 132 ? 9.683   7.403   -6.282  1.00 28.68 ? 132 LYS A NZ  1 
ATOM   1047 N N   . LEU A 1 133 ? 8.025   4.977   0.737   1.00 20.74 ? 133 LEU A N   1 
ATOM   1048 C CA  . LEU A 1 133 ? 6.824   4.864   1.576   1.00 21.02 ? 133 LEU A CA  1 
ATOM   1049 C C   . LEU A 1 133 ? 5.980   6.078   1.349   1.00 19.44 ? 133 LEU A C   1 
ATOM   1050 O O   . LEU A 1 133 ? 6.467   7.245   1.448   1.00 20.36 ? 133 LEU A O   1 
ATOM   1051 C CB  . LEU A 1 133 ? 7.252   4.839   3.042   1.00 21.11 ? 133 LEU A CB  1 
ATOM   1052 C CG  . LEU A 1 133 ? 7.543   3.697   4.004   1.00 25.90 ? 133 LEU A CG  1 
ATOM   1053 C CD1 . LEU A 1 133 ? 8.018   2.401   3.391   1.00 24.52 ? 133 LEU A CD1 1 
ATOM   1054 C CD2 . LEU A 1 133 ? 8.503   4.152   5.097   1.00 26.57 ? 133 LEU A CD2 1 
ATOM   1055 N N   . PHE A 1 134 ? 4.720   5.863   1.019   1.00 16.69 ? 134 PHE A N   1 
ATOM   1056 C CA  . PHE A 1 134 ? 3.879   7.020   0.804   1.00 14.51 ? 134 PHE A CA  1 
ATOM   1057 C C   . PHE A 1 134 ? 2.995   6.964   2.011   1.00 14.64 ? 134 PHE A C   1 
ATOM   1058 O O   . PHE A 1 134 ? 2.195   6.009   2.127   1.00 13.88 ? 134 PHE A O   1 
ATOM   1059 C CB  . PHE A 1 134 ? 3.102   6.868   -0.512  1.00 14.95 ? 134 PHE A CB  1 
ATOM   1060 C CG  . PHE A 1 134 ? 3.950   7.158   -1.739  1.00 14.66 ? 134 PHE A CG  1 
ATOM   1061 C CD1 . PHE A 1 134 ? 4.853   6.214   -2.225  1.00 16.67 ? 134 PHE A CD1 1 
ATOM   1062 C CD2 . PHE A 1 134 ? 3.776   8.348   -2.434  1.00 15.45 ? 134 PHE A CD2 1 
ATOM   1063 C CE1 . PHE A 1 134 ? 5.632   6.511   -3.399  1.00 15.11 ? 134 PHE A CE1 1 
ATOM   1064 C CE2 . PHE A 1 134 ? 4.544   8.636   -3.593  1.00 14.75 ? 134 PHE A CE2 1 
ATOM   1065 C CZ  . PHE A 1 134 ? 5.456   7.718   -4.053  1.00 21.53 ? 134 PHE A CZ  1 
ATOM   1066 N N   . VAL A 1 135 ? 3.141   7.970   2.897   1.00 13.38 ? 135 VAL A N   1 
ATOM   1067 C CA  . VAL A 1 135 ? 2.493   7.916   4.186   1.00 13.08 ? 135 VAL A CA  1 
ATOM   1068 C C   . VAL A 1 135 ? 1.551   9.091   4.311   1.00 12.35 ? 135 VAL A C   1 
ATOM   1069 O O   . VAL A 1 135 ? 1.970   10.218  4.272   1.00 14.50 ? 135 VAL A O   1 
ATOM   1070 C CB  . VAL A 1 135 ? 3.510   7.860   5.380   1.00 12.62 ? 135 VAL A CB  1 
ATOM   1071 C CG1 . VAL A 1 135 ? 2.759   7.707   6.716   1.00 17.28 ? 135 VAL A CG1 1 
ATOM   1072 C CG2 . VAL A 1 135 ? 4.547   6.738   5.174   1.00 15.13 ? 135 VAL A CG2 1 
ATOM   1073 N N   . THR A 1 136 ? 0.260   8.815   4.529   1.00 14.36 ? 136 THR A N   1 
ATOM   1074 C CA  . THR A 1 136 ? -0.664  9.921   4.833   1.00 13.94 ? 136 THR A CA  1 
ATOM   1075 C C   . THR A 1 136 ? -0.760  9.967   6.333   1.00 14.67 ? 136 THR A C   1 
ATOM   1076 O O   . THR A 1 136 ? -1.273  9.032   6.964   1.00 14.33 ? 136 THR A O   1 
ATOM   1077 C CB  . THR A 1 136 ? -2.049  9.642   4.208   1.00 13.29 ? 136 THR A CB  1 
ATOM   1078 O OG1 . THR A 1 136 ? -1.885  9.591   2.802   1.00 15.01 ? 136 THR A OG1 1 
ATOM   1079 C CG2 . THR A 1 136 ? -3.073  10.814  4.557   1.00 11.69 ? 136 THR A CG2 1 
ATOM   1080 N N   . ARG A 1 137 ? -0.246  11.046  6.923   1.00 15.36 ? 137 ARG A N   1 
ATOM   1081 C CA  . ARG A 1 137 ? -0.257  11.249  8.381   1.00 16.19 ? 137 ARG A CA  1 
ATOM   1082 C C   . ARG A 1 137 ? -1.535  11.974  8.847   1.00 15.42 ? 137 ARG A C   1 
ATOM   1083 O O   . ARG A 1 137 ? -1.708  13.197  8.654   1.00 15.14 ? 137 ARG A O   1 
ATOM   1084 C CB  . ARG A 1 137 ? 1.018   12.043  8.794   1.00 17.98 ? 137 ARG A CB  1 
ATOM   1085 C CG  . ARG A 1 137 ? 2.266   11.173  9.002   1.00 22.11 ? 137 ARG A CG  1 
ATOM   1086 C CD  . ARG A 1 137 ? 3.185   11.829  10.101  1.00 28.18 ? 137 ARG A CD  1 
ATOM   1087 N NE  . ARG A 1 137 ? 3.773   13.102  9.661   1.00 33.02 ? 137 ARG A NE  1 
ATOM   1088 C CZ  . ARG A 1 137 ? 3.498   14.324  10.147  1.00 30.36 ? 137 ARG A CZ  1 
ATOM   1089 N NH1 . ARG A 1 137 ? 4.106   15.381  9.627   1.00 30.48 ? 137 ARG A NH1 1 
ATOM   1090 N NH2 . ARG A 1 137 ? 2.611   14.502  11.124  1.00 33.33 ? 137 ARG A NH2 1 
ATOM   1091 N N   . ILE A 1 138 ? -2.492  11.198  9.339   1.00 15.73 ? 138 ILE A N   1 
ATOM   1092 C CA  . ILE A 1 138 ? -3.760  11.771  9.853   1.00 16.14 ? 138 ILE A CA  1 
ATOM   1093 C C   . ILE A 1 138 ? -3.427  12.276  11.200  1.00 16.43 ? 138 ILE A C   1 
ATOM   1094 O O   . ILE A 1 138 ? -2.957  11.495  12.032  1.00 14.58 ? 138 ILE A O   1 
ATOM   1095 C CB  . ILE A 1 138 ? -4.847  10.694  9.846   1.00 17.08 ? 138 ILE A CB  1 
ATOM   1096 C CG1 . ILE A 1 138 ? -5.158  10.339  8.384   1.00 18.25 ? 138 ILE A CG1 1 
ATOM   1097 C CG2 . ILE A 1 138 ? -6.117  11.147  10.559  1.00 15.58 ? 138 ILE A CG2 1 
ATOM   1098 C CD1 . ILE A 1 138 ? -5.857  8.978   8.301   1.00 21.46 ? 138 ILE A CD1 1 
ATOM   1099 N N   . MET A 1 139 ? -3.665  13.581  11.423  1.00 16.31 ? 139 MET A N   1 
ATOM   1100 C CA  . MET A 1 139 ? -3.107  14.277  12.579  1.00 18.90 ? 139 MET A CA  1 
ATOM   1101 C C   . MET A 1 139 ? -3.948  14.256  13.886  1.00 16.83 ? 139 MET A C   1 
ATOM   1102 O O   . MET A 1 139 ? -3.910  15.220  14.665  1.00 17.64 ? 139 MET A O   1 
ATOM   1103 C CB  . MET A 1 139 ? -2.726  15.699  12.200  1.00 19.27 ? 139 MET A CB  1 
ATOM   1104 C CG  . MET A 1 139 ? -1.499  15.685  11.234  1.00 26.90 ? 139 MET A CG  1 
ATOM   1105 S SD  . MET A 1 139 ? -1.400  17.156  10.218  1.00 42.57 ? 139 MET A SD  1 
ATOM   1106 C CE  . MET A 1 139 ? -1.096  18.430  11.424  1.00 39.79 ? 139 MET A CE  1 
ATOM   1107 N N   . GLN A 1 140 ? -4.597  13.133  14.153  1.00 15.03 ? 140 GLN A N   1 
ATOM   1108 C CA  . GLN A 1 140 ? -5.206  12.891  15.423  1.00 15.07 ? 140 GLN A CA  1 
ATOM   1109 C C   . GLN A 1 140 ? -5.306  11.412  15.702  1.00 15.44 ? 140 GLN A C   1 
ATOM   1110 O O   . GLN A 1 140 ? -5.096  10.615  14.802  1.00 14.51 ? 140 GLN A O   1 
ATOM   1111 C CB  . GLN A 1 140 ? -6.537  13.631  15.568  1.00 16.19 ? 140 GLN A CB  1 
ATOM   1112 C CG  . GLN A 1 140 ? -7.566  13.381  14.550  1.00 14.91 ? 140 GLN A CG  1 
ATOM   1113 C CD  . GLN A 1 140 ? -8.760  14.345  14.758  1.00 20.09 ? 140 GLN A CD  1 
ATOM   1114 O OE1 . GLN A 1 140 ? -9.477  14.216  15.754  1.00 16.82 ? 140 GLN A OE1 1 
ATOM   1115 N NE2 . GLN A 1 140 ? -8.907  15.343  13.887  1.00 21.56 ? 140 GLN A NE2 1 
ATOM   1116 N N   . ASP A 1 141 ? -5.597  11.052  16.953  1.00 16.48 ? 141 ASP A N   1 
ATOM   1117 C CA  . ASP A 1 141 ? -5.599  9.663   17.367  1.00 17.59 ? 141 ASP A CA  1 
ATOM   1118 C C   . ASP A 1 141 ? -6.984  9.057   17.017  1.00 18.20 ? 141 ASP A C   1 
ATOM   1119 O O   . ASP A 1 141 ? -8.019  9.721   17.232  1.00 17.88 ? 141 ASP A O   1 
ATOM   1120 C CB  . ASP A 1 141 ? -5.376  9.622   18.885  1.00 18.35 ? 141 ASP A CB  1 
ATOM   1121 C CG  . ASP A 1 141 ? -3.875  9.876   19.302  1.00 23.75 ? 141 ASP A CG  1 
ATOM   1122 O OD1 . ASP A 1 141 ? -2.958  9.895   18.503  1.00 25.52 ? 141 ASP A OD1 1 
ATOM   1123 O OD2 . ASP A 1 141 ? -3.594  10.018  20.480  1.00 35.43 ? 141 ASP A OD2 1 
ATOM   1124 N N   . PHE A 1 142 ? -6.989  7.818   16.551  1.00 17.32 ? 142 PHE A N   1 
ATOM   1125 C CA  . PHE A 1 142 ? -8.194  6.976   16.370  1.00 17.45 ? 142 PHE A CA  1 
ATOM   1126 C C   . PHE A 1 142 ? -7.946  5.615   16.938  1.00 18.11 ? 142 PHE A C   1 
ATOM   1127 O O   . PHE A 1 142 ? -6.891  5.084   16.706  1.00 18.94 ? 142 PHE A O   1 
ATOM   1128 C CB  . PHE A 1 142 ? -8.572  6.813   14.886  1.00 14.53 ? 142 PHE A CB  1 
ATOM   1129 C CG  . PHE A 1 142 ? -9.104  8.111   14.266  1.00 15.74 ? 142 PHE A CG  1 
ATOM   1130 C CD1 . PHE A 1 142 ? -10.497 8.384   14.308  1.00 15.07 ? 142 PHE A CD1 1 
ATOM   1131 C CD2 . PHE A 1 142 ? -8.235  9.057   13.730  1.00 14.34 ? 142 PHE A CD2 1 
ATOM   1132 C CE1 . PHE A 1 142 ? -11.008 9.573   13.734  1.00 13.92 ? 142 PHE A CE1 1 
ATOM   1133 C CE2 . PHE A 1 142 ? -8.738  10.242  13.187  1.00 18.40 ? 142 PHE A CE2 1 
ATOM   1134 C CZ  . PHE A 1 142 ? -10.132 10.522  13.235  1.00 13.63 ? 142 PHE A CZ  1 
ATOM   1135 N N   . GLU A 1 143 ? -8.952  5.037   17.626  1.00 19.18 ? 143 GLU A N   1 
ATOM   1136 C CA  . GLU A 1 143 ? -8.864  3.661   18.199  1.00 20.27 ? 143 GLU A CA  1 
ATOM   1137 C C   . GLU A 1 143 ? -8.665  2.624   17.117  1.00 18.02 ? 143 GLU A C   1 
ATOM   1138 O O   . GLU A 1 143 ? -9.418  2.583   16.146  1.00 15.84 ? 143 GLU A O   1 
ATOM   1139 C CB  . GLU A 1 143 ? -10.125 3.304   19.030  1.00 20.96 ? 143 GLU A CB  1 
ATOM   1140 C CG  . GLU A 1 143 ? -9.989  1.974   19.871  1.00 26.18 ? 143 GLU A CG  1 
ATOM   1141 C CD  . GLU A 1 143 ? -11.313 1.448   20.417  1.00 29.03 ? 143 GLU A CD  1 
ATOM   1142 O OE1 . GLU A 1 143 ? -11.552 0.202   20.426  1.00 28.35 ? 143 GLU A OE1 1 
ATOM   1143 O OE2 . GLU A 1 143 ? -12.111 2.285   20.828  1.00 28.13 ? 143 GLU A OE2 1 
ATOM   1144 N N   . SER A 1 144 ? -7.627  1.804   17.296  1.00 16.23 ? 144 SER A N   1 
ATOM   1145 C CA  . SER A 1 144 ? -7.103  0.915   16.276  1.00 15.27 ? 144 SER A CA  1 
ATOM   1146 C C   . SER A 1 144 ? -6.690  -0.414  16.945  1.00 15.80 ? 144 SER A C   1 
ATOM   1147 O O   . SER A 1 144 ? -6.342  -0.416  18.133  1.00 16.22 ? 144 SER A O   1 
ATOM   1148 C CB  . SER A 1 144 ? -5.819  1.556   15.636  1.00 15.41 ? 144 SER A CB  1 
ATOM   1149 O OG  . SER A 1 144 ? -6.138  2.762   14.924  1.00 14.84 ? 144 SER A OG  1 
ATOM   1150 N N   . ASP A 1 145 ? -6.803  -1.522  16.228  1.00 16.18 ? 145 ASP A N   1 
ATOM   1151 C CA  . ASP A 1 145 ? -6.313  -2.815  16.747  1.00 18.52 ? 145 ASP A CA  1 
ATOM   1152 C C   . ASP A 1 145 ? -5.208  -3.378  15.854  1.00 18.91 ? 145 ASP A C   1 
ATOM   1153 O O   . ASP A 1 145 ? -4.808  -4.531  16.028  1.00 17.36 ? 145 ASP A O   1 
ATOM   1154 C CB  . ASP A 1 145 ? -7.446  -3.855  16.888  1.00 20.09 ? 145 ASP A CB  1 
ATOM   1155 C CG  . ASP A 1 145 ? -8.215  -4.119  15.597  1.00 22.53 ? 145 ASP A CG  1 
ATOM   1156 O OD1 . ASP A 1 145 ? -7.699  -3.942  14.457  1.00 23.78 ? 145 ASP A OD1 1 
ATOM   1157 O OD2 . ASP A 1 145 ? -9.380  -4.559  15.735  1.00 26.31 ? 145 ASP A OD2 1 
ATOM   1158 N N   . THR A 1 146 ? -4.814  -2.609  14.819  1.00 17.33 ? 146 THR A N   1 
ATOM   1159 C CA  . THR A 1 146 ? -3.702  -3.005  13.957  1.00 17.68 ? 146 THR A CA  1 
ATOM   1160 C C   . THR A 1 146 ? -2.916  -1.778  13.562  1.00 18.45 ? 146 THR A C   1 
ATOM   1161 O O   . THR A 1 146 ? -3.501  -0.713  13.409  1.00 17.43 ? 146 THR A O   1 
ATOM   1162 C CB  . THR A 1 146 ? -4.155  -3.809  12.718  1.00 19.63 ? 146 THR A CB  1 
ATOM   1163 O OG1 . THR A 1 146 ? -2.981  -4.156  11.979  1.00 21.12 ? 146 THR A OG1 1 
ATOM   1164 C CG2 . THR A 1 146 ? -5.046  -3.031  11.790  1.00 16.83 ? 146 THR A CG2 1 
ATOM   1165 N N   . PHE A 1 147 ? -1.579  -1.897  13.432  1.00 16.93 ? 147 PHE A N   1 
ATOM   1166 C CA  . PHE A 1 147 ? -0.750  -0.714  13.490  1.00 17.06 ? 147 PHE A CA  1 
ATOM   1167 C C   . PHE A 1 147 ? 0.320   -0.763  12.447  1.00 16.28 ? 147 PHE A C   1 
ATOM   1168 O O   . PHE A 1 147 ? 0.728   -1.874  12.048  1.00 17.61 ? 147 PHE A O   1 
ATOM   1169 C CB  . PHE A 1 147 ? -0.095  -0.615  14.913  1.00 18.03 ? 147 PHE A CB  1 
ATOM   1170 C CG  . PHE A 1 147 ? -1.115  -0.331  16.039  1.00 17.02 ? 147 PHE A CG  1 
ATOM   1171 C CD1 . PHE A 1 147 ? -1.735  -1.364  16.692  1.00 22.86 ? 147 PHE A CD1 1 
ATOM   1172 C CD2 . PHE A 1 147 ? -1.415  0.963   16.427  1.00 18.91 ? 147 PHE A CD2 1 
ATOM   1173 C CE1 . PHE A 1 147 ? -2.671  -1.150  17.683  1.00 20.21 ? 147 PHE A CE1 1 
ATOM   1174 C CE2 . PHE A 1 147 ? -2.392  1.197   17.429  1.00 21.85 ? 147 PHE A CE2 1 
ATOM   1175 C CZ  . PHE A 1 147 ? -3.010  0.130   18.050  1.00 18.79 ? 147 PHE A CZ  1 
ATOM   1176 N N   . PHE A 1 148 ? 0.769   0.402   11.989  1.00 15.91 ? 148 PHE A N   1 
ATOM   1177 C CA  . PHE A 1 148 ? 1.847   0.454   10.981  1.00 16.19 ? 148 PHE A CA  1 
ATOM   1178 C C   . PHE A 1 148 ? 3.170   0.364   11.797  1.00 18.38 ? 148 PHE A C   1 
ATOM   1179 O O   . PHE A 1 148 ? 3.251   0.926   12.917  1.00 19.49 ? 148 PHE A O   1 
ATOM   1180 C CB  . PHE A 1 148 ? 1.829   1.796   10.264  1.00 18.08 ? 148 PHE A CB  1 
ATOM   1181 C CG  . PHE A 1 148 ? 2.750   1.861   9.065   1.00 13.62 ? 148 PHE A CG  1 
ATOM   1182 C CD1 . PHE A 1 148 ? 2.488   1.083   7.956   1.00 17.09 ? 148 PHE A CD1 1 
ATOM   1183 C CD2 . PHE A 1 148 ? 3.818   2.755   9.046   1.00 21.30 ? 148 PHE A CD2 1 
ATOM   1184 C CE1 . PHE A 1 148 ? 3.310   1.176   6.813   1.00 11.12 ? 148 PHE A CE1 1 
ATOM   1185 C CE2 . PHE A 1 148 ? 4.665   2.847   7.907   1.00 21.29 ? 148 PHE A CE2 1 
ATOM   1186 C CZ  . PHE A 1 148 ? 4.401   2.039   6.834   1.00 19.57 ? 148 PHE A CZ  1 
ATOM   1187 N N   . PRO A 1 149 ? 4.203   -0.296  11.249  1.00 20.82 ? 149 PRO A N   1 
ATOM   1188 C CA  . PRO A 1 149 ? 5.476   -0.377  11.996  1.00 21.93 ? 149 PRO A CA  1 
ATOM   1189 C C   . PRO A 1 149 ? 6.186   0.968   12.119  1.00 22.25 ? 149 PRO A C   1 
ATOM   1190 O O   . PRO A 1 149 ? 5.911   1.916   11.384  1.00 21.39 ? 149 PRO A O   1 
ATOM   1191 C CB  . PRO A 1 149 ? 6.319   -1.350  11.169  1.00 22.21 ? 149 PRO A CB  1 
ATOM   1192 C CG  . PRO A 1 149 ? 5.391   -2.011  10.252  1.00 22.71 ? 149 PRO A CG  1 
ATOM   1193 C CD  . PRO A 1 149 ? 4.288   -1.023  9.970   1.00 21.18 ? 149 PRO A CD  1 
ATOM   1194 N N   . GLU A 1 150 ? 7.153   1.044   13.027  1.00 23.57 ? 150 GLU A N   1 
ATOM   1195 C CA  . GLU A 1 150 ? 7.965   2.270   13.181  1.00 25.08 ? 150 GLU A CA  1 
ATOM   1196 C C   . GLU A 1 150 ? 8.619   2.676   11.858  1.00 24.26 ? 150 GLU A C   1 
ATOM   1197 O O   . GLU A 1 150 ? 9.026   1.803   11.111  1.00 25.78 ? 150 GLU A O   1 
ATOM   1198 C CB  . GLU A 1 150 ? 9.050   2.096   14.286  1.00 25.68 ? 150 GLU A CB  1 
ATOM   1199 C CG  . GLU A 1 150 ? 10.536  2.240   13.806  1.00 30.92 ? 150 GLU A CG  1 
ATOM   1200 C CD  . GLU A 1 150 ? 11.535  2.556   14.946  1.00 36.91 ? 150 GLU A CD  1 
ATOM   1201 O OE1 . GLU A 1 150 ? 12.707  2.905   14.614  1.00 36.32 ? 150 GLU A OE1 1 
ATOM   1202 O OE2 . GLU A 1 150 ? 11.130  2.483   16.156  1.00 36.58 ? 150 GLU A OE2 1 
ATOM   1203 N N   . ILE A 1 151 ? 8.677   3.976   11.553  1.00 24.34 ? 151 ILE A N   1 
ATOM   1204 C CA  . ILE A 1 151 ? 9.571   4.420   10.437  1.00 24.66 ? 151 ILE A CA  1 
ATOM   1205 C C   . ILE A 1 151 ? 10.953  4.814   10.998  1.00 26.37 ? 151 ILE A C   1 
ATOM   1206 O O   . ILE A 1 151 ? 11.047  5.801   11.709  1.00 25.00 ? 151 ILE A O   1 
ATOM   1207 C CB  . ILE A 1 151 ? 8.968   5.557   9.634   1.00 25.61 ? 151 ILE A CB  1 
ATOM   1208 C CG1 . ILE A 1 151 ? 7.662   5.146   8.896   1.00 24.76 ? 151 ILE A CG1 1 
ATOM   1209 C CG2 . ILE A 1 151 ? 9.940   6.094   8.547   1.00 24.83 ? 151 ILE A CG2 1 
ATOM   1210 C CD1 . ILE A 1 151 ? 7.074   6.341   8.267   1.00 28.56 ? 151 ILE A CD1 1 
ATOM   1211 N N   . ASP A 1 152 ? 12.011  4.064   10.639  1.00 26.97 ? 152 ASP A N   1 
ATOM   1212 C CA  . ASP A 1 152 ? 13.371  4.371   11.113  1.00 28.27 ? 152 ASP A CA  1 
ATOM   1213 C C   . ASP A 1 152 ? 13.980  5.540   10.322  1.00 27.55 ? 152 ASP A C   1 
ATOM   1214 O O   . ASP A 1 152 ? 14.441  5.359   9.175   1.00 27.60 ? 152 ASP A O   1 
ATOM   1215 C CB  . ASP A 1 152 ? 14.254  3.135   10.937  1.00 28.26 ? 152 ASP A CB  1 
ATOM   1216 C CG  . ASP A 1 152 ? 15.619  3.304   11.546  1.00 30.71 ? 152 ASP A CG  1 
ATOM   1217 O OD1 . ASP A 1 152 ? 16.340  2.282   11.568  1.00 37.15 ? 152 ASP A OD1 1 
ATOM   1218 O OD2 . ASP A 1 152 ? 15.972  4.423   11.991  1.00 29.53 ? 152 ASP A OD2 1 
ATOM   1219 N N   . LEU A 1 153 ? 13.964  6.734   10.910  1.00 27.50 ? 153 LEU A N   1 
ATOM   1220 C CA  . LEU A 1 153 ? 14.557  7.896   10.264  1.00 29.06 ? 153 LEU A CA  1 
ATOM   1221 C C   . LEU A 1 153 ? 16.098  7.856   10.064  1.00 29.91 ? 153 LEU A C   1 
ATOM   1222 O O   . LEU A 1 153 ? 16.667  8.759   9.444   1.00 29.68 ? 153 LEU A O   1 
ATOM   1223 C CB  . LEU A 1 153 ? 14.118  9.200   10.952  1.00 30.08 ? 153 LEU A CB  1 
ATOM   1224 C CG  . LEU A 1 153 ? 12.692  9.731   10.668  1.00 30.80 ? 153 LEU A CG  1 
ATOM   1225 C CD1 . LEU A 1 153 ? 12.449  10.974  11.529  1.00 34.88 ? 153 LEU A CD1 1 
ATOM   1226 C CD2 . LEU A 1 153 ? 12.492  10.060  9.217   1.00 29.54 ? 153 LEU A CD2 1 
ATOM   1227 N N   . GLU A 1 154 ? 16.755  6.815   10.563  1.00 31.18 ? 154 GLU A N   1 
ATOM   1228 C CA  . GLU A 1 154 ? 18.164  6.563   10.244  1.00 32.70 ? 154 GLU A CA  1 
ATOM   1229 C C   . GLU A 1 154 ? 18.261  5.875   8.871   1.00 33.01 ? 154 GLU A C   1 
ATOM   1230 O O   . GLU A 1 154 ? 19.288  5.987   8.164   1.00 33.23 ? 154 GLU A O   1 
ATOM   1231 C CB  . GLU A 1 154 ? 18.820  5.697   11.337  1.00 33.54 ? 154 GLU A CB  1 
ATOM   1232 C CG  . GLU A 1 154 ? 18.391  6.037   12.777  1.00 37.25 ? 154 GLU A CG  1 
ATOM   1233 C CD  . GLU A 1 154 ? 19.363  6.961   13.527  1.00 43.32 ? 154 GLU A CD  1 
ATOM   1234 O OE1 . GLU A 1 154 ? 19.913  6.492   14.559  1.00 43.15 ? 154 GLU A OE1 1 
ATOM   1235 O OE2 . GLU A 1 154 ? 19.564  8.141   13.105  1.00 44.16 ? 154 GLU A OE2 1 
ATOM   1236 N N   . LYS A 1 155 ? 17.200  5.147   8.503   1.00 32.20 ? 155 LYS A N   1 
ATOM   1237 C CA  . LYS A 1 155 ? 17.099  4.518   7.190   1.00 31.19 ? 155 LYS A CA  1 
ATOM   1238 C C   . LYS A 1 155 ? 16.273  5.331   6.163   1.00 29.73 ? 155 LYS A C   1 
ATOM   1239 O O   . LYS A 1 155 ? 16.659  5.403   4.967   1.00 29.28 ? 155 LYS A O   1 
ATOM   1240 C CB  . LYS A 1 155 ? 16.541  3.095   7.307   1.00 32.08 ? 155 LYS A CB  1 
ATOM   1241 C CG  . LYS A 1 155 ? 17.281  2.195   8.280   1.00 32.62 ? 155 LYS A CG  1 
ATOM   1242 C CD  . LYS A 1 155 ? 16.422  0.941   8.580   1.00 37.29 ? 155 LYS A CD  1 
ATOM   1243 C CE  . LYS A 1 155 ? 16.710  -0.211  7.622   1.00 40.13 ? 155 LYS A CE  1 
ATOM   1244 N NZ  . LYS A 1 155 ? 17.734  -1.195  8.137   1.00 41.79 ? 155 LYS A NZ  1 
ATOM   1245 N N   . TYR A 1 156 ? 15.151  5.939   6.592   1.00 26.58 ? 156 TYR A N   1 
ATOM   1246 C CA  . TYR A 1 156 ? 14.293  6.673   5.636   1.00 25.88 ? 156 TYR A CA  1 
ATOM   1247 C C   . TYR A 1 156 ? 14.537  8.156   5.703   1.00 25.55 ? 156 TYR A C   1 
ATOM   1248 O O   . TYR A 1 156 ? 14.838  8.670   6.768   1.00 26.76 ? 156 TYR A O   1 
ATOM   1249 C CB  . TYR A 1 156 ? 12.788  6.407   5.845   1.00 25.43 ? 156 TYR A CB  1 
ATOM   1250 C CG  . TYR A 1 156 ? 12.395  4.973   5.663   1.00 25.92 ? 156 TYR A CG  1 
ATOM   1251 C CD1 . TYR A 1 156 ? 12.532  4.103   6.718   1.00 25.88 ? 156 TYR A CD1 1 
ATOM   1252 C CD2 . TYR A 1 156 ? 11.888  4.478   4.450   1.00 25.20 ? 156 TYR A CD2 1 
ATOM   1253 C CE1 . TYR A 1 156 ? 12.237  2.782   6.638   1.00 29.55 ? 156 TYR A CE1 1 
ATOM   1254 C CE2 . TYR A 1 156 ? 11.568  3.065   4.364   1.00 29.51 ? 156 TYR A CE2 1 
ATOM   1255 C CZ  . TYR A 1 156 ? 11.742  2.262   5.497   1.00 30.37 ? 156 TYR A CZ  1 
ATOM   1256 O OH  . TYR A 1 156 ? 11.467  0.914   5.563   1.00 33.93 ? 156 TYR A OH  1 
ATOM   1257 N N   . LYS A 1 157 ? 14.413  8.826   4.562   1.00 24.16 ? 157 LYS A N   1 
ATOM   1258 C CA  . LYS A 1 157 ? 14.487  10.290  4.493   1.00 24.90 ? 157 LYS A CA  1 
ATOM   1259 C C   . LYS A 1 157 ? 13.236  10.827  3.904   1.00 23.26 ? 157 LYS A C   1 
ATOM   1260 O O   . LYS A 1 157 ? 12.722  10.281  2.934   1.00 23.12 ? 157 LYS A O   1 
ATOM   1261 C CB  . LYS A 1 157 ? 15.698  10.754  3.650   1.00 25.11 ? 157 LYS A CB  1 
ATOM   1262 C CG  . LYS A 1 157 ? 17.035  10.283  4.253   1.00 33.44 ? 157 LYS A CG  1 
ATOM   1263 C CD  . LYS A 1 157 ? 18.170  11.262  3.958   1.00 39.73 ? 157 LYS A CD  1 
ATOM   1264 C CE  . LYS A 1 157 ? 18.985  11.511  5.261   1.00 42.28 ? 157 LYS A CE  1 
ATOM   1265 N NZ  . LYS A 1 157 ? 18.307  12.496  6.235   1.00 44.73 ? 157 LYS A NZ  1 
ATOM   1266 N N   . LEU A 1 158 ? 12.731  11.921  4.460   1.00 23.63 ? 158 LEU A N   1 
ATOM   1267 C CA  . LEU A 1 158 ? 11.597  12.555  3.835   1.00 24.44 ? 158 LEU A CA  1 
ATOM   1268 C C   . LEU A 1 158 ? 12.030  13.211  2.499   1.00 25.82 ? 158 LEU A C   1 
ATOM   1269 O O   . LEU A 1 158 ? 13.175  13.692  2.315   1.00 25.34 ? 158 LEU A O   1 
ATOM   1270 C CB  . LEU A 1 158 ? 10.991  13.581  4.764   1.00 24.05 ? 158 LEU A CB  1 
ATOM   1271 C CG  . LEU A 1 158 ? 9.694   14.266  4.300   1.00 26.43 ? 158 LEU A CG  1 
ATOM   1272 C CD1 . LEU A 1 158 ? 8.500   13.370  4.742   1.00 22.49 ? 158 LEU A CD1 1 
ATOM   1273 C CD2 . LEU A 1 158 ? 9.632   15.613  4.968   1.00 28.84 ? 158 LEU A CD2 1 
ATOM   1274 N N   . LEU A 1 159 ? 11.120  13.245  1.550   1.00 25.99 ? 159 LEU A N   1 
ATOM   1275 C CA  . LEU A 1 159 ? 11.395  13.874  0.268   1.00 27.12 ? 159 LEU A CA  1 
ATOM   1276 C C   . LEU A 1 159 ? 10.377  14.972  0.179   1.00 29.73 ? 159 LEU A C   1 
ATOM   1277 O O   . LEU A 1 159 ? 9.262   14.674  -0.242  1.00 29.58 ? 159 LEU A O   1 
ATOM   1278 C CB  . LEU A 1 159 ? 11.137  12.858  -0.846  1.00 26.46 ? 159 LEU A CB  1 
ATOM   1279 C CG  . LEU A 1 159 ? 11.937  11.579  -0.928  1.00 24.10 ? 159 LEU A CG  1 
ATOM   1280 C CD1 . LEU A 1 159 ? 11.383  10.754  -2.078  1.00 25.76 ? 159 LEU A CD1 1 
ATOM   1281 C CD2 . LEU A 1 159 ? 13.433  11.955  -1.161  1.00 20.92 ? 159 LEU A CD2 1 
ATOM   1282 N N   . PRO A 1 160 ? 10.736  16.232  0.574   1.00 31.05 ? 160 PRO A N   1 
ATOM   1283 C CA  . PRO A 1 160 ? 9.774   17.312  0.900   1.00 33.11 ? 160 PRO A CA  1 
ATOM   1284 C C   . PRO A 1 160 ? 8.977   17.869  -0.257  1.00 34.71 ? 160 PRO A C   1 
ATOM   1285 O O   . PRO A 1 160 ? 7.916   18.437  -0.058  1.00 36.75 ? 160 PRO A O   1 
ATOM   1286 C CB  . PRO A 1 160 ? 10.648  18.438  1.472   1.00 32.01 ? 160 PRO A CB  1 
ATOM   1287 C CG  . PRO A 1 160 ? 12.034  18.130  0.989   1.00 33.48 ? 160 PRO A CG  1 
ATOM   1288 C CD  . PRO A 1 160 ? 12.113  16.625  0.934   1.00 31.67 ? 160 PRO A CD  1 
ATOM   1289 N N   . GLU A 1 161 ? 9.473   17.762  -1.464  1.00 35.79 ? 161 GLU A N   1 
ATOM   1290 C CA  . GLU A 1 161 ? 8.587   18.125  -2.551  1.00 38.19 ? 161 GLU A CA  1 
ATOM   1291 C C   . GLU A 1 161 ? 8.628   16.871  -3.345  1.00 37.91 ? 161 GLU A C   1 
ATOM   1292 O O   . GLU A 1 161 ? 9.717   16.339  -3.638  1.00 39.37 ? 161 GLU A O   1 
ATOM   1293 C CB  . GLU A 1 161 ? 9.086   19.359  -3.329  1.00 38.64 ? 161 GLU A CB  1 
ATOM   1294 C CG  . GLU A 1 161 ? 8.039   20.501  -3.490  1.00 41.79 ? 161 GLU A CG  1 
ATOM   1295 C CD  . GLU A 1 161 ? 7.567   21.112  -2.163  1.00 49.90 ? 161 GLU A CD  1 
ATOM   1296 O OE1 . GLU A 1 161 ? 7.722   22.348  -1.985  1.00 52.64 ? 161 GLU A OE1 1 
ATOM   1297 O OE2 . GLU A 1 161 ? 7.027   20.373  -1.295  1.00 53.16 ? 161 GLU A OE2 1 
ATOM   1298 N N   . TYR A 1 162 ? 7.445   16.356  -3.626  1.00 35.85 ? 162 TYR A N   1 
ATOM   1299 C CA  . TYR A 1 162 ? 7.359   15.214  -4.479  1.00 34.48 ? 162 TYR A CA  1 
ATOM   1300 C C   . TYR A 1 162 ? 6.367   15.522  -5.591  1.00 35.17 ? 162 TYR A C   1 
ATOM   1301 O O   . TYR A 1 162 ? 5.280   16.060  -5.335  1.00 35.27 ? 162 TYR A O   1 
ATOM   1302 C CB  . TYR A 1 162 ? 6.996   13.981  -3.687  1.00 33.38 ? 162 TYR A CB  1 
ATOM   1303 C CG  . TYR A 1 162 ? 7.304   12.769  -4.444  1.00 28.36 ? 162 TYR A CG  1 
ATOM   1304 C CD1 . TYR A 1 162 ? 8.589   12.253  -4.493  1.00 26.87 ? 162 TYR A CD1 1 
ATOM   1305 C CD2 . TYR A 1 162 ? 6.306   12.124  -5.159  1.00 26.87 ? 162 TYR A CD2 1 
ATOM   1306 C CE1 . TYR A 1 162 ? 8.867   11.088  -5.242  1.00 22.99 ? 162 TYR A CE1 1 
ATOM   1307 C CE2 . TYR A 1 162 ? 6.578   10.969  -5.909  1.00 24.76 ? 162 TYR A CE2 1 
ATOM   1308 C CZ  . TYR A 1 162 ? 7.858   10.463  -5.942  1.00 27.68 ? 162 TYR A CZ  1 
ATOM   1309 O OH  . TYR A 1 162 ? 8.099   9.324   -6.692  1.00 27.67 ? 162 TYR A OH  1 
ATOM   1310 N N   . PRO A 1 163 ? 6.766   15.271  -6.847  1.00 35.72 ? 163 PRO A N   1 
ATOM   1311 C CA  . PRO A 1 163 ? 5.842   15.632  -7.924  1.00 35.90 ? 163 PRO A CA  1 
ATOM   1312 C C   . PRO A 1 163 ? 4.505   14.863  -7.781  1.00 35.98 ? 163 PRO A C   1 
ATOM   1313 O O   . PRO A 1 163 ? 4.495   13.679  -7.450  1.00 34.35 ? 163 PRO A O   1 
ATOM   1314 C CB  . PRO A 1 163 ? 6.608   15.242  -9.187  1.00 36.75 ? 163 PRO A CB  1 
ATOM   1315 C CG  . PRO A 1 163 ? 8.069   15.347  -8.761  1.00 35.78 ? 163 PRO A CG  1 
ATOM   1316 C CD  . PRO A 1 163 ? 8.077   14.831  -7.355  1.00 36.23 ? 163 PRO A CD  1 
ATOM   1317 N N   . GLY A 1 164 ? 3.391   15.555  -8.014  1.00 35.69 ? 164 GLY A N   1 
ATOM   1318 C CA  . GLY A 1 164 ? 2.081   14.915  -7.861  1.00 36.05 ? 164 GLY A CA  1 
ATOM   1319 C C   . GLY A 1 164 ? 1.641   14.646  -6.425  1.00 35.75 ? 164 GLY A C   1 
ATOM   1320 O O   . GLY A 1 164 ? 0.642   13.925  -6.202  1.00 37.10 ? 164 GLY A O   1 
ATOM   1321 N N   . VAL A 1 165 ? 2.370   15.195  -5.444  1.00 33.53 ? 165 VAL A N   1 
ATOM   1322 C CA  . VAL A 1 165 ? 1.937   15.121  -4.044  1.00 32.36 ? 165 VAL A CA  1 
ATOM   1323 C C   . VAL A 1 165 ? 1.819   16.534  -3.447  1.00 31.43 ? 165 VAL A C   1 
ATOM   1324 O O   . VAL A 1 165 ? 2.777   17.293  -3.401  1.00 29.73 ? 165 VAL A O   1 
ATOM   1325 C CB  . VAL A 1 165 ? 2.861   14.226  -3.153  1.00 32.71 ? 165 VAL A CB  1 
ATOM   1326 C CG1 . VAL A 1 165 ? 2.301   14.048  -1.717  1.00 31.22 ? 165 VAL A CG1 1 
ATOM   1327 C CG2 . VAL A 1 165 ? 3.110   12.876  -3.798  1.00 31.72 ? 165 VAL A CG2 1 
ATOM   1328 N N   . LEU A 1 166 ? 0.630   16.845  -2.971  1.00 29.91 ? 166 LEU A N   1 
ATOM   1329 C CA  . LEU A 1 166 ? 0.346   18.095  -2.291  1.00 30.00 ? 166 LEU A CA  1 
ATOM   1330 C C   . LEU A 1 166 ? 1.174   18.203  -1.033  1.00 29.69 ? 166 LEU A C   1 
ATOM   1331 O O   . LEU A 1 166 ? 1.275   17.241  -0.253  1.00 29.99 ? 166 LEU A O   1 
ATOM   1332 C CB  . LEU A 1 166 ? -1.146  18.140  -1.945  1.00 30.24 ? 166 LEU A CB  1 
ATOM   1333 C CG  . LEU A 1 166 ? -2.159  18.837  -2.849  1.00 31.94 ? 166 LEU A CG  1 
ATOM   1334 C CD1 . LEU A 1 166 ? -1.701  19.038  -4.297  1.00 37.12 ? 166 LEU A CD1 1 
ATOM   1335 C CD2 . LEU A 1 166 ? -3.523  18.153  -2.760  1.00 33.40 ? 166 LEU A CD2 1 
ATOM   1336 N N   . SER A 1 167 ? 1.777   19.369  -0.825  1.00 28.35 ? 167 SER A N   1 
ATOM   1337 C CA  . SER A 1 167 ? 2.599   19.592  0.340   1.00 29.92 ? 167 SER A CA  1 
ATOM   1338 C C   . SER A 1 167 ? 1.900   20.130  1.557   1.00 29.53 ? 167 SER A C   1 
ATOM   1339 O O   . SER A 1 167 ? 2.266   19.741  2.673   1.00 30.87 ? 167 SER A O   1 
ATOM   1340 C CB  . SER A 1 167 ? 3.764   20.517  0.004   1.00 29.92 ? 167 SER A CB  1 
ATOM   1341 O OG  . SER A 1 167 ? 4.506   19.921  -1.025  1.00 34.43 ? 167 SER A OG  1 
ATOM   1342 N N   . ASP A 1 168 ? 0.942   21.032  1.339   1.00 29.28 ? 168 ASP A N   1 
ATOM   1343 C CA  . ASP A 1 168 ? 0.234   21.743  2.401   1.00 29.26 ? 168 ASP A CA  1 
ATOM   1344 C C   . ASP A 1 168 ? -0.627  20.780  3.237   1.00 27.96 ? 168 ASP A C   1 
ATOM   1345 O O   . ASP A 1 168 ? -1.053  19.744  2.760   1.00 25.82 ? 168 ASP A O   1 
ATOM   1346 C CB  . ASP A 1 168 ? -0.715  22.804  1.817   1.00 29.52 ? 168 ASP A CB  1 
ATOM   1347 C CG  . ASP A 1 168 ? 0.015   23.957  1.096   1.00 34.70 ? 168 ASP A CG  1 
ATOM   1348 O OD1 . ASP A 1 168 ? -0.636  24.587  0.243   1.00 36.47 ? 168 ASP A OD1 1 
ATOM   1349 O OD2 . ASP A 1 168 ? 1.203   24.215  1.359   1.00 37.03 ? 168 ASP A OD2 1 
ATOM   1350 N N   . VAL A 1 169 ? -0.913  21.157  4.480   1.00 27.29 ? 169 VAL A N   1 
ATOM   1351 C CA  . VAL A 1 169 ? -1.910  20.405  5.234   1.00 25.98 ? 169 VAL A CA  1 
ATOM   1352 C C   . VAL A 1 169 ? -3.277  20.376  4.502   1.00 24.88 ? 169 VAL A C   1 
ATOM   1353 O O   . VAL A 1 169 ? -3.709  21.355  3.846   1.00 22.82 ? 169 VAL A O   1 
ATOM   1354 C CB  . VAL A 1 169 ? -2.046  20.896  6.701   1.00 27.26 ? 169 VAL A CB  1 
ATOM   1355 C CG1 . VAL A 1 169 ? -3.068  20.013  7.472   1.00 25.94 ? 169 VAL A CG1 1 
ATOM   1356 C CG2 . VAL A 1 169 ? -0.724  20.856  7.373   1.00 27.89 ? 169 VAL A CG2 1 
ATOM   1357 N N   . GLN A 1 170 ? -3.947  19.225  4.598   1.00 22.28 ? 170 GLN A N   1 
ATOM   1358 C CA  . GLN A 1 170 ? -5.219  18.988  3.938   1.00 19.91 ? 170 GLN A CA  1 
ATOM   1359 C C   . GLN A 1 170 ? -6.235  18.838  5.057   1.00 19.92 ? 170 GLN A C   1 
ATOM   1360 O O   . GLN A 1 170 ? -5.873  18.551  6.193   1.00 17.45 ? 170 GLN A O   1 
ATOM   1361 C CB  . GLN A 1 170 ? -5.155  17.649  3.181   1.00 19.97 ? 170 GLN A CB  1 
ATOM   1362 C CG  . GLN A 1 170 ? -3.998  17.576  2.182   1.00 20.33 ? 170 GLN A CG  1 
ATOM   1363 C CD  . GLN A 1 170 ? -4.270  18.549  1.063   1.00 22.72 ? 170 GLN A CD  1 
ATOM   1364 O OE1 . GLN A 1 170 ? -5.326  18.498  0.438   1.00 25.28 ? 170 GLN A OE1 1 
ATOM   1365 N NE2 . GLN A 1 170 ? -3.340  19.465  0.831   1.00 22.75 ? 170 GLN A NE2 1 
ATOM   1366 N N   . GLU A 1 171 ? -7.501  19.004  4.729   1.00 17.91 ? 171 GLU A N   1 
ATOM   1367 C CA  . GLU A 1 171 ? -8.542  18.825  5.738   1.00 19.40 ? 171 GLU A CA  1 
ATOM   1368 C C   . GLU A 1 171 ? -9.740  18.257  5.004   1.00 18.10 ? 171 GLU A C   1 
ATOM   1369 O O   . GLU A 1 171 ? -10.112 18.771  3.934   1.00 19.22 ? 171 GLU A O   1 
ATOM   1370 C CB  . GLU A 1 171 ? -8.855  20.160  6.496   1.00 18.14 ? 171 GLU A CB  1 
ATOM   1371 C CG  . GLU A 1 171 ? -10.091 20.172  7.444   1.00 22.96 ? 171 GLU A CG  1 
ATOM   1372 C CD  . GLU A 1 171 ? -11.379 20.573  6.760   1.00 24.07 ? 171 GLU A CD  1 
ATOM   1373 O OE1 . GLU A 1 171 ? -12.374 19.888  6.987   1.00 27.18 ? 171 GLU A OE1 1 
ATOM   1374 O OE2 . GLU A 1 171 ? -11.392 21.533  5.951   1.00 24.96 ? 171 GLU A OE2 1 
ATOM   1375 N N   . GLU A 1 172 ? -10.353 17.233  5.582   1.00 17.44 ? 172 GLU A N   1 
ATOM   1376 C CA  . GLU A 1 172 ? -11.702 16.768  5.229   1.00 18.12 ? 172 GLU A CA  1 
ATOM   1377 C C   . GLU A 1 172 ? -12.469 16.347  6.500   1.00 17.58 ? 172 GLU A C   1 
ATOM   1378 O O   . GLU A 1 172 ? -11.884 15.789  7.430   1.00 15.41 ? 172 GLU A O   1 
ATOM   1379 C CB  . GLU A 1 172 ? -11.712 15.571  4.267   1.00 19.04 ? 172 GLU A CB  1 
ATOM   1380 C CG  . GLU A 1 172 ? -11.020 15.793  2.952   1.00 18.84 ? 172 GLU A CG  1 
ATOM   1381 C CD  . GLU A 1 172 ? -11.030 14.515  2.113   1.00 16.24 ? 172 GLU A CD  1 
ATOM   1382 O OE1 . GLU A 1 172 ? -10.069 13.732  2.190   1.00 18.77 ? 172 GLU A OE1 1 
ATOM   1383 O OE2 . GLU A 1 172 ? -11.987 14.294  1.365   1.00 17.15 ? 172 GLU A OE2 1 
ATOM   1384 N N   . LYS A 1 173 ? -13.779 16.628  6.540   1.00 16.81 ? 173 LYS A N   1 
ATOM   1385 C CA  . LYS A 1 173 ? -14.576 16.310  7.756   1.00 18.49 ? 173 LYS A CA  1 
ATOM   1386 C C   . LYS A 1 173 ? -14.013 16.873  9.051   1.00 16.84 ? 173 LYS A C   1 
ATOM   1387 O O   . LYS A 1 173 ? -14.291 16.362  10.148  1.00 15.96 ? 173 LYS A O   1 
ATOM   1388 C CB  . LYS A 1 173 ? -14.832 14.816  7.873   1.00 18.63 ? 173 LYS A CB  1 
ATOM   1389 C CG  . LYS A 1 173 ? -15.445 14.241  6.655   1.00 19.78 ? 173 LYS A CG  1 
ATOM   1390 C CD  . LYS A 1 173 ? -15.819 12.776  6.758   1.00 21.29 ? 173 LYS A CD  1 
ATOM   1391 C CE  . LYS A 1 173 ? -16.574 12.428  5.511   1.00 23.80 ? 173 LYS A CE  1 
ATOM   1392 N NZ  . LYS A 1 173 ? -16.874 10.955  5.409   1.00 20.75 ? 173 LYS A NZ  1 
ATOM   1393 N N   . GLY A 1 174 ? -13.280 17.974  8.955   1.00 18.08 ? 174 GLY A N   1 
ATOM   1394 C CA  . GLY A 1 174 ? -12.674 18.561  10.148  1.00 16.36 ? 174 GLY A CA  1 
ATOM   1395 C C   . GLY A 1 174 ? -11.349 17.909  10.563  1.00 16.04 ? 174 GLY A C   1 
ATOM   1396 O O   . GLY A 1 174 ? -10.718 18.323  11.558  1.00 15.59 ? 174 GLY A O   1 
ATOM   1397 N N   . ILE A 1 175 ? -10.940 16.863  9.838   1.00 14.97 ? 175 ILE A N   1 
ATOM   1398 C CA  . ILE A 1 175 ? -9.745  16.040  10.216  1.00 13.20 ? 175 ILE A CA  1 
ATOM   1399 C C   . ILE A 1 175 ? -8.570  16.443  9.325   1.00 13.14 ? 175 ILE A C   1 
ATOM   1400 O O   . ILE A 1 175 ? -8.648  16.302  8.090   1.00 13.75 ? 175 ILE A O   1 
ATOM   1401 C CB  . ILE A 1 175 ? -10.015 14.526  9.926   1.00 13.64 ? 175 ILE A CB  1 
ATOM   1402 C CG1 . ILE A 1 175 ? -11.244 14.033  10.755  1.00 11.02 ? 175 ILE A CG1 1 
ATOM   1403 C CG2 . ILE A 1 175 ? -8.687  13.665  10.174  1.00 14.23 ? 175 ILE A CG2 1 
ATOM   1404 C CD1 . ILE A 1 175 ? -11.711 12.580  10.539  1.00 10.78 ? 175 ILE A CD1 1 
ATOM   1405 N N   . LYS A 1 176 ? -7.482  16.931  9.934   1.00 12.74 ? 176 LYS A N   1 
ATOM   1406 C CA  . LYS A 1 176 ? -6.380  17.373  9.119   1.00 13.88 ? 176 LYS A CA  1 
ATOM   1407 C C   . LYS A 1 176 ? -5.388  16.237  8.881   1.00 13.61 ? 176 LYS A C   1 
ATOM   1408 O O   . LYS A 1 176 ? -5.269  15.335  9.735   1.00 14.51 ? 176 LYS A O   1 
ATOM   1409 C CB  . LYS A 1 176 ? -5.609  18.513  9.763   1.00 15.17 ? 176 LYS A CB  1 
ATOM   1410 C CG  . LYS A 1 176 ? -6.488  19.662  10.077  1.00 18.65 ? 176 LYS A CG  1 
ATOM   1411 C CD  . LYS A 1 176 ? -5.541  20.687  10.763  1.00 26.66 ? 176 LYS A CD  1 
ATOM   1412 C CE  . LYS A 1 176 ? -6.247  21.993  11.071  1.00 30.56 ? 176 LYS A CE  1 
ATOM   1413 N NZ  . LYS A 1 176 ? -7.348  21.713  12.128  1.00 38.93 ? 176 LYS A NZ  1 
ATOM   1414 N N   . TYR A 1 177 ? -4.672  16.301  7.746   1.00 12.97 ? 177 TYR A N   1 
ATOM   1415 C CA  . TYR A 1 177 ? -3.680  15.270  7.409   1.00 13.56 ? 177 TYR A CA  1 
ATOM   1416 C C   . TYR A 1 177 ? -2.657  15.835  6.398   1.00 14.75 ? 177 TYR A C   1 
ATOM   1417 O O   . TYR A 1 177 ? -2.897  16.864  5.721   1.00 15.91 ? 177 TYR A O   1 
ATOM   1418 C CB  . TYR A 1 177 ? -4.342  13.928  6.880   1.00 10.84 ? 177 TYR A CB  1 
ATOM   1419 C CG  . TYR A 1 177 ? -5.195  14.059  5.636   1.00 17.51 ? 177 TYR A CG  1 
ATOM   1420 C CD1 . TYR A 1 177 ? -4.652  13.890  4.365   1.00 15.12 ? 177 TYR A CD1 1 
ATOM   1421 C CD2 . TYR A 1 177 ? -6.573  14.327  5.727   1.00 12.99 ? 177 TYR A CD2 1 
ATOM   1422 C CE1 . TYR A 1 177 ? -5.397  14.054  3.242   1.00 17.94 ? 177 TYR A CE1 1 
ATOM   1423 C CE2 . TYR A 1 177 ? -7.348  14.457  4.585   1.00 17.35 ? 177 TYR A CE2 1 
ATOM   1424 C CZ  . TYR A 1 177 ? -6.741  14.283  3.325   1.00 17.71 ? 177 TYR A CZ  1 
ATOM   1425 O OH  . TYR A 1 177 ? -7.464  14.409  2.165   1.00 19.65 ? 177 TYR A OH  1 
ATOM   1426 N N   . LYS A 1 178 ? -1.572  15.095  6.187   1.00 17.36 ? 178 LYS A N   1 
ATOM   1427 C CA  . LYS A 1 178 ? -0.562  15.539  5.231   1.00 18.35 ? 178 LYS A CA  1 
ATOM   1428 C C   . LYS A 1 178 ? -0.052  14.336  4.485   1.00 17.98 ? 178 LYS A C   1 
ATOM   1429 O O   . LYS A 1 178 ? 0.089   13.263  5.069   1.00 19.00 ? 178 LYS A O   1 
ATOM   1430 C CB  . LYS A 1 178 ? 0.659   16.141  5.993   1.00 21.29 ? 178 LYS A CB  1 
ATOM   1431 C CG  . LYS A 1 178 ? 0.671   17.685  6.161   1.00 25.69 ? 178 LYS A CG  1 
ATOM   1432 C CD  . LYS A 1 178 ? 1.944   18.083  6.958   1.00 30.48 ? 178 LYS A CD  1 
ATOM   1433 C CE  . LYS A 1 178 ? 2.471   19.475  6.615   1.00 33.30 ? 178 LYS A CE  1 
ATOM   1434 N NZ  . LYS A 1 178 ? 3.107   20.094  7.833   1.00 33.87 ? 178 LYS A NZ  1 
ATOM   1435 N N   . PHE A 1 179 ? 0.189   14.516  3.197   1.00 17.88 ? 179 PHE A N   1 
ATOM   1436 C CA  . PHE A 1 179 ? 0.690   13.414  2.366   1.00 17.23 ? 179 PHE A CA  1 
ATOM   1437 C C   . PHE A 1 179 ? 2.219   13.556  2.451   1.00 18.06 ? 179 PHE A C   1 
ATOM   1438 O O   . PHE A 1 179 ? 2.754   14.653  2.238   1.00 16.97 ? 179 PHE A O   1 
ATOM   1439 C CB  . PHE A 1 179 ? 0.272   13.549  0.904   1.00 17.89 ? 179 PHE A CB  1 
ATOM   1440 C CG  . PHE A 1 179 ? -1.180  13.506  0.639   1.00 17.52 ? 179 PHE A CG  1 
ATOM   1441 C CD1 . PHE A 1 179 ? -1.820  14.656  0.183   1.00 17.79 ? 179 PHE A CD1 1 
ATOM   1442 C CD2 . PHE A 1 179 ? -1.938  12.317  0.797   1.00 17.12 ? 179 PHE A CD2 1 
ATOM   1443 C CE1 . PHE A 1 179 ? -3.170  14.659  -0.121  1.00 21.49 ? 179 PHE A CE1 1 
ATOM   1444 C CE2 . PHE A 1 179 ? -3.305  12.319  0.457   1.00 17.86 ? 179 PHE A CE2 1 
ATOM   1445 C CZ  . PHE A 1 179 ? -3.910  13.479  0.000   1.00 16.47 ? 179 PHE A CZ  1 
ATOM   1446 N N   . GLU A 1 180 ? 2.898   12.466  2.784   1.00 17.73 ? 180 GLU A N   1 
ATOM   1447 C CA  . GLU A 1 180 ? 4.356   12.461  2.946   1.00 19.45 ? 180 GLU A CA  1 
ATOM   1448 C C   . GLU A 1 180 ? 4.928   11.330  2.138   1.00 19.31 ? 180 GLU A C   1 
ATOM   1449 O O   . GLU A 1 180 ? 4.263   10.284  1.910   1.00 15.91 ? 180 GLU A O   1 
ATOM   1450 C CB  . GLU A 1 180 ? 4.755   12.352  4.433   1.00 17.90 ? 180 GLU A CB  1 
ATOM   1451 C CG  . GLU A 1 180 ? 4.451   13.666  5.197   1.00 22.38 ? 180 GLU A CG  1 
ATOM   1452 C CD  . GLU A 1 180 ? 4.994   13.712  6.604   1.00 26.80 ? 180 GLU A CD  1 
ATOM   1453 O OE1 . GLU A 1 180 ? 5.353   14.843  7.032   1.00 26.10 ? 180 GLU A OE1 1 
ATOM   1454 O OE2 . GLU A 1 180 ? 5.051   12.654  7.280   1.00 29.04 ? 180 GLU A OE2 1 
ATOM   1455 N N   . VAL A 1 181 ? 6.151   11.563  1.636   1.00 19.99 ? 181 VAL A N   1 
ATOM   1456 C CA  . VAL A 1 181 ? 6.849   10.506  0.933   1.00 20.49 ? 181 VAL A CA  1 
ATOM   1457 C C   . VAL A 1 181 ? 8.187   10.282  1.609   1.00 20.00 ? 181 VAL A C   1 
ATOM   1458 O O   . VAL A 1 181 ? 8.905   11.269  1.842   1.00 22.40 ? 181 VAL A O   1 
ATOM   1459 C CB  . VAL A 1 181 ? 7.005   10.869  -0.559  1.00 21.08 ? 181 VAL A CB  1 
ATOM   1460 C CG1 . VAL A 1 181 ? 7.464   9.653   -1.329  1.00 19.16 ? 181 VAL A CG1 1 
ATOM   1461 C CG2 . VAL A 1 181 ? 5.640   11.422  -1.137  1.00 20.41 ? 181 VAL A CG2 1 
ATOM   1462 N N   . TYR A 1 182 ? 8.537   9.034   1.934   1.00 21.16 ? 182 TYR A N   1 
ATOM   1463 C CA  . TYR A 1 182 ? 9.837   8.702   2.552   1.00 23.70 ? 182 TYR A CA  1 
ATOM   1464 C C   . TYR A 1 182 ? 10.529  7.731   1.563   1.00 27.03 ? 182 TYR A C   1 
ATOM   1465 O O   . TYR A 1 182 ? 9.846   7.114   0.697   1.00 24.89 ? 182 TYR A O   1 
ATOM   1466 C CB  . TYR A 1 182 ? 9.684   8.001   3.910   1.00 24.04 ? 182 TYR A CB  1 
ATOM   1467 C CG  . TYR A 1 182 ? 9.060   8.846   4.988   1.00 26.68 ? 182 TYR A CG  1 
ATOM   1468 C CD1 . TYR A 1 182 ? 7.667   8.994   5.059   1.00 28.11 ? 182 TYR A CD1 1 
ATOM   1469 C CD2 . TYR A 1 182 ? 9.850   9.572   5.891   1.00 24.86 ? 182 TYR A CD2 1 
ATOM   1470 C CE1 . TYR A 1 182 ? 7.095   9.758   6.039   1.00 28.03 ? 182 TYR A CE1 1 
ATOM   1471 C CE2 . TYR A 1 182 ? 9.267   10.364  6.868   1.00 30.03 ? 182 TYR A CE2 1 
ATOM   1472 C CZ  . TYR A 1 182 ? 7.877   10.433  6.931   1.00 30.50 ? 182 TYR A CZ  1 
ATOM   1473 O OH  . TYR A 1 182 ? 7.234   11.204  7.856   1.00 35.47 ? 182 TYR A OH  1 
ATOM   1474 N N   . GLU A 1 183 ? 11.867  7.626   1.654   1.00 28.34 ? 183 GLU A N   1 
ATOM   1475 C CA  . GLU A 1 183 ? 12.629  6.703   0.801   1.00 31.99 ? 183 GLU A CA  1 
ATOM   1476 C C   . GLU A 1 183 ? 13.769  6.060   1.609   1.00 33.07 ? 183 GLU A C   1 
ATOM   1477 O O   . GLU A 1 183 ? 14.419  6.748   2.396   1.00 32.16 ? 183 GLU A O   1 
ATOM   1478 C CB  . GLU A 1 183 ? 13.144  7.472   -0.426  1.00 33.51 ? 183 GLU A CB  1 
ATOM   1479 C CG  . GLU A 1 183 ? 14.026  6.675   -1.401  1.00 38.19 ? 183 GLU A CG  1 
ATOM   1480 C CD  . GLU A 1 183 ? 14.286  7.438   -2.693  1.00 44.09 ? 183 GLU A CD  1 
ATOM   1481 O OE1 . GLU A 1 183 ? 13.507  7.217   -3.663  1.00 43.14 ? 183 GLU A OE1 1 
ATOM   1482 O OE2 . GLU A 1 183 ? 15.254  8.262   -2.722  1.00 43.22 ? 183 GLU A OE2 1 
ATOM   1483 N N   . LYS A 1 184 ? 13.988  4.756   1.449   1.00 33.71 ? 184 LYS A N   1 
ATOM   1484 C CA  . LYS A 1 184 ? 15.157  4.131   2.046   1.00 36.24 ? 184 LYS A CA  1 
ATOM   1485 C C   . LYS A 1 184 ? 15.992  3.460   0.984   1.00 38.35 ? 184 LYS A C   1 
ATOM   1486 O O   . LYS A 1 184 ? 15.450  3.054   -0.040  1.00 37.55 ? 184 LYS A O   1 
ATOM   1487 C CB  . LYS A 1 184 ? 14.781  3.066   3.063   1.00 36.00 ? 184 LYS A CB  1 
ATOM   1488 C CG  . LYS A 1 184 ? 14.563  1.696   2.470   1.00 36.42 ? 184 LYS A CG  1 
ATOM   1489 C CD  . LYS A 1 184 ? 15.385  0.619   3.189   1.00 38.70 ? 184 LYS A CD  1 
ATOM   1490 C CE  . LYS A 1 184 ? 14.488  -0.154  4.153   1.00 40.06 ? 184 LYS A CE  1 
ATOM   1491 N NZ  . LYS A 1 184 ? 13.755  -1.257  3.486   1.00 39.74 ? 184 LYS A NZ  1 
ATOM   1492 N N   . ASN A 1 185 ? 17.276  3.290   1.310   1.00 41.37 ? 185 ASN A N   1 
ATOM   1493 C CA  . ASN A 1 185 ? 18.348  2.621   0.540   1.00 45.36 ? 185 ASN A CA  1 
ATOM   1494 C C   . ASN A 1 185 ? 18.677  1.170   0.956   1.00 46.48 ? 185 ASN A C   1 
ATOM   1495 O O   . ASN A 1 185 ? 18.796  0.267   0.116   1.00 46.50 ? 185 ASN A O   1 
ATOM   1496 C CB  . ASN A 1 185 ? 19.663  3.400   0.799   1.00 46.02 ? 185 ASN A CB  1 
ATOM   1497 C CG  . ASN A 1 185 ? 20.095  4.262   -0.370  1.00 49.31 ? 185 ASN A CG  1 
ATOM   1498 O OD1 . ASN A 1 185 ? 20.611  5.368   -0.174  1.00 52.19 ? 185 ASN A OD1 1 
ATOM   1499 N ND2 . ASN A 1 185 ? 19.931  3.746   -1.596  1.00 54.16 ? 185 ASN A ND2 1 
ATOM   1500 N N   . ASP A 1 186 ? 18.841  0.974   2.264   1.00 48.77 ? 186 ASP A N   1 
ATOM   1501 C CA  . ASP A 1 186 ? 19.733  -0.072  2.819   1.00 51.06 ? 186 ASP A CA  1 
ATOM   1502 C C   . ASP A 1 186 ? 19.119  -1.425  3.252   1.00 51.72 ? 186 ASP A C   1 
ATOM   1503 O O   . ASP A 1 186 ? 17.899  -1.632  3.358   1.00 52.51 ? 186 ASP A O   1 
ATOM   1504 C CB  . ASP A 1 186 ? 20.621  0.529   3.943   1.00 51.53 ? 186 ASP A CB  1 
ATOM   1505 C CG  . ASP A 1 186 ? 19.820  1.308   5.011   1.00 52.82 ? 186 ASP A CG  1 
ATOM   1506 O OD1 . ASP A 1 186 ? 18.596  1.500   4.837   1.00 55.15 ? 186 ASP A OD1 1 
ATOM   1507 O OD2 . ASP A 1 186 ? 20.425  1.738   6.028   1.00 53.56 ? 186 ASP A OD2 1 
ATOM   1508 O OXT . ASP A 1 186 ? 19.864  -2.374  3.532   1.00 52.44 ? 186 ASP A OXT 1 
HETATM 1509 S S   . SO4 B 2 .   ? -3.306  -8.688  6.534   1.00 22.34 ? 187 SO4 A S   1 
HETATM 1510 O O1  . SO4 B 2 .   ? -1.841  -8.617  6.315   1.00 22.13 ? 187 SO4 A O1  1 
HETATM 1511 O O2  . SO4 B 2 .   ? -3.721  -8.309  7.863   1.00 24.10 ? 187 SO4 A O2  1 
HETATM 1512 O O3  . SO4 B 2 .   ? -4.012  -8.031  5.451   1.00 15.34 ? 187 SO4 A O3  1 
HETATM 1513 O O4  . SO4 B 2 .   ? -3.700  -10.110 6.312   1.00 20.55 ? 187 SO4 A O4  1 
HETATM 1514 S S   . SO4 C 2 .   ? -2.429  -16.212 6.355   1.00 32.06 ? 188 SO4 A S   1 
HETATM 1515 O O1  . SO4 C 2 .   ? -1.215  -16.905 5.861   1.00 34.05 ? 188 SO4 A O1  1 
HETATM 1516 O O2  . SO4 C 2 .   ? -2.927  -16.919 7.521   1.00 35.46 ? 188 SO4 A O2  1 
HETATM 1517 O O3  . SO4 C 2 .   ? -2.057  -14.860 6.714   1.00 32.90 ? 188 SO4 A O3  1 
HETATM 1518 O O4  . SO4 C 2 .   ? -3.505  -16.125 5.388   1.00 33.75 ? 188 SO4 A O4  1 
HETATM 1519 S S   . SO4 D 2 .   ? -8.590  -3.565  -15.764 1.00 60.82 ? 189 SO4 A S   1 
HETATM 1520 O O1  . SO4 D 2 .   ? -9.269  -3.930  -14.518 1.00 57.95 ? 189 SO4 A O1  1 
HETATM 1521 O O2  . SO4 D 2 .   ? -7.175  -3.966  -15.783 1.00 59.69 ? 189 SO4 A O2  1 
HETATM 1522 O O3  . SO4 D 2 .   ? -9.242  -4.252  -16.879 1.00 61.22 ? 189 SO4 A O3  1 
HETATM 1523 O O4  . SO4 D 2 .   ? -8.703  -2.106  -15.921 1.00 58.88 ? 189 SO4 A O4  1 
HETATM 1524 S S   . SO4 E 2 .   ? -19.412 -2.912  0.052   1.00 45.87 ? 190 SO4 A S   1 
HETATM 1525 O O1  . SO4 E 2 .   ? -18.480 -3.676  0.967   1.00 39.17 ? 190 SO4 A O1  1 
HETATM 1526 O O2  . SO4 E 2 .   ? -18.816 -2.574  -1.279  1.00 35.80 ? 190 SO4 A O2  1 
HETATM 1527 O O3  . SO4 E 2 .   ? -20.610 -3.728  -0.234  1.00 41.81 ? 190 SO4 A O3  1 
HETATM 1528 O O4  . SO4 E 2 .   ? -19.788 -1.682  0.783   1.00 42.43 ? 190 SO4 A O4  1 
HETATM 1529 S S   . SO4 F 2 .   ? -15.511 18.085  4.302   1.00 58.75 ? 191 SO4 A S   1 
HETATM 1530 O O1  . SO4 F 2 .   ? -15.305 18.327  5.734   1.00 58.48 ? 191 SO4 A O1  1 
HETATM 1531 O O2  . SO4 F 2 .   ? -14.648 17.017  3.757   1.00 57.57 ? 191 SO4 A O2  1 
HETATM 1532 O O3  . SO4 F 2 .   ? -16.880 17.606  4.119   1.00 56.67 ? 191 SO4 A O3  1 
HETATM 1533 O O4  . SO4 F 2 .   ? -15.241 19.387  3.683   1.00 56.57 ? 191 SO4 A O4  1 
HETATM 1534 N N1  A 684 G 3 .   ? -5.007  5.345   1.915   0.50 14.85 ? 192 684 A N1  1 
HETATM 1535 N N1  B 684 G 3 .   ? -5.009  5.350   1.910   0.50 15.12 ? 192 684 A N1  1 
HETATM 1536 C C2  A 684 G 3 .   ? -3.679  5.236   1.703   0.50 14.94 ? 192 684 A C2  1 
HETATM 1537 C C2  B 684 G 3 .   ? -3.680  5.240   1.708   0.50 15.23 ? 192 684 A C2  1 
HETATM 1538 N N2  A 684 G 3 .   ? -3.007  6.370   1.510   0.50 12.21 ? 192 684 A N2  1 
HETATM 1539 N N2  B 684 G 3 .   ? -3.007  6.376   1.526   0.50 12.56 ? 192 684 A N2  1 
HETATM 1540 N N3  A 684 G 3 .   ? -3.067  4.018   1.695   0.50 12.40 ? 192 684 A N3  1 
HETATM 1541 N N3  B 684 G 3 .   ? -3.069  4.023   1.698   0.50 12.73 ? 192 684 A N3  1 
HETATM 1542 C C4  A 684 G 3 .   ? -3.765  2.884   1.860   0.50 13.66 ? 192 684 A C4  1 
HETATM 1543 C C4  B 684 G 3 .   ? -3.769  2.889   1.851   0.50 13.94 ? 192 684 A C4  1 
HETATM 1544 N N4  A 684 G 3 .   ? -3.152  1.679   1.852   0.50 12.04 ? 192 684 A N4  1 
HETATM 1545 N N4  B 684 G 3 .   ? -3.156  1.684   1.843   0.50 12.33 ? 192 684 A N4  1 
HETATM 1546 N N5  A 684 G 3 .   ? -5.911  1.921   2.292   0.50 16.74 ? 192 684 A N5  1 
HETATM 1547 N N5  B 684 G 3 .   ? -5.920  1.924   2.259   0.50 16.98 ? 192 684 A N5  1 
HETATM 1548 C C6  A 684 G 3 .   ? -7.236  2.034   2.483   0.50 16.57 ? 192 684 A C6  1 
HETATM 1549 C C6  B 684 G 3 .   ? -7.246  2.038   2.439   0.50 16.82 ? 192 684 A C6  1 
HETATM 1550 C C7  A 684 G 3 .   ? -7.828  3.307   2.509   0.50 16.41 ? 192 684 A C7  1 
HETATM 1551 C C7  B 684 G 3 .   ? -7.836  3.310   2.466   0.50 16.62 ? 192 684 A C7  1 
HETATM 1552 N N8  A 684 G 3 .   ? -7.084  4.379   2.313   0.50 15.17 ? 192 684 A N8  1 
HETATM 1553 N N8  B 684 G 3 .   ? -7.090  4.382   2.285   0.50 15.41 ? 192 684 A N8  1 
HETATM 1554 C C9  A 684 G 3 .   ? -8.029  0.731   2.732   0.50 20.05 ? 192 684 A C9  1 
HETATM 1555 C C9  B 684 G 3 .   ? -8.045  0.735   2.671   0.50 20.38 ? 192 684 A C9  1 
HETATM 1556 N N10 A 684 G 3 .   ? -9.435  0.728   2.328   0.50 18.91 ? 192 684 A N10 1 
HETATM 1557 N N10 B 684 G 3 .   ? -9.457  0.742   2.281   0.50 19.71 ? 192 684 A N10 1 
HETATM 1558 C C4A A 684 G 3 .   ? -5.164  3.000   2.063   0.50 14.06 ? 192 684 A C4A 1 
HETATM 1559 C C4A B 684 G 3 .   ? -5.170  3.004   2.044   0.50 14.24 ? 192 684 A C4A 1 
HETATM 1560 C C8A A 684 G 3 .   ? -5.755  4.243   2.099   0.50 14.60 ? 192 684 A C8A 1 
HETATM 1561 C C8A B 684 G 3 .   ? -5.760  4.247   2.082   0.50 14.86 ? 192 684 A C8A 1 
HETATM 1562 O OAC A 684 G 3 .   ? -13.401 4.829   -5.342  0.50 29.42 ? 192 684 A OAC 1 
HETATM 1563 O OAC B 684 G 3 .   ? -12.970 5.819   -3.263  0.50 32.64 ? 192 684 A OAC 1 
HETATM 1564 O OAD A 684 G 3 .   ? -13.833 6.238   -3.673  0.50 32.37 ? 192 684 A OAD 1 
HETATM 1565 O OAD B 684 G 3 .   ? -12.628 6.208   -5.443  0.50 33.83 ? 192 684 A OAD 1 
HETATM 1566 C CAE A 684 G 3 .   ? -12.257 -0.769  4.961   0.50 24.68 ? 192 684 A CAE 1 
HETATM 1567 C CAE B 684 G 3 .   ? -12.243 -0.772  4.939   0.50 25.25 ? 192 684 A CAE 1 
HETATM 1568 C CAF A 684 G 3 .   ? -11.003 -1.363  4.815   0.50 22.95 ? 192 684 A CAF 1 
HETATM 1569 C CAF B 684 G 3 .   ? -10.992 -1.365  4.773   0.50 23.68 ? 192 684 A CAF 1 
HETATM 1570 C CAG A 684 G 3 .   ? -8.883  0.730   -1.180  0.50 21.62 ? 192 684 A CAG 1 
HETATM 1571 C CAG B 684 G 3 .   ? -8.963  0.757   -1.237  0.50 23.09 ? 192 684 A CAG 1 
HETATM 1572 C CAH A 684 G 3 .   ? -12.602 0.360   4.224   0.50 22.77 ? 192 684 A CAH 1 
HETATM 1573 C CAH B 684 G 3 .   ? -12.595 0.365   4.213   0.50 23.47 ? 192 684 A CAH 1 
HETATM 1574 C CAI A 684 G 3 .   ? -10.068 -0.833  3.911   0.50 23.17 ? 192 684 A CAI 1 
HETATM 1575 C CAI B 684 G 3 .   ? -10.069 -0.831  3.859   0.50 23.64 ? 192 684 A CAI 1 
HETATM 1576 C CAJ A 684 G 3 .   ? -8.757  0.489   0.182   0.50 20.22 ? 192 684 A CAJ 1 
HETATM 1577 C CAJ B 684 G 3 .   ? -8.820  0.511   0.122   0.50 21.24 ? 192 684 A CAJ 1 
HETATM 1578 C CAK A 684 G 3 .   ? -12.152 1.985   2.649   0.50 19.03 ? 192 684 A CAK 1 
HETATM 1579 C CAK B 684 G 3 .   ? -12.164 2.003   2.642   0.50 19.98 ? 192 684 A CAK 1 
HETATM 1580 C CAL A 684 G 3 .   ? -11.748 2.373   1.372   0.50 19.90 ? 192 684 A CAL 1 
HETATM 1581 C CAL B 684 G 3 .   ? -11.780 2.403   1.361   0.50 20.84 ? 192 684 A CAL 1 
HETATM 1582 C CAN A 684 G 3 .   ? -10.884 2.014   -0.772  0.50 21.27 ? 192 684 A CAN 1 
HETATM 1583 C CAN B 684 G 3 .   ? -10.950 2.050   -0.805  0.50 22.55 ? 192 684 A CAN 1 
HETATM 1584 C CAO A 684 G 3 .   ? -11.573 3.590   -3.650  0.50 26.31 ? 192 684 A CAO 1 
HETATM 1585 C CAO B 684 G 3 .   ? -11.031 4.036   -3.058  0.50 28.64 ? 192 684 A CAO 1 
HETATM 1586 C CAP A 684 G 3 .   ? -11.420 2.088   -3.418  0.50 26.20 ? 192 684 A CAP 1 
HETATM 1587 C CAP B 684 G 3 .   ? -11.230 2.601   -3.529  0.50 27.12 ? 192 684 A CAP 1 
HETATM 1588 C CAQ A 684 G 3 .   ? -12.937 4.088   -3.156  0.50 26.51 ? 192 684 A CAQ 1 
HETATM 1589 C CAQ B 684 G 3 .   ? -10.982 5.036   -4.212  0.50 26.39 ? 192 684 A CAQ 1 
HETATM 1590 O OAW A 684 G 3 .   ? -10.060 1.718   -3.011  0.50 24.48 ? 192 684 A OAW 1 
HETATM 1591 O OAW B 684 G 3 .   ? -10.130 1.737   -3.073  0.50 26.10 ? 192 684 A OAW 1 
HETATM 1592 C CAX A 684 G 3 .   ? -13.467 5.132   -4.136  0.50 29.70 ? 192 684 A CAX 1 
HETATM 1593 C CAX B 684 G 3 .   ? -12.295 5.766   -4.316  0.50 31.73 ? 192 684 A CAX 1 
HETATM 1594 C CBA A 684 G 3 .   ? -9.944  1.504   -1.660  0.50 20.37 ? 192 684 A CBA 1 
HETATM 1595 C CBA B 684 G 3 .   ? -10.022 1.536   -1.710  0.50 21.90 ? 192 684 A CBA 1 
HETATM 1596 C CBC A 684 G 3 .   ? -11.661 0.879   3.341   0.50 20.33 ? 192 684 A CBC 1 
HETATM 1597 C CBC B 684 G 3 .   ? -11.667 0.889   3.321   0.50 21.14 ? 192 684 A CBC 1 
HETATM 1598 C CBD A 684 G 3 .   ? -10.756 1.762   0.600   0.50 19.70 ? 192 684 A CBD 1 
HETATM 1599 C CBD B 684 G 3 .   ? -10.802 1.794   0.568   0.50 21.07 ? 192 684 A CBD 1 
HETATM 1600 C CBF A 684 G 3 .   ? -10.406 0.296   3.182   0.50 21.45 ? 192 684 A CBF 1 
HETATM 1601 C CBF B 684 G 3 .   ? -10.415 0.306   3.143   0.50 22.23 ? 192 684 A CBF 1 
HETATM 1602 C CBG A 684 G 3 .   ? -9.700  1.025   1.063   0.50 19.04 ? 192 684 A CBG 1 
HETATM 1603 C CBG B 684 G 3 .   ? -9.744  1.048   1.018   0.50 19.79 ? 192 684 A CBG 1 
HETATM 1604 O O   . HOH H 4 .   ? -8.649  2.324   -5.494  1.00 11.29 ? 193 HOH A O   1 
HETATM 1605 O O   . HOH H 4 .   ? 1.674   9.872   0.810   1.00 15.76 ? 194 HOH A O   1 
HETATM 1606 O O   . HOH H 4 .   ? -0.147  7.836   1.483   1.00 11.61 ? 195 HOH A O   1 
HETATM 1607 O O   . HOH H 4 .   ? -1.665  0.324   -13.078 1.00 19.33 ? 196 HOH A O   1 
HETATM 1608 O O   . HOH H 4 .   ? 2.596   11.077  17.414  1.00 20.45 ? 197 HOH A O   1 
HETATM 1609 O O   . HOH H 4 .   ? -3.899  15.038  -4.229  1.00 18.43 ? 198 HOH A O   1 
HETATM 1610 O O   . HOH H 4 .   ? -3.854  2.413   5.181   1.00 17.27 ? 199 HOH A O   1 
HETATM 1611 O O   . HOH H 4 .   ? 0.000   17.180  2.173   1.00 22.48 ? 200 HOH A O   1 
HETATM 1612 O O   . HOH H 4 .   ? -11.577 -0.727  -8.025  1.00 18.63 ? 201 HOH A O   1 
HETATM 1613 O O   . HOH H 4 .   ? -1.603  14.847  -3.175  1.00 22.67 ? 202 HOH A O   1 
HETATM 1614 O O   . HOH H 4 .   ? 2.046   5.995   -9.400  1.00 22.89 ? 203 HOH A O   1 
HETATM 1615 O O   . HOH H 4 .   ? -14.418 12.827  2.783   1.00 21.98 ? 204 HOH A O   1 
HETATM 1616 O O   . HOH H 4 .   ? 12.404  -0.729  -5.678  1.00 24.28 ? 205 HOH A O   1 
HETATM 1617 O O   . HOH H 4 .   ? -8.627  -4.696  12.052  1.00 24.59 ? 206 HOH A O   1 
HETATM 1618 O O   . HOH H 4 .   ? -10.523 2.025   -7.306  1.00 24.11 ? 207 HOH A O   1 
HETATM 1619 O O   . HOH H 4 .   ? -6.665  16.129  -0.017  1.00 24.22 ? 208 HOH A O   1 
HETATM 1620 O O   . HOH H 4 .   ? -2.446  -12.910 4.634   1.00 25.83 ? 209 HOH A O   1 
HETATM 1621 O O   . HOH H 4 .   ? 2.446   18.998  11.278  1.00 34.63 ? 210 HOH A O   1 
HETATM 1622 O O   . HOH H 4 .   ? -7.083  13.448  -4.024  1.00 19.64 ? 211 HOH A O   1 
HETATM 1623 O O   . HOH H 4 .   ? 7.504   -6.137  -16.083 1.00 27.16 ? 212 HOH A O   1 
HETATM 1624 O O   . HOH H 4 .   ? -11.634 3.772   15.669  1.00 22.50 ? 213 HOH A O   1 
# 
loop_
_pdbx_poly_seq_scheme.asym_id 
_pdbx_poly_seq_scheme.entity_id 
_pdbx_poly_seq_scheme.seq_id 
_pdbx_poly_seq_scheme.mon_id 
_pdbx_poly_seq_scheme.ndb_seq_num 
_pdbx_poly_seq_scheme.pdb_seq_num 
_pdbx_poly_seq_scheme.auth_seq_num 
_pdbx_poly_seq_scheme.pdb_mon_id 
_pdbx_poly_seq_scheme.auth_mon_id 
_pdbx_poly_seq_scheme.pdb_strand_id 
_pdbx_poly_seq_scheme.pdb_ins_code 
_pdbx_poly_seq_scheme.hetero 
A 1 1   VAL 1   1   1   VAL VAL A . n 
A 1 2   GLY 2   2   2   GLY GLY A . n 
A 1 3   SER 3   3   3   SER SER A . n 
A 1 4   LEU 4   4   4   LEU LEU A . n 
A 1 5   ASN 5   5   5   ASN ASN A . n 
A 1 6   CYS 6   6   6   CYS CYS A . n 
A 1 7   ILE 7   7   7   ILE ILE A . n 
A 1 8   VAL 8   8   8   VAL VAL A . n 
A 1 9   ALA 9   9   9   ALA ALA A . n 
A 1 10  VAL 10  10  10  VAL VAL A . n 
A 1 11  SER 11  11  11  SER SER A . n 
A 1 12  GLN 12  12  12  GLN GLN A . n 
A 1 13  ASN 13  13  13  ASN ASN A . n 
A 1 14  MET 14  14  14  MET MET A . n 
A 1 15  GLY 15  15  15  GLY GLY A . n 
A 1 16  ILE 16  16  16  ILE ILE A . n 
A 1 17  GLY 17  17  17  GLY GLY A . n 
A 1 18  LYS 18  18  18  LYS LYS A . n 
A 1 19  ASN 19  19  19  ASN ASN A . n 
A 1 20  GLY 20  20  20  GLY GLY A . n 
A 1 21  ASP 21  21  21  ASP ASP A . n 
A 1 22  LEU 22  22  22  LEU LEU A . n 
A 1 23  PRO 23  23  23  PRO PRO A . n 
A 1 24  TRP 24  24  24  TRP TRP A . n 
A 1 25  PRO 25  25  25  PRO PRO A . n 
A 1 26  PRO 26  26  26  PRO PRO A . n 
A 1 27  LEU 27  27  27  LEU LEU A . n 
A 1 28  ARG 28  28  28  ARG ARG A . n 
A 1 29  ASN 29  29  29  ASN ASN A . n 
A 1 30  GLU 30  30  30  GLU GLU A . n 
A 1 31  PHE 31  31  31  PHE PHE A . n 
A 1 32  ARG 32  32  32  ARG ARG A . n 
A 1 33  TYR 33  33  33  TYR TYR A . n 
A 1 34  PHE 34  34  34  PHE PHE A . n 
A 1 35  GLN 35  35  35  GLN GLN A . n 
A 1 36  ARG 36  36  36  ARG ARG A . n 
A 1 37  MET 37  37  37  MET MET A . n 
A 1 38  THR 38  38  38  THR THR A . n 
A 1 39  THR 39  39  39  THR THR A . n 
A 1 40  THR 40  40  40  THR THR A . n 
A 1 41  SER 41  41  41  SER SER A . n 
A 1 42  SER 42  42  42  SER SER A . n 
A 1 43  VAL 43  43  43  VAL VAL A . n 
A 1 44  GLU 44  44  44  GLU GLU A . n 
A 1 45  GLY 45  45  45  GLY GLY A . n 
A 1 46  LYS 46  46  46  LYS LYS A . n 
A 1 47  GLN 47  47  47  GLN GLN A . n 
A 1 48  ASN 48  48  48  ASN ASN A . n 
A 1 49  LEU 49  49  49  LEU LEU A . n 
A 1 50  VAL 50  50  50  VAL VAL A . n 
A 1 51  ILE 51  51  51  ILE ILE A . n 
A 1 52  MET 52  52  52  MET MET A . n 
A 1 53  GLY 53  53  53  GLY GLY A . n 
A 1 54  LYS 54  54  54  LYS LYS A . n 
A 1 55  LYS 55  55  55  LYS LYS A . n 
A 1 56  THR 56  56  56  THR THR A . n 
A 1 57  TRP 57  57  57  TRP TRP A . n 
A 1 58  PHE 58  58  58  PHE PHE A . n 
A 1 59  SER 59  59  59  SER SER A . n 
A 1 60  ILE 60  60  60  ILE ILE A . n 
A 1 61  PRO 61  61  61  PRO PRO A . n 
A 1 62  GLU 62  62  62  GLU GLU A . n 
A 1 63  LYS 63  63  63  LYS LYS A . n 
A 1 64  ASN 64  64  64  ASN ASN A . n 
A 1 65  ARG 65  65  65  ARG ARG A . n 
A 1 66  PRO 66  66  66  PRO PRO A . n 
A 1 67  LEU 67  67  67  LEU LEU A . n 
A 1 68  LYS 68  68  68  LYS LYS A . n 
A 1 69  GLY 69  69  69  GLY GLY A . n 
A 1 70  ARG 70  70  70  ARG ARG A . n 
A 1 71  ILE 71  71  71  ILE ILE A . n 
A 1 72  ASN 72  72  72  ASN ASN A . n 
A 1 73  LEU 73  73  73  LEU LEU A . n 
A 1 74  VAL 74  74  74  VAL VAL A . n 
A 1 75  LEU 75  75  75  LEU LEU A . n 
A 1 76  SER 76  76  76  SER SER A . n 
A 1 77  ARG 77  77  77  ARG ARG A . n 
A 1 78  GLU 78  78  78  GLU GLU A . n 
A 1 79  LEU 79  79  79  LEU LEU A . n 
A 1 80  LYS 80  80  80  LYS LYS A . n 
A 1 81  GLU 81  81  81  GLU GLU A . n 
A 1 82  PRO 82  82  82  PRO PRO A . n 
A 1 83  PRO 83  83  83  PRO PRO A . n 
A 1 84  GLN 84  84  84  GLN GLN A . n 
A 1 85  GLY 85  85  85  GLY GLY A . n 
A 1 86  ALA 86  86  86  ALA ALA A . n 
A 1 87  HIS 87  87  87  HIS HIS A . n 
A 1 88  PHE 88  88  88  PHE PHE A . n 
A 1 89  LEU 89  89  89  LEU LEU A . n 
A 1 90  SER 90  90  90  SER SER A . n 
A 1 91  ARG 91  91  91  ARG ARG A . n 
A 1 92  SER 92  92  92  SER SER A . n 
A 1 93  LEU 93  93  93  LEU LEU A . n 
A 1 94  ASP 94  94  94  ASP ASP A . n 
A 1 95  ASP 95  95  95  ASP ASP A . n 
A 1 96  ALA 96  96  96  ALA ALA A . n 
A 1 97  LEU 97  97  97  LEU LEU A . n 
A 1 98  LYS 98  98  98  LYS LYS A . n 
A 1 99  LEU 99  99  99  LEU LEU A . n 
A 1 100 THR 100 100 100 THR THR A . n 
A 1 101 GLU 101 101 101 GLU GLU A . n 
A 1 102 GLN 102 102 102 GLN GLN A . n 
A 1 103 PRO 103 103 103 PRO PRO A . n 
A 1 104 GLU 104 104 104 GLU GLU A . n 
A 1 105 LEU 105 105 105 LEU LEU A . n 
A 1 106 ALA 106 106 106 ALA ALA A . n 
A 1 107 ASN 107 107 107 ASN ASN A . n 
A 1 108 LYS 108 108 108 LYS LYS A . n 
A 1 109 VAL 109 109 109 VAL VAL A . n 
A 1 110 ASP 110 110 110 ASP ASP A . n 
A 1 111 MET 111 111 111 MET MET A . n 
A 1 112 VAL 112 112 112 VAL VAL A . n 
A 1 113 TRP 113 113 113 TRP TRP A . n 
A 1 114 ILE 114 114 114 ILE ILE A . n 
A 1 115 VAL 115 115 115 VAL VAL A . n 
A 1 116 GLY 116 116 116 GLY GLY A . n 
A 1 117 GLY 117 117 117 GLY GLY A . n 
A 1 118 SER 118 118 118 SER SER A . n 
A 1 119 SER 119 119 119 SER SER A . n 
A 1 120 VAL 120 120 120 VAL VAL A . n 
A 1 121 TYR 121 121 121 TYR TYR A . n 
A 1 122 LYS 122 122 122 LYS LYS A . n 
A 1 123 GLU 123 123 123 GLU GLU A . n 
A 1 124 ALA 124 124 124 ALA ALA A . n 
A 1 125 MET 125 125 125 MET MET A . n 
A 1 126 ASN 126 126 126 ASN ASN A . n 
A 1 127 HIS 127 127 127 HIS HIS A . n 
A 1 128 PRO 128 128 128 PRO PRO A . n 
A 1 129 GLY 129 129 129 GLY GLY A . n 
A 1 130 HIS 130 130 130 HIS HIS A . n 
A 1 131 LEU 131 131 131 LEU LEU A . n 
A 1 132 LYS 132 132 132 LYS LYS A . n 
A 1 133 LEU 133 133 133 LEU LEU A . n 
A 1 134 PHE 134 134 134 PHE PHE A . n 
A 1 135 VAL 135 135 135 VAL VAL A . n 
A 1 136 THR 136 136 136 THR THR A . n 
A 1 137 ARG 137 137 137 ARG ARG A . n 
A 1 138 ILE 138 138 138 ILE ILE A . n 
A 1 139 MET 139 139 139 MET MET A . n 
A 1 140 GLN 140 140 140 GLN GLN A . n 
A 1 141 ASP 141 141 141 ASP ASP A . n 
A 1 142 PHE 142 142 142 PHE PHE A . n 
A 1 143 GLU 143 143 143 GLU GLU A . n 
A 1 144 SER 144 144 144 SER SER A . n 
A 1 145 ASP 145 145 145 ASP ASP A . n 
A 1 146 THR 146 146 146 THR THR A . n 
A 1 147 PHE 147 147 147 PHE PHE A . n 
A 1 148 PHE 148 148 148 PHE PHE A . n 
A 1 149 PRO 149 149 149 PRO PRO A . n 
A 1 150 GLU 150 150 150 GLU GLU A . n 
A 1 151 ILE 151 151 151 ILE ILE A . n 
A 1 152 ASP 152 152 152 ASP ASP A . n 
A 1 153 LEU 153 153 153 LEU LEU A . n 
A 1 154 GLU 154 154 154 GLU GLU A . n 
A 1 155 LYS 155 155 155 LYS LYS A . n 
A 1 156 TYR 156 156 156 TYR TYR A . n 
A 1 157 LYS 157 157 157 LYS LYS A . n 
A 1 158 LEU 158 158 158 LEU LEU A . n 
A 1 159 LEU 159 159 159 LEU LEU A . n 
A 1 160 PRO 160 160 160 PRO PRO A . n 
A 1 161 GLU 161 161 161 GLU GLU A . n 
A 1 162 TYR 162 162 162 TYR TYR A . n 
A 1 163 PRO 163 163 163 PRO PRO A . n 
A 1 164 GLY 164 164 164 GLY GLY A . n 
A 1 165 VAL 165 165 165 VAL VAL A . n 
A 1 166 LEU 166 166 166 LEU LEU A . n 
A 1 167 SER 167 167 167 SER SER A . n 
A 1 168 ASP 168 168 168 ASP ASP A . n 
A 1 169 VAL 169 169 169 VAL VAL A . n 
A 1 170 GLN 170 170 170 GLN GLN A . n 
A 1 171 GLU 171 171 171 GLU GLU A . n 
A 1 172 GLU 172 172 172 GLU GLU A . n 
A 1 173 LYS 173 173 173 LYS LYS A . n 
A 1 174 GLY 174 174 174 GLY GLY A . n 
A 1 175 ILE 175 175 175 ILE ILE A . n 
A 1 176 LYS 176 176 176 LYS LYS A . n 
A 1 177 TYR 177 177 177 TYR TYR A . n 
A 1 178 LYS 178 178 178 LYS LYS A . n 
A 1 179 PHE 179 179 179 PHE PHE A . n 
A 1 180 GLU 180 180 180 GLU GLU A . n 
A 1 181 VAL 181 181 181 VAL VAL A . n 
A 1 182 TYR 182 182 182 TYR TYR A . n 
A 1 183 GLU 183 183 183 GLU GLU A . n 
A 1 184 LYS 184 184 184 LYS LYS A . n 
A 1 185 ASN 185 185 185 ASN ASN A . n 
A 1 186 ASP 186 186 186 ASP ASP A . n 
# 
loop_
_pdbx_nonpoly_scheme.asym_id 
_pdbx_nonpoly_scheme.entity_id 
_pdbx_nonpoly_scheme.mon_id 
_pdbx_nonpoly_scheme.ndb_seq_num 
_pdbx_nonpoly_scheme.pdb_seq_num 
_pdbx_nonpoly_scheme.auth_seq_num 
_pdbx_nonpoly_scheme.pdb_mon_id 
_pdbx_nonpoly_scheme.auth_mon_id 
_pdbx_nonpoly_scheme.pdb_strand_id 
_pdbx_nonpoly_scheme.pdb_ins_code 
B 2 SO4 1  187 1  SO4 SO4 A . 
C 2 SO4 1  188 2  SO4 SO4 A . 
D 2 SO4 1  189 3  SO4 SO4 A . 
E 2 SO4 1  190 4  SO4 SO4 A . 
F 2 SO4 1  191 5  SO4 SO4 A . 
G 3 684 1  192 1  684 684 A . 
H 4 HOH 1  193 1  HOH HOH A . 
H 4 HOH 2  194 2  HOH HOH A . 
H 4 HOH 3  195 3  HOH HOH A . 
H 4 HOH 4  196 4  HOH HOH A . 
H 4 HOH 5  197 5  HOH HOH A . 
H 4 HOH 6  198 6  HOH HOH A . 
H 4 HOH 7  199 7  HOH HOH A . 
H 4 HOH 8  200 8  HOH HOH A . 
H 4 HOH 9  201 9  HOH HOH A . 
H 4 HOH 10 202 10 HOH HOH A . 
H 4 HOH 11 203 11 HOH HOH A . 
H 4 HOH 12 204 12 HOH HOH A . 
H 4 HOH 13 205 13 HOH HOH A . 
H 4 HOH 14 206 15 HOH HOH A . 
H 4 HOH 15 207 16 HOH HOH A . 
H 4 HOH 16 208 17 HOH HOH A . 
H 4 HOH 17 209 18 HOH HOH A . 
H 4 HOH 18 210 19 HOH HOH A . 
H 4 HOH 19 211 20 HOH HOH A . 
H 4 HOH 20 212 21 HOH HOH A . 
H 4 HOH 21 213 22 HOH HOH A . 
# 
_pdbx_struct_assembly.id                   1 
_pdbx_struct_assembly.details              author_and_software_defined_assembly 
_pdbx_struct_assembly.method_details       PISA 
_pdbx_struct_assembly.oligomeric_details   monomeric 
_pdbx_struct_assembly.oligomeric_count     1 
# 
_pdbx_struct_assembly_gen.assembly_id       1 
_pdbx_struct_assembly_gen.oper_expression   1 
_pdbx_struct_assembly_gen.asym_id_list      A,B,C,D,E,F,G,H 
# 
_pdbx_struct_oper_list.id                   1 
_pdbx_struct_oper_list.type                 'identity operation' 
_pdbx_struct_oper_list.name                 1_555 
_pdbx_struct_oper_list.symmetry_operation   x,y,z 
_pdbx_struct_oper_list.matrix[1][1]         1.0000000000 
_pdbx_struct_oper_list.matrix[1][2]         0.0000000000 
_pdbx_struct_oper_list.matrix[1][3]         0.0000000000 
_pdbx_struct_oper_list.vector[1]            0.0000000000 
_pdbx_struct_oper_list.matrix[2][1]         0.0000000000 
_pdbx_struct_oper_list.matrix[2][2]         1.0000000000 
_pdbx_struct_oper_list.matrix[2][3]         0.0000000000 
_pdbx_struct_oper_list.vector[2]            0.0000000000 
_pdbx_struct_oper_list.matrix[3][1]         0.0000000000 
_pdbx_struct_oper_list.matrix[3][2]         0.0000000000 
_pdbx_struct_oper_list.matrix[3][3]         1.0000000000 
_pdbx_struct_oper_list.vector[3]            0.0000000000 
# 
loop_
_pdbx_audit_revision_history.ordinal 
_pdbx_audit_revision_history.data_content_type 
_pdbx_audit_revision_history.major_revision 
_pdbx_audit_revision_history.minor_revision 
_pdbx_audit_revision_history.revision_date 
1 'Structure model' 1 0 2011-10-05 
2 'Structure model' 1 1 2023-09-13 
# 
_pdbx_audit_revision_details.ordinal             1 
_pdbx_audit_revision_details.revision_ordinal    1 
_pdbx_audit_revision_details.data_content_type   'Structure model' 
_pdbx_audit_revision_details.provider            repository 
_pdbx_audit_revision_details.type                'Initial release' 
_pdbx_audit_revision_details.description         ? 
_pdbx_audit_revision_details.details             ? 
# 
loop_
_pdbx_audit_revision_group.ordinal 
_pdbx_audit_revision_group.revision_ordinal 
_pdbx_audit_revision_group.data_content_type 
_pdbx_audit_revision_group.group 
1 2 'Structure model' 'Data collection'        
2 2 'Structure model' 'Database references'    
3 2 'Structure model' 'Derived calculations'   
4 2 'Structure model' 'Refinement description' 
# 
loop_
_pdbx_audit_revision_category.ordinal 
_pdbx_audit_revision_category.revision_ordinal 
_pdbx_audit_revision_category.data_content_type 
_pdbx_audit_revision_category.category 
1 2 'Structure model' chem_comp_atom                
2 2 'Structure model' chem_comp_bond                
3 2 'Structure model' database_2                    
4 2 'Structure model' pdbx_initial_refinement_model 
5 2 'Structure model' struct_site                   
# 
loop_
_pdbx_audit_revision_item.ordinal 
_pdbx_audit_revision_item.revision_ordinal 
_pdbx_audit_revision_item.data_content_type 
_pdbx_audit_revision_item.item 
1 2 'Structure model' '_database_2.pdbx_DOI'                
2 2 'Structure model' '_database_2.pdbx_database_accession' 
3 2 'Structure model' '_struct_site.pdbx_auth_asym_id'      
4 2 'Structure model' '_struct_site.pdbx_auth_comp_id'      
5 2 'Structure model' '_struct_site.pdbx_auth_seq_id'       
# 
loop_
_software.name 
_software.classification 
_software.version 
_software.citation_id 
_software.pdbx_ordinal 
HKL-2000 'data collection' .        ? 1 
MOLREP   phasing           .        ? 2 
REFMAC   refinement        5.5.0088 ? 3 
MOSFLM   'data reduction'  .        ? 4 
SCALA    'data scaling'    .        ? 5 
# 
_pdbx_validate_symm_contact.id                1 
_pdbx_validate_symm_contact.PDB_model_num     1 
_pdbx_validate_symm_contact.auth_atom_id_1    CD2 
_pdbx_validate_symm_contact.auth_asym_id_1    A 
_pdbx_validate_symm_contact.auth_comp_id_1    HIS 
_pdbx_validate_symm_contact.auth_seq_id_1     130 
_pdbx_validate_symm_contact.PDB_ins_code_1    ? 
_pdbx_validate_symm_contact.label_alt_id_1    ? 
_pdbx_validate_symm_contact.site_symmetry_1   1_555 
_pdbx_validate_symm_contact.auth_atom_id_2    OD2 
_pdbx_validate_symm_contact.auth_asym_id_2    A 
_pdbx_validate_symm_contact.auth_comp_id_2    ASP 
_pdbx_validate_symm_contact.auth_seq_id_2     141 
_pdbx_validate_symm_contact.PDB_ins_code_2    ? 
_pdbx_validate_symm_contact.label_alt_id_2    ? 
_pdbx_validate_symm_contact.site_symmetry_2   4_455 
_pdbx_validate_symm_contact.dist              2.18 
# 
_pdbx_validate_rmsd_bond.id                        1 
_pdbx_validate_rmsd_bond.PDB_model_num             1 
_pdbx_validate_rmsd_bond.auth_atom_id_1            CB 
_pdbx_validate_rmsd_bond.auth_asym_id_1            A 
_pdbx_validate_rmsd_bond.auth_comp_id_1            CYS 
_pdbx_validate_rmsd_bond.auth_seq_id_1             6 
_pdbx_validate_rmsd_bond.PDB_ins_code_1            ? 
_pdbx_validate_rmsd_bond.label_alt_id_1            B 
_pdbx_validate_rmsd_bond.auth_atom_id_2            SG 
_pdbx_validate_rmsd_bond.auth_asym_id_2            A 
_pdbx_validate_rmsd_bond.auth_comp_id_2            CYS 
_pdbx_validate_rmsd_bond.auth_seq_id_2             6 
_pdbx_validate_rmsd_bond.PDB_ins_code_2            ? 
_pdbx_validate_rmsd_bond.label_alt_id_2            B 
_pdbx_validate_rmsd_bond.bond_value                1.653 
_pdbx_validate_rmsd_bond.bond_target_value         1.812 
_pdbx_validate_rmsd_bond.bond_deviation            -0.159 
_pdbx_validate_rmsd_bond.bond_standard_deviation   0.016 
_pdbx_validate_rmsd_bond.linker_flag               N 
# 
loop_
_pdbx_validate_rmsd_angle.id 
_pdbx_validate_rmsd_angle.PDB_model_num 
_pdbx_validate_rmsd_angle.auth_atom_id_1 
_pdbx_validate_rmsd_angle.auth_asym_id_1 
_pdbx_validate_rmsd_angle.auth_comp_id_1 
_pdbx_validate_rmsd_angle.auth_seq_id_1 
_pdbx_validate_rmsd_angle.PDB_ins_code_1 
_pdbx_validate_rmsd_angle.label_alt_id_1 
_pdbx_validate_rmsd_angle.auth_atom_id_2 
_pdbx_validate_rmsd_angle.auth_asym_id_2 
_pdbx_validate_rmsd_angle.auth_comp_id_2 
_pdbx_validate_rmsd_angle.auth_seq_id_2 
_pdbx_validate_rmsd_angle.PDB_ins_code_2 
_pdbx_validate_rmsd_angle.label_alt_id_2 
_pdbx_validate_rmsd_angle.auth_atom_id_3 
_pdbx_validate_rmsd_angle.auth_asym_id_3 
_pdbx_validate_rmsd_angle.auth_comp_id_3 
_pdbx_validate_rmsd_angle.auth_seq_id_3 
_pdbx_validate_rmsd_angle.PDB_ins_code_3 
_pdbx_validate_rmsd_angle.label_alt_id_3 
_pdbx_validate_rmsd_angle.angle_value 
_pdbx_validate_rmsd_angle.angle_target_value 
_pdbx_validate_rmsd_angle.angle_deviation 
_pdbx_validate_rmsd_angle.angle_standard_deviation 
_pdbx_validate_rmsd_angle.linker_flag 
1 1 CA A CYS 6   ? A CB A CYS 6   ? A SG  A CYS 6   ? A 121.39 114.20 7.19  1.10 N 
2 1 CG A MET 52  ? ? SD A MET 52  ? ? CE  A MET 52  ? ? 111.27 100.20 11.07 1.60 N 
3 1 NE A ARG 65  ? ? CZ A ARG 65  ? ? NH1 A ARG 65  ? ? 116.84 120.30 -3.46 0.50 N 
4 1 NE A ARG 65  ? ? CZ A ARG 65  ? ? NH2 A ARG 65  ? ? 123.40 120.30 3.10  0.50 N 
5 1 CA A LEU 133 ? ? CB A LEU 133 ? ? CG  A LEU 133 ? ? 132.30 115.30 17.00 2.30 N 
# 
loop_
_pdbx_validate_torsion.id 
_pdbx_validate_torsion.PDB_model_num 
_pdbx_validate_torsion.auth_comp_id 
_pdbx_validate_torsion.auth_asym_id 
_pdbx_validate_torsion.auth_seq_id 
_pdbx_validate_torsion.PDB_ins_code 
_pdbx_validate_torsion.label_alt_id 
_pdbx_validate_torsion.phi 
_pdbx_validate_torsion.psi 
1 1 ASP A 110 ? ? -91.57 -100.81 
2 1 MET A 139 ? ? -88.81 37.38   
# 
loop_
_chem_comp_atom.comp_id 
_chem_comp_atom.atom_id 
_chem_comp_atom.type_symbol 
_chem_comp_atom.pdbx_aromatic_flag 
_chem_comp_atom.pdbx_stereo_config 
_chem_comp_atom.pdbx_ordinal 
684 N1   N Y N 1   
684 C2   C Y N 2   
684 N2   N N N 3   
684 N3   N Y N 4   
684 C4   C Y N 5   
684 N4   N N N 6   
684 N5   N Y N 7   
684 C6   C Y N 8   
684 C7   C Y N 9   
684 N8   N Y N 10  
684 C9   C N N 11  
684 N10  N N N 12  
684 C4A  C Y N 13  
684 C8A  C Y N 14  
684 OAC  O N N 15  
684 OAD  O N N 16  
684 CAE  C Y N 17  
684 CAF  C Y N 18  
684 CAG  C Y N 19  
684 CAH  C Y N 20  
684 CAI  C Y N 21  
684 CAJ  C Y N 22  
684 CAK  C N N 23  
684 CAL  C N N 24  
684 CAN  C Y N 25  
684 CAO  C N N 26  
684 CAP  C N N 27  
684 CAQ  C N N 28  
684 OAW  O N N 29  
684 CAX  C N N 30  
684 CBA  C Y N 31  
684 CBC  C Y N 32  
684 CBD  C Y N 33  
684 CBF  C Y N 34  
684 CBG  C Y N 35  
684 HN2  H N N 36  
684 HN2A H N N 37  
684 HN4  H N N 38  
684 HN4A H N N 39  
684 H7   H N N 40  
684 H9   H N N 41  
684 H9A  H N N 42  
684 HOAD H N N 43  
684 HAE  H N N 44  
684 HAF  H N N 45  
684 HAG  H N N 46  
684 HAH  H N N 47  
684 HAI  H N N 48  
684 HAJ  H N N 49  
684 HAK  H N N 50  
684 HAL  H N N 51  
684 HAN  H N N 52  
684 HAO  H N N 53  
684 HAOA H N N 54  
684 HAP  H N N 55  
684 HAPA H N N 56  
684 HAQ  H N N 57  
684 HAQA H N N 58  
ALA N    N N N 59  
ALA CA   C N S 60  
ALA C    C N N 61  
ALA O    O N N 62  
ALA CB   C N N 63  
ALA OXT  O N N 64  
ALA H    H N N 65  
ALA H2   H N N 66  
ALA HA   H N N 67  
ALA HB1  H N N 68  
ALA HB2  H N N 69  
ALA HB3  H N N 70  
ALA HXT  H N N 71  
ARG N    N N N 72  
ARG CA   C N S 73  
ARG C    C N N 74  
ARG O    O N N 75  
ARG CB   C N N 76  
ARG CG   C N N 77  
ARG CD   C N N 78  
ARG NE   N N N 79  
ARG CZ   C N N 80  
ARG NH1  N N N 81  
ARG NH2  N N N 82  
ARG OXT  O N N 83  
ARG H    H N N 84  
ARG H2   H N N 85  
ARG HA   H N N 86  
ARG HB2  H N N 87  
ARG HB3  H N N 88  
ARG HG2  H N N 89  
ARG HG3  H N N 90  
ARG HD2  H N N 91  
ARG HD3  H N N 92  
ARG HE   H N N 93  
ARG HH11 H N N 94  
ARG HH12 H N N 95  
ARG HH21 H N N 96  
ARG HH22 H N N 97  
ARG HXT  H N N 98  
ASN N    N N N 99  
ASN CA   C N S 100 
ASN C    C N N 101 
ASN O    O N N 102 
ASN CB   C N N 103 
ASN CG   C N N 104 
ASN OD1  O N N 105 
ASN ND2  N N N 106 
ASN OXT  O N N 107 
ASN H    H N N 108 
ASN H2   H N N 109 
ASN HA   H N N 110 
ASN HB2  H N N 111 
ASN HB3  H N N 112 
ASN HD21 H N N 113 
ASN HD22 H N N 114 
ASN HXT  H N N 115 
ASP N    N N N 116 
ASP CA   C N S 117 
ASP C    C N N 118 
ASP O    O N N 119 
ASP CB   C N N 120 
ASP CG   C N N 121 
ASP OD1  O N N 122 
ASP OD2  O N N 123 
ASP OXT  O N N 124 
ASP H    H N N 125 
ASP H2   H N N 126 
ASP HA   H N N 127 
ASP HB2  H N N 128 
ASP HB3  H N N 129 
ASP HD2  H N N 130 
ASP HXT  H N N 131 
CYS N    N N N 132 
CYS CA   C N R 133 
CYS C    C N N 134 
CYS O    O N N 135 
CYS CB   C N N 136 
CYS SG   S N N 137 
CYS OXT  O N N 138 
CYS H    H N N 139 
CYS H2   H N N 140 
CYS HA   H N N 141 
CYS HB2  H N N 142 
CYS HB3  H N N 143 
CYS HG   H N N 144 
CYS HXT  H N N 145 
GLN N    N N N 146 
GLN CA   C N S 147 
GLN C    C N N 148 
GLN O    O N N 149 
GLN CB   C N N 150 
GLN CG   C N N 151 
GLN CD   C N N 152 
GLN OE1  O N N 153 
GLN NE2  N N N 154 
GLN OXT  O N N 155 
GLN H    H N N 156 
GLN H2   H N N 157 
GLN HA   H N N 158 
GLN HB2  H N N 159 
GLN HB3  H N N 160 
GLN HG2  H N N 161 
GLN HG3  H N N 162 
GLN HE21 H N N 163 
GLN HE22 H N N 164 
GLN HXT  H N N 165 
GLU N    N N N 166 
GLU CA   C N S 167 
GLU C    C N N 168 
GLU O    O N N 169 
GLU CB   C N N 170 
GLU CG   C N N 171 
GLU CD   C N N 172 
GLU OE1  O N N 173 
GLU OE2  O N N 174 
GLU OXT  O N N 175 
GLU H    H N N 176 
GLU H2   H N N 177 
GLU HA   H N N 178 
GLU HB2  H N N 179 
GLU HB3  H N N 180 
GLU HG2  H N N 181 
GLU HG3  H N N 182 
GLU HE2  H N N 183 
GLU HXT  H N N 184 
GLY N    N N N 185 
GLY CA   C N N 186 
GLY C    C N N 187 
GLY O    O N N 188 
GLY OXT  O N N 189 
GLY H    H N N 190 
GLY H2   H N N 191 
GLY HA2  H N N 192 
GLY HA3  H N N 193 
GLY HXT  H N N 194 
HIS N    N N N 195 
HIS CA   C N S 196 
HIS C    C N N 197 
HIS O    O N N 198 
HIS CB   C N N 199 
HIS CG   C Y N 200 
HIS ND1  N Y N 201 
HIS CD2  C Y N 202 
HIS CE1  C Y N 203 
HIS NE2  N Y N 204 
HIS OXT  O N N 205 
HIS H    H N N 206 
HIS H2   H N N 207 
HIS HA   H N N 208 
HIS HB2  H N N 209 
HIS HB3  H N N 210 
HIS HD1  H N N 211 
HIS HD2  H N N 212 
HIS HE1  H N N 213 
HIS HE2  H N N 214 
HIS HXT  H N N 215 
HOH O    O N N 216 
HOH H1   H N N 217 
HOH H2   H N N 218 
ILE N    N N N 219 
ILE CA   C N S 220 
ILE C    C N N 221 
ILE O    O N N 222 
ILE CB   C N S 223 
ILE CG1  C N N 224 
ILE CG2  C N N 225 
ILE CD1  C N N 226 
ILE OXT  O N N 227 
ILE H    H N N 228 
ILE H2   H N N 229 
ILE HA   H N N 230 
ILE HB   H N N 231 
ILE HG12 H N N 232 
ILE HG13 H N N 233 
ILE HG21 H N N 234 
ILE HG22 H N N 235 
ILE HG23 H N N 236 
ILE HD11 H N N 237 
ILE HD12 H N N 238 
ILE HD13 H N N 239 
ILE HXT  H N N 240 
LEU N    N N N 241 
LEU CA   C N S 242 
LEU C    C N N 243 
LEU O    O N N 244 
LEU CB   C N N 245 
LEU CG   C N N 246 
LEU CD1  C N N 247 
LEU CD2  C N N 248 
LEU OXT  O N N 249 
LEU H    H N N 250 
LEU H2   H N N 251 
LEU HA   H N N 252 
LEU HB2  H N N 253 
LEU HB3  H N N 254 
LEU HG   H N N 255 
LEU HD11 H N N 256 
LEU HD12 H N N 257 
LEU HD13 H N N 258 
LEU HD21 H N N 259 
LEU HD22 H N N 260 
LEU HD23 H N N 261 
LEU HXT  H N N 262 
LYS N    N N N 263 
LYS CA   C N S 264 
LYS C    C N N 265 
LYS O    O N N 266 
LYS CB   C N N 267 
LYS CG   C N N 268 
LYS CD   C N N 269 
LYS CE   C N N 270 
LYS NZ   N N N 271 
LYS OXT  O N N 272 
LYS H    H N N 273 
LYS H2   H N N 274 
LYS HA   H N N 275 
LYS HB2  H N N 276 
LYS HB3  H N N 277 
LYS HG2  H N N 278 
LYS HG3  H N N 279 
LYS HD2  H N N 280 
LYS HD3  H N N 281 
LYS HE2  H N N 282 
LYS HE3  H N N 283 
LYS HZ1  H N N 284 
LYS HZ2  H N N 285 
LYS HZ3  H N N 286 
LYS HXT  H N N 287 
MET N    N N N 288 
MET CA   C N S 289 
MET C    C N N 290 
MET O    O N N 291 
MET CB   C N N 292 
MET CG   C N N 293 
MET SD   S N N 294 
MET CE   C N N 295 
MET OXT  O N N 296 
MET H    H N N 297 
MET H2   H N N 298 
MET HA   H N N 299 
MET HB2  H N N 300 
MET HB3  H N N 301 
MET HG2  H N N 302 
MET HG3  H N N 303 
MET HE1  H N N 304 
MET HE2  H N N 305 
MET HE3  H N N 306 
MET HXT  H N N 307 
PHE N    N N N 308 
PHE CA   C N S 309 
PHE C    C N N 310 
PHE O    O N N 311 
PHE CB   C N N 312 
PHE CG   C Y N 313 
PHE CD1  C Y N 314 
PHE CD2  C Y N 315 
PHE CE1  C Y N 316 
PHE CE2  C Y N 317 
PHE CZ   C Y N 318 
PHE OXT  O N N 319 
PHE H    H N N 320 
PHE H2   H N N 321 
PHE HA   H N N 322 
PHE HB2  H N N 323 
PHE HB3  H N N 324 
PHE HD1  H N N 325 
PHE HD2  H N N 326 
PHE HE1  H N N 327 
PHE HE2  H N N 328 
PHE HZ   H N N 329 
PHE HXT  H N N 330 
PRO N    N N N 331 
PRO CA   C N S 332 
PRO C    C N N 333 
PRO O    O N N 334 
PRO CB   C N N 335 
PRO CG   C N N 336 
PRO CD   C N N 337 
PRO OXT  O N N 338 
PRO H    H N N 339 
PRO HA   H N N 340 
PRO HB2  H N N 341 
PRO HB3  H N N 342 
PRO HG2  H N N 343 
PRO HG3  H N N 344 
PRO HD2  H N N 345 
PRO HD3  H N N 346 
PRO HXT  H N N 347 
SER N    N N N 348 
SER CA   C N S 349 
SER C    C N N 350 
SER O    O N N 351 
SER CB   C N N 352 
SER OG   O N N 353 
SER OXT  O N N 354 
SER H    H N N 355 
SER H2   H N N 356 
SER HA   H N N 357 
SER HB2  H N N 358 
SER HB3  H N N 359 
SER HG   H N N 360 
SER HXT  H N N 361 
SO4 S    S N N 362 
SO4 O1   O N N 363 
SO4 O2   O N N 364 
SO4 O3   O N N 365 
SO4 O4   O N N 366 
THR N    N N N 367 
THR CA   C N S 368 
THR C    C N N 369 
THR O    O N N 370 
THR CB   C N R 371 
THR OG1  O N N 372 
THR CG2  C N N 373 
THR OXT  O N N 374 
THR H    H N N 375 
THR H2   H N N 376 
THR HA   H N N 377 
THR HB   H N N 378 
THR HG1  H N N 379 
THR HG21 H N N 380 
THR HG22 H N N 381 
THR HG23 H N N 382 
THR HXT  H N N 383 
TRP N    N N N 384 
TRP CA   C N S 385 
TRP C    C N N 386 
TRP O    O N N 387 
TRP CB   C N N 388 
TRP CG   C Y N 389 
TRP CD1  C Y N 390 
TRP CD2  C Y N 391 
TRP NE1  N Y N 392 
TRP CE2  C Y N 393 
TRP CE3  C Y N 394 
TRP CZ2  C Y N 395 
TRP CZ3  C Y N 396 
TRP CH2  C Y N 397 
TRP OXT  O N N 398 
TRP H    H N N 399 
TRP H2   H N N 400 
TRP HA   H N N 401 
TRP HB2  H N N 402 
TRP HB3  H N N 403 
TRP HD1  H N N 404 
TRP HE1  H N N 405 
TRP HE3  H N N 406 
TRP HZ2  H N N 407 
TRP HZ3  H N N 408 
TRP HH2  H N N 409 
TRP HXT  H N N 410 
TYR N    N N N 411 
TYR CA   C N S 412 
TYR C    C N N 413 
TYR O    O N N 414 
TYR CB   C N N 415 
TYR CG   C Y N 416 
TYR CD1  C Y N 417 
TYR CD2  C Y N 418 
TYR CE1  C Y N 419 
TYR CE2  C Y N 420 
TYR CZ   C Y N 421 
TYR OH   O N N 422 
TYR OXT  O N N 423 
TYR H    H N N 424 
TYR H2   H N N 425 
TYR HA   H N N 426 
TYR HB2  H N N 427 
TYR HB3  H N N 428 
TYR HD1  H N N 429 
TYR HD2  H N N 430 
TYR HE1  H N N 431 
TYR HE2  H N N 432 
TYR HH   H N N 433 
TYR HXT  H N N 434 
VAL N    N N N 435 
VAL CA   C N S 436 
VAL C    C N N 437 
VAL O    O N N 438 
VAL CB   C N N 439 
VAL CG1  C N N 440 
VAL CG2  C N N 441 
VAL OXT  O N N 442 
VAL H    H N N 443 
VAL H2   H N N 444 
VAL HA   H N N 445 
VAL HB   H N N 446 
VAL HG11 H N N 447 
VAL HG12 H N N 448 
VAL HG13 H N N 449 
VAL HG21 H N N 450 
VAL HG22 H N N 451 
VAL HG23 H N N 452 
VAL HXT  H N N 453 
# 
loop_
_chem_comp_bond.comp_id 
_chem_comp_bond.atom_id_1 
_chem_comp_bond.atom_id_2 
_chem_comp_bond.value_order 
_chem_comp_bond.pdbx_aromatic_flag 
_chem_comp_bond.pdbx_stereo_config 
_chem_comp_bond.pdbx_ordinal 
684 C2  N1   doub Y N 1   
684 N1  C8A  sing Y N 2   
684 N3  C2   sing Y N 3   
684 N2  C2   sing N N 4   
684 N2  HN2  sing N N 5   
684 N2  HN2A sing N N 6   
684 N3  C4   doub Y N 7   
684 N4  C4   sing N N 8   
684 C4  C4A  sing Y N 9   
684 N4  HN4  sing N N 10  
684 N4  HN4A sing N N 11  
684 C4A N5   doub Y N 12  
684 N5  C6   sing Y N 13  
684 C6  C9   sing N N 14  
684 C6  C7   doub Y N 15  
684 N8  C7   sing Y N 16  
684 C7  H7   sing N N 17  
684 C8A N8   doub Y N 18  
684 C9  N10  sing N N 19  
684 C9  H9   sing N N 20  
684 C9  H9A  sing N N 21  
684 N10 CBG  sing N N 22  
684 N10 CBF  sing N N 23  
684 C4A C8A  sing Y N 24  
684 CAX OAC  doub N N 25  
684 CAX OAD  sing N N 26  
684 OAD HOAD sing N N 27  
684 CAF CAE  doub Y N 28  
684 CAE CAH  sing Y N 29  
684 CAE HAE  sing N N 30  
684 CAI CAF  sing Y N 31  
684 CAF HAF  sing N N 32  
684 CAJ CAG  doub Y N 33  
684 CAG CBA  sing Y N 34  
684 CAG HAG  sing N N 35  
684 CBC CAH  doub Y N 36  
684 CAH HAH  sing N N 37  
684 CAI CBF  doub Y N 38  
684 CAI HAI  sing N N 39  
684 CAJ CBG  sing Y N 40  
684 CAJ HAJ  sing N N 41  
684 CBC CAK  sing N N 42  
684 CAL CAK  doub N N 43  
684 CAK HAK  sing N N 44  
684 CBD CAL  sing N N 45  
684 CAL HAL  sing N N 46  
684 CBA CAN  doub Y N 47  
684 CBD CAN  sing Y N 48  
684 CAN HAN  sing N N 49  
684 CAP CAO  sing N N 50  
684 CAO CAQ  sing N N 51  
684 CAO HAO  sing N N 52  
684 CAO HAOA sing N N 53  
684 OAW CAP  sing N N 54  
684 CAP HAP  sing N N 55  
684 CAP HAPA sing N N 56  
684 CAQ CAX  sing N N 57  
684 CAQ HAQ  sing N N 58  
684 CAQ HAQA sing N N 59  
684 CBA OAW  sing N N 60  
684 CBF CBC  sing Y N 61  
684 CBG CBD  doub Y N 62  
ALA N   CA   sing N N 63  
ALA N   H    sing N N 64  
ALA N   H2   sing N N 65  
ALA CA  C    sing N N 66  
ALA CA  CB   sing N N 67  
ALA CA  HA   sing N N 68  
ALA C   O    doub N N 69  
ALA C   OXT  sing N N 70  
ALA CB  HB1  sing N N 71  
ALA CB  HB2  sing N N 72  
ALA CB  HB3  sing N N 73  
ALA OXT HXT  sing N N 74  
ARG N   CA   sing N N 75  
ARG N   H    sing N N 76  
ARG N   H2   sing N N 77  
ARG CA  C    sing N N 78  
ARG CA  CB   sing N N 79  
ARG CA  HA   sing N N 80  
ARG C   O    doub N N 81  
ARG C   OXT  sing N N 82  
ARG CB  CG   sing N N 83  
ARG CB  HB2  sing N N 84  
ARG CB  HB3  sing N N 85  
ARG CG  CD   sing N N 86  
ARG CG  HG2  sing N N 87  
ARG CG  HG3  sing N N 88  
ARG CD  NE   sing N N 89  
ARG CD  HD2  sing N N 90  
ARG CD  HD3  sing N N 91  
ARG NE  CZ   sing N N 92  
ARG NE  HE   sing N N 93  
ARG CZ  NH1  sing N N 94  
ARG CZ  NH2  doub N N 95  
ARG NH1 HH11 sing N N 96  
ARG NH1 HH12 sing N N 97  
ARG NH2 HH21 sing N N 98  
ARG NH2 HH22 sing N N 99  
ARG OXT HXT  sing N N 100 
ASN N   CA   sing N N 101 
ASN N   H    sing N N 102 
ASN N   H2   sing N N 103 
ASN CA  C    sing N N 104 
ASN CA  CB   sing N N 105 
ASN CA  HA   sing N N 106 
ASN C   O    doub N N 107 
ASN C   OXT  sing N N 108 
ASN CB  CG   sing N N 109 
ASN CB  HB2  sing N N 110 
ASN CB  HB3  sing N N 111 
ASN CG  OD1  doub N N 112 
ASN CG  ND2  sing N N 113 
ASN ND2 HD21 sing N N 114 
ASN ND2 HD22 sing N N 115 
ASN OXT HXT  sing N N 116 
ASP N   CA   sing N N 117 
ASP N   H    sing N N 118 
ASP N   H2   sing N N 119 
ASP CA  C    sing N N 120 
ASP CA  CB   sing N N 121 
ASP CA  HA   sing N N 122 
ASP C   O    doub N N 123 
ASP C   OXT  sing N N 124 
ASP CB  CG   sing N N 125 
ASP CB  HB2  sing N N 126 
ASP CB  HB3  sing N N 127 
ASP CG  OD1  doub N N 128 
ASP CG  OD2  sing N N 129 
ASP OD2 HD2  sing N N 130 
ASP OXT HXT  sing N N 131 
CYS N   CA   sing N N 132 
CYS N   H    sing N N 133 
CYS N   H2   sing N N 134 
CYS CA  C    sing N N 135 
CYS CA  CB   sing N N 136 
CYS CA  HA   sing N N 137 
CYS C   O    doub N N 138 
CYS C   OXT  sing N N 139 
CYS CB  SG   sing N N 140 
CYS CB  HB2  sing N N 141 
CYS CB  HB3  sing N N 142 
CYS SG  HG   sing N N 143 
CYS OXT HXT  sing N N 144 
GLN N   CA   sing N N 145 
GLN N   H    sing N N 146 
GLN N   H2   sing N N 147 
GLN CA  C    sing N N 148 
GLN CA  CB   sing N N 149 
GLN CA  HA   sing N N 150 
GLN C   O    doub N N 151 
GLN C   OXT  sing N N 152 
GLN CB  CG   sing N N 153 
GLN CB  HB2  sing N N 154 
GLN CB  HB3  sing N N 155 
GLN CG  CD   sing N N 156 
GLN CG  HG2  sing N N 157 
GLN CG  HG3  sing N N 158 
GLN CD  OE1  doub N N 159 
GLN CD  NE2  sing N N 160 
GLN NE2 HE21 sing N N 161 
GLN NE2 HE22 sing N N 162 
GLN OXT HXT  sing N N 163 
GLU N   CA   sing N N 164 
GLU N   H    sing N N 165 
GLU N   H2   sing N N 166 
GLU CA  C    sing N N 167 
GLU CA  CB   sing N N 168 
GLU CA  HA   sing N N 169 
GLU C   O    doub N N 170 
GLU C   OXT  sing N N 171 
GLU CB  CG   sing N N 172 
GLU CB  HB2  sing N N 173 
GLU CB  HB3  sing N N 174 
GLU CG  CD   sing N N 175 
GLU CG  HG2  sing N N 176 
GLU CG  HG3  sing N N 177 
GLU CD  OE1  doub N N 178 
GLU CD  OE2  sing N N 179 
GLU OE2 HE2  sing N N 180 
GLU OXT HXT  sing N N 181 
GLY N   CA   sing N N 182 
GLY N   H    sing N N 183 
GLY N   H2   sing N N 184 
GLY CA  C    sing N N 185 
GLY CA  HA2  sing N N 186 
GLY CA  HA3  sing N N 187 
GLY C   O    doub N N 188 
GLY C   OXT  sing N N 189 
GLY OXT HXT  sing N N 190 
HIS N   CA   sing N N 191 
HIS N   H    sing N N 192 
HIS N   H2   sing N N 193 
HIS CA  C    sing N N 194 
HIS CA  CB   sing N N 195 
HIS CA  HA   sing N N 196 
HIS C   O    doub N N 197 
HIS C   OXT  sing N N 198 
HIS CB  CG   sing N N 199 
HIS CB  HB2  sing N N 200 
HIS CB  HB3  sing N N 201 
HIS CG  ND1  sing Y N 202 
HIS CG  CD2  doub Y N 203 
HIS ND1 CE1  doub Y N 204 
HIS ND1 HD1  sing N N 205 
HIS CD2 NE2  sing Y N 206 
HIS CD2 HD2  sing N N 207 
HIS CE1 NE2  sing Y N 208 
HIS CE1 HE1  sing N N 209 
HIS NE2 HE2  sing N N 210 
HIS OXT HXT  sing N N 211 
HOH O   H1   sing N N 212 
HOH O   H2   sing N N 213 
ILE N   CA   sing N N 214 
ILE N   H    sing N N 215 
ILE N   H2   sing N N 216 
ILE CA  C    sing N N 217 
ILE CA  CB   sing N N 218 
ILE CA  HA   sing N N 219 
ILE C   O    doub N N 220 
ILE C   OXT  sing N N 221 
ILE CB  CG1  sing N N 222 
ILE CB  CG2  sing N N 223 
ILE CB  HB   sing N N 224 
ILE CG1 CD1  sing N N 225 
ILE CG1 HG12 sing N N 226 
ILE CG1 HG13 sing N N 227 
ILE CG2 HG21 sing N N 228 
ILE CG2 HG22 sing N N 229 
ILE CG2 HG23 sing N N 230 
ILE CD1 HD11 sing N N 231 
ILE CD1 HD12 sing N N 232 
ILE CD1 HD13 sing N N 233 
ILE OXT HXT  sing N N 234 
LEU N   CA   sing N N 235 
LEU N   H    sing N N 236 
LEU N   H2   sing N N 237 
LEU CA  C    sing N N 238 
LEU CA  CB   sing N N 239 
LEU CA  HA   sing N N 240 
LEU C   O    doub N N 241 
LEU C   OXT  sing N N 242 
LEU CB  CG   sing N N 243 
LEU CB  HB2  sing N N 244 
LEU CB  HB3  sing N N 245 
LEU CG  CD1  sing N N 246 
LEU CG  CD2  sing N N 247 
LEU CG  HG   sing N N 248 
LEU CD1 HD11 sing N N 249 
LEU CD1 HD12 sing N N 250 
LEU CD1 HD13 sing N N 251 
LEU CD2 HD21 sing N N 252 
LEU CD2 HD22 sing N N 253 
LEU CD2 HD23 sing N N 254 
LEU OXT HXT  sing N N 255 
LYS N   CA   sing N N 256 
LYS N   H    sing N N 257 
LYS N   H2   sing N N 258 
LYS CA  C    sing N N 259 
LYS CA  CB   sing N N 260 
LYS CA  HA   sing N N 261 
LYS C   O    doub N N 262 
LYS C   OXT  sing N N 263 
LYS CB  CG   sing N N 264 
LYS CB  HB2  sing N N 265 
LYS CB  HB3  sing N N 266 
LYS CG  CD   sing N N 267 
LYS CG  HG2  sing N N 268 
LYS CG  HG3  sing N N 269 
LYS CD  CE   sing N N 270 
LYS CD  HD2  sing N N 271 
LYS CD  HD3  sing N N 272 
LYS CE  NZ   sing N N 273 
LYS CE  HE2  sing N N 274 
LYS CE  HE3  sing N N 275 
LYS NZ  HZ1  sing N N 276 
LYS NZ  HZ2  sing N N 277 
LYS NZ  HZ3  sing N N 278 
LYS OXT HXT  sing N N 279 
MET N   CA   sing N N 280 
MET N   H    sing N N 281 
MET N   H2   sing N N 282 
MET CA  C    sing N N 283 
MET CA  CB   sing N N 284 
MET CA  HA   sing N N 285 
MET C   O    doub N N 286 
MET C   OXT  sing N N 287 
MET CB  CG   sing N N 288 
MET CB  HB2  sing N N 289 
MET CB  HB3  sing N N 290 
MET CG  SD   sing N N 291 
MET CG  HG2  sing N N 292 
MET CG  HG3  sing N N 293 
MET SD  CE   sing N N 294 
MET CE  HE1  sing N N 295 
MET CE  HE2  sing N N 296 
MET CE  HE3  sing N N 297 
MET OXT HXT  sing N N 298 
PHE N   CA   sing N N 299 
PHE N   H    sing N N 300 
PHE N   H2   sing N N 301 
PHE CA  C    sing N N 302 
PHE CA  CB   sing N N 303 
PHE CA  HA   sing N N 304 
PHE C   O    doub N N 305 
PHE C   OXT  sing N N 306 
PHE CB  CG   sing N N 307 
PHE CB  HB2  sing N N 308 
PHE CB  HB3  sing N N 309 
PHE CG  CD1  doub Y N 310 
PHE CG  CD2  sing Y N 311 
PHE CD1 CE1  sing Y N 312 
PHE CD1 HD1  sing N N 313 
PHE CD2 CE2  doub Y N 314 
PHE CD2 HD2  sing N N 315 
PHE CE1 CZ   doub Y N 316 
PHE CE1 HE1  sing N N 317 
PHE CE2 CZ   sing Y N 318 
PHE CE2 HE2  sing N N 319 
PHE CZ  HZ   sing N N 320 
PHE OXT HXT  sing N N 321 
PRO N   CA   sing N N 322 
PRO N   CD   sing N N 323 
PRO N   H    sing N N 324 
PRO CA  C    sing N N 325 
PRO CA  CB   sing N N 326 
PRO CA  HA   sing N N 327 
PRO C   O    doub N N 328 
PRO C   OXT  sing N N 329 
PRO CB  CG   sing N N 330 
PRO CB  HB2  sing N N 331 
PRO CB  HB3  sing N N 332 
PRO CG  CD   sing N N 333 
PRO CG  HG2  sing N N 334 
PRO CG  HG3  sing N N 335 
PRO CD  HD2  sing N N 336 
PRO CD  HD3  sing N N 337 
PRO OXT HXT  sing N N 338 
SER N   CA   sing N N 339 
SER N   H    sing N N 340 
SER N   H2   sing N N 341 
SER CA  C    sing N N 342 
SER CA  CB   sing N N 343 
SER CA  HA   sing N N 344 
SER C   O    doub N N 345 
SER C   OXT  sing N N 346 
SER CB  OG   sing N N 347 
SER CB  HB2  sing N N 348 
SER CB  HB3  sing N N 349 
SER OG  HG   sing N N 350 
SER OXT HXT  sing N N 351 
SO4 S   O1   doub N N 352 
SO4 S   O2   doub N N 353 
SO4 S   O3   sing N N 354 
SO4 S   O4   sing N N 355 
THR N   CA   sing N N 356 
THR N   H    sing N N 357 
THR N   H2   sing N N 358 
THR CA  C    sing N N 359 
THR CA  CB   sing N N 360 
THR CA  HA   sing N N 361 
THR C   O    doub N N 362 
THR C   OXT  sing N N 363 
THR CB  OG1  sing N N 364 
THR CB  CG2  sing N N 365 
THR CB  HB   sing N N 366 
THR OG1 HG1  sing N N 367 
THR CG2 HG21 sing N N 368 
THR CG2 HG22 sing N N 369 
THR CG2 HG23 sing N N 370 
THR OXT HXT  sing N N 371 
TRP N   CA   sing N N 372 
TRP N   H    sing N N 373 
TRP N   H2   sing N N 374 
TRP CA  C    sing N N 375 
TRP CA  CB   sing N N 376 
TRP CA  HA   sing N N 377 
TRP C   O    doub N N 378 
TRP C   OXT  sing N N 379 
TRP CB  CG   sing N N 380 
TRP CB  HB2  sing N N 381 
TRP CB  HB3  sing N N 382 
TRP CG  CD1  doub Y N 383 
TRP CG  CD2  sing Y N 384 
TRP CD1 NE1  sing Y N 385 
TRP CD1 HD1  sing N N 386 
TRP CD2 CE2  doub Y N 387 
TRP CD2 CE3  sing Y N 388 
TRP NE1 CE2  sing Y N 389 
TRP NE1 HE1  sing N N 390 
TRP CE2 CZ2  sing Y N 391 
TRP CE3 CZ3  doub Y N 392 
TRP CE3 HE3  sing N N 393 
TRP CZ2 CH2  doub Y N 394 
TRP CZ2 HZ2  sing N N 395 
TRP CZ3 CH2  sing Y N 396 
TRP CZ3 HZ3  sing N N 397 
TRP CH2 HH2  sing N N 398 
TRP OXT HXT  sing N N 399 
TYR N   CA   sing N N 400 
TYR N   H    sing N N 401 
TYR N   H2   sing N N 402 
TYR CA  C    sing N N 403 
TYR CA  CB   sing N N 404 
TYR CA  HA   sing N N 405 
TYR C   O    doub N N 406 
TYR C   OXT  sing N N 407 
TYR CB  CG   sing N N 408 
TYR CB  HB2  sing N N 409 
TYR CB  HB3  sing N N 410 
TYR CG  CD1  doub Y N 411 
TYR CG  CD2  sing Y N 412 
TYR CD1 CE1  sing Y N 413 
TYR CD1 HD1  sing N N 414 
TYR CD2 CE2  doub Y N 415 
TYR CD2 HD2  sing N N 416 
TYR CE1 CZ   doub Y N 417 
TYR CE1 HE1  sing N N 418 
TYR CE2 CZ   sing Y N 419 
TYR CE2 HE2  sing N N 420 
TYR CZ  OH   sing N N 421 
TYR OH  HH   sing N N 422 
TYR OXT HXT  sing N N 423 
VAL N   CA   sing N N 424 
VAL N   H    sing N N 425 
VAL N   H2   sing N N 426 
VAL CA  C    sing N N 427 
VAL CA  CB   sing N N 428 
VAL CA  HA   sing N N 429 
VAL C   O    doub N N 430 
VAL C   OXT  sing N N 431 
VAL CB  CG1  sing N N 432 
VAL CB  CG2  sing N N 433 
VAL CB  HB   sing N N 434 
VAL CG1 HG11 sing N N 435 
VAL CG1 HG12 sing N N 436 
VAL CG1 HG13 sing N N 437 
VAL CG2 HG21 sing N N 438 
VAL CG2 HG22 sing N N 439 
VAL CG2 HG23 sing N N 440 
VAL OXT HXT  sing N N 441 
# 
loop_
_pdbx_entity_nonpoly.entity_id 
_pdbx_entity_nonpoly.name 
_pdbx_entity_nonpoly.comp_id 
2 'SULFATE ION'                                                                           SO4 
3 '4-({5-[(2,4-diaminopteridin-6-yl)methyl]-5H-dibenzo[b,f]azepin-2-yl}oxy)butanoic acid' 684 
4 water                                                                                   HOH 
# 
_pdbx_initial_refinement_model.id               1 
_pdbx_initial_refinement_model.entity_id_list   ? 
_pdbx_initial_refinement_model.type             'experimental model' 
_pdbx_initial_refinement_model.source_name      PDB 
_pdbx_initial_refinement_model.accession_code   1U72 
_pdbx_initial_refinement_model.details          'PDB ENTRY 1U72' 
# 
